data_4P27
# 
_entry.id   4P27 
# 
_audit_conform.dict_name       mmcif_pdbx.dic 
_audit_conform.dict_version    5.398 
_audit_conform.dict_location   http://mmcif.pdb.org/dictionaries/ascii/mmcif_pdbx.dic 
# 
loop_
_database_2.database_id 
_database_2.database_code 
_database_2.pdbx_database_accession 
_database_2.pdbx_DOI 
PDB   4P27         pdb_00004p27 10.2210/pdb4p27/pdb 
WWPDB D_1000200546 ?            ?                   
# 
loop_
_pdbx_audit_revision_history.ordinal 
_pdbx_audit_revision_history.data_content_type 
_pdbx_audit_revision_history.major_revision 
_pdbx_audit_revision_history.minor_revision 
_pdbx_audit_revision_history.revision_date 
1 'Structure model' 1 0 2014-08-06 
2 'Structure model' 1 1 2014-09-24 
3 'Structure model' 1 2 2020-07-29 
4 'Structure model' 1 3 2023-12-27 
5 'Structure model' 1 4 2024-11-13 
# 
loop_
_pdbx_audit_revision_details.ordinal 
_pdbx_audit_revision_details.revision_ordinal 
_pdbx_audit_revision_details.data_content_type 
_pdbx_audit_revision_details.provider 
_pdbx_audit_revision_details.type 
_pdbx_audit_revision_details.description 
_pdbx_audit_revision_details.details 
1 1 'Structure model' repository 'Initial release' ?                          ? 
2 3 'Structure model' repository Remediation       'Carbohydrate remediation' ? 
# 
loop_
_pdbx_audit_revision_group.ordinal 
_pdbx_audit_revision_group.revision_ordinal 
_pdbx_audit_revision_group.data_content_type 
_pdbx_audit_revision_group.group 
1  2 'Structure model' 'Database references'    
2  3 'Structure model' 'Data collection'        
3  3 'Structure model' 'Derived calculations'   
4  3 'Structure model' Other                    
5  3 'Structure model' 'Refinement description' 
6  3 'Structure model' 'Source and taxonomy'    
7  3 'Structure model' 'Structure summary'      
8  4 'Structure model' 'Data collection'        
9  4 'Structure model' 'Database references'    
10 4 'Structure model' 'Structure summary'      
11 5 'Structure model' 'Structure summary'      
# 
loop_
_pdbx_audit_revision_category.ordinal 
_pdbx_audit_revision_category.revision_ordinal 
_pdbx_audit_revision_category.data_content_type 
_pdbx_audit_revision_category.category 
1  3 'Structure model' chem_comp                 
2  3 'Structure model' entity                    
3  3 'Structure model' entity_src_gen            
4  3 'Structure model' pdbx_chem_comp_identifier 
5  3 'Structure model' pdbx_database_status      
6  3 'Structure model' pdbx_entity_nonpoly       
7  3 'Structure model' pdbx_struct_assembly      
8  3 'Structure model' pdbx_struct_oper_list     
9  3 'Structure model' refine_hist               
10 3 'Structure model' struct_conn               
11 3 'Structure model' struct_site               
12 3 'Structure model' struct_site_gen           
13 4 'Structure model' chem_comp                 
14 4 'Structure model' chem_comp_atom            
15 4 'Structure model' chem_comp_bond            
16 4 'Structure model' database_2                
17 5 'Structure model' pdbx_entry_details        
18 5 'Structure model' pdbx_modification_feature 
# 
loop_
_pdbx_audit_revision_item.ordinal 
_pdbx_audit_revision_item.revision_ordinal 
_pdbx_audit_revision_item.data_content_type 
_pdbx_audit_revision_item.item 
1  3 'Structure model' '_chem_comp.name'                             
2  3 'Structure model' '_chem_comp.type'                             
3  3 'Structure model' '_entity.pdbx_description'                    
4  3 'Structure model' '_entity_src_gen.pdbx_alt_source_flag'        
5  3 'Structure model' '_pdbx_database_status.pdb_format_compatible' 
6  3 'Structure model' '_pdbx_entity_nonpoly.name'                   
7  3 'Structure model' '_pdbx_struct_assembly.oligomeric_details'    
8  3 'Structure model' '_pdbx_struct_oper_list.symmetry_operation'   
9  3 'Structure model' '_refine_hist.number_atoms_solvent'           
10 3 'Structure model' '_refine_hist.number_atoms_total'             
11 3 'Structure model' '_refine_hist.pdbx_number_atoms_ligand'       
12 3 'Structure model' '_refine_hist.pdbx_number_atoms_nucleic_acid' 
13 3 'Structure model' '_refine_hist.pdbx_number_atoms_protein'      
14 3 'Structure model' '_struct_conn.pdbx_role'                      
15 4 'Structure model' '_chem_comp.pdbx_synonyms'                    
16 4 'Structure model' '_database_2.pdbx_DOI'                        
17 4 'Structure model' '_database_2.pdbx_database_accession'         
# 
_pdbx_database_status.status_code                     REL 
_pdbx_database_status.status_code_sf                  REL 
_pdbx_database_status.status_code_mr                  . 
_pdbx_database_status.entry_id                        4P27 
_pdbx_database_status.recvd_initial_deposition_date   2014-03-02 
_pdbx_database_status.SG_entry                        N 
_pdbx_database_status.deposit_site                    RCSB 
_pdbx_database_status.process_site                    RCSB 
_pdbx_database_status.status_code_cs                  . 
_pdbx_database_status.methods_development_category    . 
_pdbx_database_status.status_code_nmr_data            ? 
_pdbx_database_status.pdb_format_compatible           Y 
# 
_audit_author.name           'Asojo, O.A.' 
_audit_author.pdbx_ordinal   1 
# 
_citation.id                        primary 
_citation.title                     
;Schistosoma mansoni venom allergen-like protein 4 (SmVAL4) is a novel lipid-binding SCP/TAPS protein that lacks the prototypical CAP motifs.
;
_citation.journal_abbrev            'Acta Crystallogr.,Sect.D' 
_citation.journal_volume            70 
_citation.page_first                2186 
_citation.page_last                 2196 
_citation.year                      2014 
_citation.journal_id_ASTM           ABCRE6 
_citation.country                   US 
_citation.journal_id_ISSN           1399-0047 
_citation.journal_id_CSD            ? 
_citation.book_publisher            ? 
_citation.pdbx_database_id_PubMed   25084337 
_citation.pdbx_database_id_DOI      10.1107/S1399004714013315 
# 
loop_
_citation_author.citation_id 
_citation_author.name 
_citation_author.ordinal 
_citation_author.identifier_ORCID 
primary 'Kelleher, A.'  1 ? 
primary 'Darwiche, R.'  2 ? 
primary 'Rezende, W.C.' 3 ? 
primary 'Farias, L.P.'  4 ? 
primary 'Leite, L.C.'   5 ? 
primary 'Schneiter, R.' 6 ? 
primary 'Asojo, O.A.'   7 ? 
# 
loop_
_entity.id 
_entity.type 
_entity.src_method 
_entity.pdbx_description 
_entity.formula_weight 
_entity.pdbx_number_of_molecules 
_entity.pdbx_ec 
_entity.pdbx_mutation 
_entity.pdbx_fragment 
_entity.details 
1 polymer     man 'Venom allergen-like (VAL) 4 protein'    18843.232 1  ? ? 'UNP residues 20-181' ? 
2 non-polymer syn 2-acetamido-2-deoxy-beta-D-glucopyranose 221.208   1  ? ? ?                     ? 
3 water       nat water                                    18.015    66 ? ? ?                     ? 
# 
_entity_name_com.entity_id   1 
_entity_name_com.name        'Venom allergen-like protein 4' 
# 
_entity_poly.entity_id                      1 
_entity_poly.type                           'polypeptide(L)' 
_entity_poly.nstd_linkage                   no 
_entity_poly.nstd_monomer                   no 
_entity_poly.pdbx_seq_one_letter_code       
;EFKLSEGQRAIYNFHKKVRKDVKNCRIPGQPPAKNLTKLKWNKLLANKAKQQAKRCKYDSNDPNDFIIGDFESIGQNLAD
YPTIEGAMKDWLEEYKNYNFEKNQCNGDCKNYKQMVWNTTEEIGCGYEKCGKNYLIVCNYAPGDSEDRPYEAKPESKCNK
SE
;
_entity_poly.pdbx_seq_one_letter_code_can   
;EFKLSEGQRAIYNFHKKVRKDVKNCRIPGQPPAKNLTKLKWNKLLANKAKQQAKRCKYDSNDPNDFIIGDFESIGQNLAD
YPTIEGAMKDWLEEYKNYNFEKNQCNGDCKNYKQMVWNTTEEIGCGYEKCGKNYLIVCNYAPGDSEDRPYEAKPESKCNK
SE
;
_entity_poly.pdbx_strand_id                 A 
_entity_poly.pdbx_target_identifier         ? 
# 
loop_
_pdbx_entity_nonpoly.entity_id 
_pdbx_entity_nonpoly.name 
_pdbx_entity_nonpoly.comp_id 
2 2-acetamido-2-deoxy-beta-D-glucopyranose NAG 
3 water                                    HOH 
# 
loop_
_entity_poly_seq.entity_id 
_entity_poly_seq.num 
_entity_poly_seq.mon_id 
_entity_poly_seq.hetero 
1 1   GLU n 
1 2   PHE n 
1 3   LYS n 
1 4   LEU n 
1 5   SER n 
1 6   GLU n 
1 7   GLY n 
1 8   GLN n 
1 9   ARG n 
1 10  ALA n 
1 11  ILE n 
1 12  TYR n 
1 13  ASN n 
1 14  PHE n 
1 15  HIS n 
1 16  LYS n 
1 17  LYS n 
1 18  VAL n 
1 19  ARG n 
1 20  LYS n 
1 21  ASP n 
1 22  VAL n 
1 23  LYS n 
1 24  ASN n 
1 25  CYS n 
1 26  ARG n 
1 27  ILE n 
1 28  PRO n 
1 29  GLY n 
1 30  GLN n 
1 31  PRO n 
1 32  PRO n 
1 33  ALA n 
1 34  LYS n 
1 35  ASN n 
1 36  LEU n 
1 37  THR n 
1 38  LYS n 
1 39  LEU n 
1 40  LYS n 
1 41  TRP n 
1 42  ASN n 
1 43  LYS n 
1 44  LEU n 
1 45  LEU n 
1 46  ALA n 
1 47  ASN n 
1 48  LYS n 
1 49  ALA n 
1 50  LYS n 
1 51  GLN n 
1 52  GLN n 
1 53  ALA n 
1 54  LYS n 
1 55  ARG n 
1 56  CYS n 
1 57  LYS n 
1 58  TYR n 
1 59  ASP n 
1 60  SER n 
1 61  ASN n 
1 62  ASP n 
1 63  PRO n 
1 64  ASN n 
1 65  ASP n 
1 66  PHE n 
1 67  ILE n 
1 68  ILE n 
1 69  GLY n 
1 70  ASP n 
1 71  PHE n 
1 72  GLU n 
1 73  SER n 
1 74  ILE n 
1 75  GLY n 
1 76  GLN n 
1 77  ASN n 
1 78  LEU n 
1 79  ALA n 
1 80  ASP n 
1 81  TYR n 
1 82  PRO n 
1 83  THR n 
1 84  ILE n 
1 85  GLU n 
1 86  GLY n 
1 87  ALA n 
1 88  MET n 
1 89  LYS n 
1 90  ASP n 
1 91  TRP n 
1 92  LEU n 
1 93  GLU n 
1 94  GLU n 
1 95  TYR n 
1 96  LYS n 
1 97  ASN n 
1 98  TYR n 
1 99  ASN n 
1 100 PHE n 
1 101 GLU n 
1 102 LYS n 
1 103 ASN n 
1 104 GLN n 
1 105 CYS n 
1 106 ASN n 
1 107 GLY n 
1 108 ASP n 
1 109 CYS n 
1 110 LYS n 
1 111 ASN n 
1 112 TYR n 
1 113 LYS n 
1 114 GLN n 
1 115 MET n 
1 116 VAL n 
1 117 TRP n 
1 118 ASN n 
1 119 THR n 
1 120 THR n 
1 121 GLU n 
1 122 GLU n 
1 123 ILE n 
1 124 GLY n 
1 125 CYS n 
1 126 GLY n 
1 127 TYR n 
1 128 GLU n 
1 129 LYS n 
1 130 CYS n 
1 131 GLY n 
1 132 LYS n 
1 133 ASN n 
1 134 TYR n 
1 135 LEU n 
1 136 ILE n 
1 137 VAL n 
1 138 CYS n 
1 139 ASN n 
1 140 TYR n 
1 141 ALA n 
1 142 PRO n 
1 143 GLY n 
1 144 ASP n 
1 145 SER n 
1 146 GLU n 
1 147 ASP n 
1 148 ARG n 
1 149 PRO n 
1 150 TYR n 
1 151 GLU n 
1 152 ALA n 
1 153 LYS n 
1 154 PRO n 
1 155 GLU n 
1 156 SER n 
1 157 LYS n 
1 158 CYS n 
1 159 ASN n 
1 160 LYS n 
1 161 SER n 
1 162 GLU n 
# 
_entity_src_gen.entity_id                          1 
_entity_src_gen.pdbx_src_id                        1 
_entity_src_gen.pdbx_alt_source_flag               sample 
_entity_src_gen.pdbx_seq_type                      'Biological sequence' 
_entity_src_gen.pdbx_beg_seq_num                   1 
_entity_src_gen.pdbx_end_seq_num                   162 
_entity_src_gen.gene_src_common_name               'Blood fluke' 
_entity_src_gen.gene_src_genus                     ? 
_entity_src_gen.pdbx_gene_src_gene                 Smp_002070 
_entity_src_gen.gene_src_species                   ? 
_entity_src_gen.gene_src_strain                    ? 
_entity_src_gen.gene_src_tissue                    ? 
_entity_src_gen.gene_src_tissue_fraction           ? 
_entity_src_gen.gene_src_details                   ? 
_entity_src_gen.pdbx_gene_src_fragment             ? 
_entity_src_gen.pdbx_gene_src_scientific_name      'Schistosoma mansoni' 
_entity_src_gen.pdbx_gene_src_ncbi_taxonomy_id     6183 
_entity_src_gen.pdbx_gene_src_variant              ? 
_entity_src_gen.pdbx_gene_src_cell_line            ? 
_entity_src_gen.pdbx_gene_src_atcc                 ? 
_entity_src_gen.pdbx_gene_src_organ                ? 
_entity_src_gen.pdbx_gene_src_organelle            ? 
_entity_src_gen.pdbx_gene_src_cell                 ? 
_entity_src_gen.pdbx_gene_src_cellular_location    ? 
_entity_src_gen.host_org_common_name               ? 
_entity_src_gen.pdbx_host_org_scientific_name      Pichia 
_entity_src_gen.pdbx_host_org_ncbi_taxonomy_id     4919 
_entity_src_gen.host_org_genus                     ? 
_entity_src_gen.pdbx_host_org_gene                 ? 
_entity_src_gen.pdbx_host_org_organ                ? 
_entity_src_gen.host_org_species                   ? 
_entity_src_gen.pdbx_host_org_tissue               ? 
_entity_src_gen.pdbx_host_org_tissue_fraction      ? 
_entity_src_gen.pdbx_host_org_strain               ? 
_entity_src_gen.pdbx_host_org_variant              ? 
_entity_src_gen.pdbx_host_org_cell_line            ? 
_entity_src_gen.pdbx_host_org_atcc                 ? 
_entity_src_gen.pdbx_host_org_culture_collection   ? 
_entity_src_gen.pdbx_host_org_cell                 ? 
_entity_src_gen.pdbx_host_org_organelle            ? 
_entity_src_gen.pdbx_host_org_cellular_location    ? 
_entity_src_gen.pdbx_host_org_vector_type          ? 
_entity_src_gen.pdbx_host_org_vector               ? 
_entity_src_gen.host_org_details                   ? 
_entity_src_gen.expression_system_id               ? 
_entity_src_gen.plasmid_name                       ? 
_entity_src_gen.plasmid_details                    ? 
_entity_src_gen.pdbx_description                   ? 
# 
loop_
_chem_comp.id 
_chem_comp.type 
_chem_comp.mon_nstd_flag 
_chem_comp.name 
_chem_comp.pdbx_synonyms 
_chem_comp.formula 
_chem_comp.formula_weight 
ALA 'L-peptide linking'          y ALANINE                                  ? 'C3 H7 N O2'     89.093  
ARG 'L-peptide linking'          y ARGININE                                 ? 'C6 H15 N4 O2 1' 175.209 
ASN 'L-peptide linking'          y ASPARAGINE                               ? 'C4 H8 N2 O3'    132.118 
ASP 'L-peptide linking'          y 'ASPARTIC ACID'                          ? 'C4 H7 N O4'     133.103 
CYS 'L-peptide linking'          y CYSTEINE                                 ? 'C3 H7 N O2 S'   121.158 
GLN 'L-peptide linking'          y GLUTAMINE                                ? 'C5 H10 N2 O3'   146.144 
GLU 'L-peptide linking'          y 'GLUTAMIC ACID'                          ? 'C5 H9 N O4'     147.129 
GLY 'peptide linking'            y GLYCINE                                  ? 'C2 H5 N O2'     75.067  
HIS 'L-peptide linking'          y HISTIDINE                                ? 'C6 H10 N3 O2 1' 156.162 
HOH non-polymer                  . WATER                                    ? 'H2 O'           18.015  
ILE 'L-peptide linking'          y ISOLEUCINE                               ? 'C6 H13 N O2'    131.173 
LEU 'L-peptide linking'          y LEUCINE                                  ? 'C6 H13 N O2'    131.173 
LYS 'L-peptide linking'          y LYSINE                                   ? 'C6 H15 N2 O2 1' 147.195 
MET 'L-peptide linking'          y METHIONINE                               ? 'C5 H11 N O2 S'  149.211 
NAG 'D-saccharide, beta linking' . 2-acetamido-2-deoxy-beta-D-glucopyranose 
;N-acetyl-beta-D-glucosamine; 2-acetamido-2-deoxy-beta-D-glucose; 2-acetamido-2-deoxy-D-glucose; 2-acetamido-2-deoxy-glucose; N-ACETYL-D-GLUCOSAMINE
;
'C8 H15 N O6'    221.208 
PHE 'L-peptide linking'          y PHENYLALANINE                            ? 'C9 H11 N O2'    165.189 
PRO 'L-peptide linking'          y PROLINE                                  ? 'C5 H9 N O2'     115.130 
SER 'L-peptide linking'          y SERINE                                   ? 'C3 H7 N O3'     105.093 
THR 'L-peptide linking'          y THREONINE                                ? 'C4 H9 N O3'     119.119 
TRP 'L-peptide linking'          y TRYPTOPHAN                               ? 'C11 H12 N2 O2'  204.225 
TYR 'L-peptide linking'          y TYROSINE                                 ? 'C9 H11 N O3'    181.189 
VAL 'L-peptide linking'          y VALINE                                   ? 'C5 H11 N O2'    117.146 
# 
loop_
_pdbx_chem_comp_identifier.comp_id 
_pdbx_chem_comp_identifier.type 
_pdbx_chem_comp_identifier.program 
_pdbx_chem_comp_identifier.program_version 
_pdbx_chem_comp_identifier.identifier 
NAG 'CONDENSED IUPAC CARBOHYDRATE SYMBOL' GMML     1.0 DGlcpNAcb                      
NAG 'COMMON NAME'                         GMML     1.0 N-acetyl-b-D-glucopyranosamine 
NAG 'IUPAC CARBOHYDRATE SYMBOL'           PDB-CARE 1.0 b-D-GlcpNAc                    
NAG 'SNFG CARBOHYDRATE SYMBOL'            GMML     1.0 GlcNAc                         
# 
loop_
_pdbx_poly_seq_scheme.asym_id 
_pdbx_poly_seq_scheme.entity_id 
_pdbx_poly_seq_scheme.seq_id 
_pdbx_poly_seq_scheme.mon_id 
_pdbx_poly_seq_scheme.ndb_seq_num 
_pdbx_poly_seq_scheme.pdb_seq_num 
_pdbx_poly_seq_scheme.auth_seq_num 
_pdbx_poly_seq_scheme.pdb_mon_id 
_pdbx_poly_seq_scheme.auth_mon_id 
_pdbx_poly_seq_scheme.pdb_strand_id 
_pdbx_poly_seq_scheme.pdb_ins_code 
_pdbx_poly_seq_scheme.hetero 
A 1 1   GLU 1   1   ?   ?   ?   A . n 
A 1 2   PHE 2   2   ?   ?   ?   A . n 
A 1 3   LYS 3   3   ?   ?   ?   A . n 
A 1 4   LEU 4   4   4   LEU LEU A . n 
A 1 5   SER 5   5   5   SER SER A . n 
A 1 6   GLU 6   6   6   GLU GLU A . n 
A 1 7   GLY 7   7   7   GLY GLY A . n 
A 1 8   GLN 8   8   8   GLN GLN A . n 
A 1 9   ARG 9   9   9   ARG ARG A . n 
A 1 10  ALA 10  10  10  ALA ALA A . n 
A 1 11  ILE 11  11  11  ILE ILE A . n 
A 1 12  TYR 12  12  12  TYR TYR A . n 
A 1 13  ASN 13  13  13  ASN ASN A . n 
A 1 14  PHE 14  14  14  PHE PHE A . n 
A 1 15  HIS 15  15  15  HIS HIS A . n 
A 1 16  LYS 16  16  16  LYS LYS A . n 
A 1 17  LYS 17  17  17  LYS LYS A . n 
A 1 18  VAL 18  18  18  VAL VAL A . n 
A 1 19  ARG 19  19  19  ARG ARG A . n 
A 1 20  LYS 20  20  20  LYS LYS A . n 
A 1 21  ASP 21  21  21  ASP ASP A . n 
A 1 22  VAL 22  22  22  VAL VAL A . n 
A 1 23  LYS 23  23  23  LYS LYS A . n 
A 1 24  ASN 24  24  24  ASN ASN A . n 
A 1 25  CYS 25  25  25  CYS CYS A . n 
A 1 26  ARG 26  26  26  ARG ARG A . n 
A 1 27  ILE 27  27  27  ILE ILE A . n 
A 1 28  PRO 28  28  28  PRO PRO A . n 
A 1 29  GLY 29  29  29  GLY GLY A . n 
A 1 30  GLN 30  30  30  GLN GLN A . n 
A 1 31  PRO 31  31  31  PRO PRO A . n 
A 1 32  PRO 32  32  32  PRO PRO A . n 
A 1 33  ALA 33  33  33  ALA ALA A . n 
A 1 34  LYS 34  34  34  LYS LYS A . n 
A 1 35  ASN 35  35  35  ASN ASN A . n 
A 1 36  LEU 36  36  36  LEU LEU A . n 
A 1 37  THR 37  37  37  THR THR A . n 
A 1 38  LYS 38  38  38  LYS LYS A . n 
A 1 39  LEU 39  39  39  LEU LEU A . n 
A 1 40  LYS 40  40  40  LYS LYS A . n 
A 1 41  TRP 41  41  41  TRP TRP A . n 
A 1 42  ASN 42  42  42  ASN ASN A . n 
A 1 43  LYS 43  43  43  LYS LYS A . n 
A 1 44  LEU 44  44  44  LEU LEU A . n 
A 1 45  LEU 45  45  45  LEU LEU A . n 
A 1 46  ALA 46  46  46  ALA ALA A . n 
A 1 47  ASN 47  47  47  ASN ASN A . n 
A 1 48  LYS 48  48  48  LYS LYS A . n 
A 1 49  ALA 49  49  49  ALA ALA A . n 
A 1 50  LYS 50  50  50  LYS LYS A . n 
A 1 51  GLN 51  51  51  GLN GLN A . n 
A 1 52  GLN 52  52  52  GLN GLN A . n 
A 1 53  ALA 53  53  53  ALA ALA A . n 
A 1 54  LYS 54  54  54  LYS LYS A . n 
A 1 55  ARG 55  55  55  ARG ARG A . n 
A 1 56  CYS 56  56  56  CYS CYS A . n 
A 1 57  LYS 57  57  57  LYS LYS A . n 
A 1 58  TYR 58  58  58  TYR TYR A . n 
A 1 59  ASP 59  59  59  ASP ASP A . n 
A 1 60  SER 60  60  60  SER SER A . n 
A 1 61  ASN 61  61  61  ASN ASN A . n 
A 1 62  ASP 62  62  62  ASP ASP A . n 
A 1 63  PRO 63  63  63  PRO PRO A . n 
A 1 64  ASN 64  64  64  ASN ASN A . n 
A 1 65  ASP 65  65  65  ASP ASP A . n 
A 1 66  PHE 66  66  66  PHE PHE A . n 
A 1 67  ILE 67  67  67  ILE ILE A . n 
A 1 68  ILE 68  68  68  ILE ILE A . n 
A 1 69  GLY 69  69  69  GLY GLY A . n 
A 1 70  ASP 70  70  70  ASP ASP A . n 
A 1 71  PHE 71  71  71  PHE PHE A . n 
A 1 72  GLU 72  72  72  GLU GLU A . n 
A 1 73  SER 73  73  73  SER SER A . n 
A 1 74  ILE 74  74  74  ILE ILE A . n 
A 1 75  GLY 75  75  75  GLY GLY A . n 
A 1 76  GLN 76  76  76  GLN GLN A . n 
A 1 77  ASN 77  77  77  ASN ASN A . n 
A 1 78  LEU 78  78  78  LEU LEU A . n 
A 1 79  ALA 79  79  79  ALA ALA A . n 
A 1 80  ASP 80  80  80  ASP ASP A . n 
A 1 81  TYR 81  81  81  TYR TYR A . n 
A 1 82  PRO 82  82  82  PRO PRO A . n 
A 1 83  THR 83  83  83  THR THR A . n 
A 1 84  ILE 84  84  84  ILE ILE A . n 
A 1 85  GLU 85  85  85  GLU GLU A . n 
A 1 86  GLY 86  86  86  GLY GLY A . n 
A 1 87  ALA 87  87  87  ALA ALA A . n 
A 1 88  MET 88  88  88  MET MET A . n 
A 1 89  LYS 89  89  89  LYS LYS A . n 
A 1 90  ASP 90  90  90  ASP ASP A . n 
A 1 91  TRP 91  91  91  TRP TRP A . n 
A 1 92  LEU 92  92  92  LEU LEU A . n 
A 1 93  GLU 93  93  93  GLU GLU A . n 
A 1 94  GLU 94  94  94  GLU GLU A . n 
A 1 95  TYR 95  95  95  TYR TYR A . n 
A 1 96  LYS 96  96  96  LYS LYS A . n 
A 1 97  ASN 97  97  97  ASN ASN A . n 
A 1 98  TYR 98  98  98  TYR TYR A . n 
A 1 99  ASN 99  99  99  ASN ASN A . n 
A 1 100 PHE 100 100 100 PHE PHE A . n 
A 1 101 GLU 101 101 101 GLU GLU A . n 
A 1 102 LYS 102 102 102 LYS LYS A . n 
A 1 103 ASN 103 103 103 ASN ASN A . n 
A 1 104 GLN 104 104 104 GLN GLN A . n 
A 1 105 CYS 105 105 105 CYS CYS A . n 
A 1 106 ASN 106 106 106 ASN ASN A . n 
A 1 107 GLY 107 107 107 GLY GLY A . n 
A 1 108 ASP 108 108 108 ASP ASP A . n 
A 1 109 CYS 109 109 109 CYS CYS A . n 
A 1 110 LYS 110 110 110 LYS LYS A . n 
A 1 111 ASN 111 111 111 ASN ASN A . n 
A 1 112 TYR 112 112 112 TYR TYR A . n 
A 1 113 LYS 113 113 113 LYS LYS A . n 
A 1 114 GLN 114 114 114 GLN GLN A . n 
A 1 115 MET 115 115 115 MET MET A . n 
A 1 116 VAL 116 116 116 VAL VAL A . n 
A 1 117 TRP 117 117 117 TRP TRP A . n 
A 1 118 ASN 118 118 118 ASN ASN A . n 
A 1 119 THR 119 119 119 THR THR A . n 
A 1 120 THR 120 120 120 THR THR A . n 
A 1 121 GLU 121 121 121 GLU GLU A . n 
A 1 122 GLU 122 122 122 GLU GLU A . n 
A 1 123 ILE 123 123 123 ILE ILE A . n 
A 1 124 GLY 124 124 124 GLY GLY A . n 
A 1 125 CYS 125 125 125 CYS CYS A . n 
A 1 126 GLY 126 126 126 GLY GLY A . n 
A 1 127 TYR 127 127 127 TYR TYR A . n 
A 1 128 GLU 128 128 128 GLU GLU A . n 
A 1 129 LYS 129 129 129 LYS LYS A . n 
A 1 130 CYS 130 130 130 CYS CYS A . n 
A 1 131 GLY 131 131 131 GLY GLY A . n 
A 1 132 LYS 132 132 132 LYS LYS A . n 
A 1 133 ASN 133 133 133 ASN ASN A . n 
A 1 134 TYR 134 134 134 TYR TYR A . n 
A 1 135 LEU 135 135 135 LEU LEU A . n 
A 1 136 ILE 136 136 136 ILE ILE A . n 
A 1 137 VAL 137 137 137 VAL VAL A . n 
A 1 138 CYS 138 138 138 CYS CYS A . n 
A 1 139 ASN 139 139 139 ASN ASN A . n 
A 1 140 TYR 140 140 140 TYR TYR A . n 
A 1 141 ALA 141 141 141 ALA ALA A . n 
A 1 142 PRO 142 142 142 PRO PRO A . n 
A 1 143 GLY 143 143 143 GLY GLY A . n 
A 1 144 ASP 144 144 144 ASP ASP A . n 
A 1 145 SER 145 145 145 SER SER A . n 
A 1 146 GLU 146 146 146 GLU GLU A . n 
A 1 147 ASP 147 147 147 ASP ASP A . n 
A 1 148 ARG 148 148 148 ARG ARG A . n 
A 1 149 PRO 149 149 149 PRO PRO A . n 
A 1 150 TYR 150 150 150 TYR TYR A . n 
A 1 151 GLU 151 151 151 GLU GLU A . n 
A 1 152 ALA 152 152 152 ALA ALA A . n 
A 1 153 LYS 153 153 153 LYS LYS A . n 
A 1 154 PRO 154 154 154 PRO PRO A . n 
A 1 155 GLU 155 155 155 GLU GLU A . n 
A 1 156 SER 156 156 156 SER SER A . n 
A 1 157 LYS 157 157 157 LYS LYS A . n 
A 1 158 CYS 158 158 158 CYS CYS A . n 
A 1 159 ASN 159 159 ?   ?   ?   A . n 
A 1 160 LYS 160 160 ?   ?   ?   A . n 
A 1 161 SER 161 161 ?   ?   ?   A . n 
A 1 162 GLU 162 162 ?   ?   ?   A . n 
# 
loop_
_pdbx_nonpoly_scheme.asym_id 
_pdbx_nonpoly_scheme.entity_id 
_pdbx_nonpoly_scheme.mon_id 
_pdbx_nonpoly_scheme.ndb_seq_num 
_pdbx_nonpoly_scheme.pdb_seq_num 
_pdbx_nonpoly_scheme.auth_seq_num 
_pdbx_nonpoly_scheme.pdb_mon_id 
_pdbx_nonpoly_scheme.auth_mon_id 
_pdbx_nonpoly_scheme.pdb_strand_id 
_pdbx_nonpoly_scheme.pdb_ins_code 
B 2 NAG 1  201 201 NAG NAG A . 
C 3 HOH 1  301 301 HOH HOH A . 
C 3 HOH 2  302 302 HOH HOH A . 
C 3 HOH 3  303 304 HOH HOH A . 
C 3 HOH 4  304 305 HOH HOH A . 
C 3 HOH 5  305 308 HOH HOH A . 
C 3 HOH 6  306 307 HOH HOH A . 
C 3 HOH 7  307 311 HOH HOH A . 
C 3 HOH 8  308 313 HOH HOH A . 
C 3 HOH 9  309 318 HOH HOH A . 
C 3 HOH 10 310 306 HOH HOH A . 
C 3 HOH 11 311 309 HOH HOH A . 
C 3 HOH 12 312 319 HOH HOH A . 
C 3 HOH 13 313 312 HOH HOH A . 
C 3 HOH 14 314 316 HOH HOH A . 
C 3 HOH 15 315 323 HOH HOH A . 
C 3 HOH 16 316 315 HOH HOH A . 
C 3 HOH 17 317 320 HOH HOH A . 
C 3 HOH 18 318 322 HOH HOH A . 
C 3 HOH 19 319 324 HOH HOH A . 
C 3 HOH 20 320 325 HOH HOH A . 
C 3 HOH 21 321 326 HOH HOH A . 
C 3 HOH 22 322 327 HOH HOH A . 
C 3 HOH 23 323 328 HOH HOH A . 
C 3 HOH 24 324 329 HOH HOH A . 
C 3 HOH 25 325 330 HOH HOH A . 
C 3 HOH 26 326 331 HOH HOH A . 
C 3 HOH 27 327 332 HOH HOH A . 
C 3 HOH 28 328 333 HOH HOH A . 
C 3 HOH 29 329 334 HOH HOH A . 
C 3 HOH 30 330 335 HOH HOH A . 
C 3 HOH 31 331 336 HOH HOH A . 
C 3 HOH 32 332 337 HOH HOH A . 
C 3 HOH 33 333 338 HOH HOH A . 
C 3 HOH 34 334 339 HOH HOH A . 
C 3 HOH 35 335 340 HOH HOH A . 
C 3 HOH 36 336 341 HOH HOH A . 
C 3 HOH 37 337 343 HOH HOH A . 
C 3 HOH 38 338 344 HOH HOH A . 
C 3 HOH 39 339 345 HOH HOH A . 
C 3 HOH 40 340 346 HOH HOH A . 
C 3 HOH 41 341 347 HOH HOH A . 
C 3 HOH 42 342 348 HOH HOH A . 
C 3 HOH 43 343 349 HOH HOH A . 
C 3 HOH 44 344 350 HOH HOH A . 
C 3 HOH 45 345 351 HOH HOH A . 
C 3 HOH 46 346 352 HOH HOH A . 
C 3 HOH 47 347 353 HOH HOH A . 
C 3 HOH 48 348 355 HOH HOH A . 
C 3 HOH 49 349 356 HOH HOH A . 
C 3 HOH 50 350 358 HOH HOH A . 
C 3 HOH 51 351 359 HOH HOH A . 
C 3 HOH 52 352 360 HOH HOH A . 
C 3 HOH 53 353 362 HOH HOH A . 
C 3 HOH 54 354 363 HOH HOH A . 
C 3 HOH 55 355 364 HOH HOH A . 
C 3 HOH 56 356 365 HOH HOH A . 
C 3 HOH 57 357 366 HOH HOH A . 
C 3 HOH 58 358 367 HOH HOH A . 
C 3 HOH 59 359 368 HOH HOH A . 
C 3 HOH 60 360 369 HOH HOH A . 
C 3 HOH 61 361 370 HOH HOH A . 
C 3 HOH 62 362 371 HOH HOH A . 
C 3 HOH 63 363 372 HOH HOH A . 
C 3 HOH 64 364 373 HOH HOH A . 
C 3 HOH 65 365 374 HOH HOH A . 
C 3 HOH 66 366 375 HOH HOH A . 
# 
_software.citation_id            ? 
_software.classification         refinement 
_software.compiler_name          . 
_software.compiler_version       . 
_software.contact_author         . 
_software.contact_author_email   . 
_software.date                   . 
_software.description            . 
_software.dependencies           . 
_software.hardware               . 
_software.language               . 
_software.location               . 
_software.mods                   . 
_software.name                   REFMAC 
_software.os                     . 
_software.os_version             . 
_software.type                   . 
_software.version                5.8.0049 
_software.pdbx_ordinal           1 
# 
_cell.entry_id           4P27 
_cell.length_a           78.645 
_cell.length_b           78.645 
_cell.length_c           83.520 
_cell.angle_alpha        90.00 
_cell.angle_beta         90.00 
_cell.angle_gamma        120.00 
_cell.Z_PDB              6 
_cell.pdbx_unique_axis   ? 
# 
_symmetry.entry_id                         4P27 
_symmetry.space_group_name_H-M             'P 61' 
_symmetry.pdbx_full_space_group_name_H-M   ? 
_symmetry.cell_setting                     ? 
_symmetry.Int_Tables_number                169 
# 
_exptl.absorpt_coefficient_mu     . 
_exptl.absorpt_correction_T_max   . 
_exptl.absorpt_correction_T_min   . 
_exptl.absorpt_correction_type    . 
_exptl.absorpt_process_details    . 
_exptl.entry_id                   4P27 
_exptl.crystals_number            1 
_exptl.details                    . 
_exptl.method                     'X-RAY DIFFRACTION' 
_exptl.method_details             . 
# 
_exptl_crystal.colour                      . 
_exptl_crystal.density_diffrn              . 
_exptl_crystal.density_Matthews            3.96 
_exptl_crystal.density_method              . 
_exptl_crystal.density_percent_sol         68.92 
_exptl_crystal.description                 . 
_exptl_crystal.F_000                       . 
_exptl_crystal.id                          1 
_exptl_crystal.preparation                 . 
_exptl_crystal.size_max                    . 
_exptl_crystal.size_mid                    . 
_exptl_crystal.size_min                    . 
_exptl_crystal.size_rad                    . 
_exptl_crystal.colour_lustre               . 
_exptl_crystal.colour_modifier             . 
_exptl_crystal.colour_primary              . 
_exptl_crystal.density_meas                . 
_exptl_crystal.density_meas_esd            . 
_exptl_crystal.density_meas_gt             . 
_exptl_crystal.density_meas_lt             . 
_exptl_crystal.density_meas_temp           . 
_exptl_crystal.density_meas_temp_esd       . 
_exptl_crystal.density_meas_temp_gt        . 
_exptl_crystal.density_meas_temp_lt        . 
_exptl_crystal.pdbx_crystal_image_url      . 
_exptl_crystal.pdbx_crystal_image_format   . 
_exptl_crystal.pdbx_mosaicity              . 
_exptl_crystal.pdbx_mosaicity_esd          . 
# 
_exptl_crystal_grow.apparatus       . 
_exptl_crystal_grow.atmosphere      . 
_exptl_crystal_grow.crystal_id      1 
_exptl_crystal_grow.details         . 
_exptl_crystal_grow.method          'VAPOR DIFFUSION, SITTING DROP' 
_exptl_crystal_grow.method_ref      . 
_exptl_crystal_grow.pH              . 
_exptl_crystal_grow.pressure        . 
_exptl_crystal_grow.pressure_esd    . 
_exptl_crystal_grow.seeding         . 
_exptl_crystal_grow.seeding_ref     . 
_exptl_crystal_grow.temp            298 
_exptl_crystal_grow.temp_details    . 
_exptl_crystal_grow.temp_esd        . 
_exptl_crystal_grow.time            . 
_exptl_crystal_grow.pdbx_details    
;0.085 M sodium acetate trihydrate at pH 4.6, 25% (w/v) PEG 2000, 0.17 M ammonium sulfate and 15% (v/v) glycerol, 8 mg/ml SmVAL4 in Sodium Citrate at pH 5.0
;
_exptl_crystal_grow.pdbx_pH_range   '4.6 - 5.0' 
# 
_diffrn.ambient_environment    . 
_diffrn.ambient_temp           100 
_diffrn.ambient_temp_details   . 
_diffrn.ambient_temp_esd       . 
_diffrn.crystal_id             1 
_diffrn.crystal_support        . 
_diffrn.crystal_treatment      . 
_diffrn.details                . 
_diffrn.id                     1 
_diffrn.ambient_pressure       . 
_diffrn.ambient_pressure_esd   . 
_diffrn.ambient_pressure_gt    . 
_diffrn.ambient_pressure_lt    . 
_diffrn.ambient_temp_gt        . 
_diffrn.ambient_temp_lt        . 
# 
_diffrn_detector.details                      . 
_diffrn_detector.detector                     'IMAGE PLATE' 
_diffrn_detector.diffrn_id                    1 
_diffrn_detector.type                         'RIGAKU RAXIS HTC' 
_diffrn_detector.area_resol_mean              . 
_diffrn_detector.dtime                        . 
_diffrn_detector.pdbx_frames_total            . 
_diffrn_detector.pdbx_collection_time_total   . 
_diffrn_detector.pdbx_collection_date         2013-12-19 
# 
_diffrn_radiation.collimation                      . 
_diffrn_radiation.diffrn_id                        1 
_diffrn_radiation.filter_edge                      . 
_diffrn_radiation.inhomogeneity                    . 
_diffrn_radiation.monochromator                    . 
_diffrn_radiation.polarisn_norm                    . 
_diffrn_radiation.polarisn_ratio                   . 
_diffrn_radiation.probe                            . 
_diffrn_radiation.type                             . 
_diffrn_radiation.xray_symbol                      . 
_diffrn_radiation.wavelength_id                    1 
_diffrn_radiation.pdbx_monochromatic_or_laue_m_l   . 
_diffrn_radiation.pdbx_wavelength_list             . 
_diffrn_radiation.pdbx_wavelength                  1.518 
_diffrn_radiation.pdbx_diffrn_protocol             'SINGLE WAVELENGTH' 
_diffrn_radiation.pdbx_analyzer                    . 
_diffrn_radiation.pdbx_scattering_type             x-ray 
# 
_diffrn_radiation_wavelength.id           1 
_diffrn_radiation_wavelength.wavelength   1.518 
_diffrn_radiation_wavelength.wt           1.0 
# 
_diffrn_source.current                     . 
_diffrn_source.details                     . 
_diffrn_source.diffrn_id                   1 
_diffrn_source.power                       . 
_diffrn_source.size                        . 
_diffrn_source.source                      'ROTATING ANODE' 
_diffrn_source.target                      . 
_diffrn_source.type                        'RIGAKU FR-E SUPERBRIGHT' 
_diffrn_source.voltage                     . 
_diffrn_source.take-off_angle              . 
_diffrn_source.pdbx_wavelength_list        . 
_diffrn_source.pdbx_wavelength             1.518 
_diffrn_source.pdbx_synchrotron_beamline   . 
_diffrn_source.pdbx_synchrotron_site       . 
# 
_reflns.B_iso_Wilson_estimate            . 
_reflns.entry_id                         4P27 
_reflns.data_reduction_details           . 
_reflns.data_reduction_method            . 
_reflns.d_resolution_high                2.15 
_reflns.d_resolution_low                 34.05 
_reflns.details                          . 
_reflns.limit_h_max                      . 
_reflns.limit_h_min                      . 
_reflns.limit_k_max                      . 
_reflns.limit_k_min                      . 
_reflns.limit_l_max                      . 
_reflns.limit_l_min                      . 
_reflns.number_all                       . 
_reflns.number_obs                       15770 
_reflns.observed_criterion               . 
_reflns.observed_criterion_F_max         . 
_reflns.observed_criterion_F_min         . 
_reflns.observed_criterion_I_max         . 
_reflns.observed_criterion_I_min         . 
_reflns.observed_criterion_sigma_F       . 
_reflns.observed_criterion_sigma_I       . 
_reflns.percent_possible_obs             99.7 
_reflns.R_free_details                   . 
_reflns.Rmerge_F_all                     . 
_reflns.Rmerge_F_obs                     . 
_reflns.Friedel_coverage                 . 
_reflns.number_gt                        . 
_reflns.threshold_expression             . 
_reflns.pdbx_redundancy                  21.2 
_reflns.pdbx_Rmerge_I_obs                . 
_reflns.pdbx_Rmerge_I_all                . 
_reflns.pdbx_Rsym_value                  0.071 
_reflns.pdbx_netI_over_av_sigmaI         . 
_reflns.pdbx_netI_over_sigmaI            5.1 
_reflns.pdbx_res_netI_over_av_sigmaI_2   . 
_reflns.pdbx_res_netI_over_sigmaI_2      . 
_reflns.pdbx_chi_squared                 . 
_reflns.pdbx_scaling_rejects             . 
_reflns.pdbx_d_res_high_opt              . 
_reflns.pdbx_d_res_low_opt               . 
_reflns.pdbx_d_res_opt_method            . 
_reflns.phase_calculation_details        . 
_reflns.pdbx_Rrim_I_all                  . 
_reflns.pdbx_Rpim_I_all                  . 
_reflns.pdbx_d_opt                       . 
_reflns.pdbx_number_measured_all         . 
_reflns.pdbx_diffrn_id                   1 
_reflns.pdbx_ordinal                     1 
# 
_reflns_shell.d_res_high                  2.15 
_reflns_shell.d_res_low                   2.23 
_reflns_shell.meanI_over_sigI_all         . 
_reflns_shell.meanI_over_sigI_obs         1.0 
_reflns_shell.number_measured_all         . 
_reflns_shell.number_measured_obs         . 
_reflns_shell.number_possible             . 
_reflns_shell.number_unique_all           . 
_reflns_shell.number_unique_obs           . 
_reflns_shell.percent_possible_all        99.3 
_reflns_shell.percent_possible_obs        . 
_reflns_shell.Rmerge_F_all                . 
_reflns_shell.Rmerge_F_obs                . 
_reflns_shell.Rmerge_I_all                . 
_reflns_shell.Rmerge_I_obs                0.76 
_reflns_shell.meanI_over_sigI_gt          . 
_reflns_shell.meanI_over_uI_all           . 
_reflns_shell.meanI_over_uI_gt            . 
_reflns_shell.number_measured_gt          . 
_reflns_shell.number_unique_gt            . 
_reflns_shell.percent_possible_gt         . 
_reflns_shell.Rmerge_F_gt                 . 
_reflns_shell.Rmerge_I_gt                 . 
_reflns_shell.pdbx_redundancy             21.2 
_reflns_shell.pdbx_Rsym_value             0.693 
_reflns_shell.pdbx_chi_squared            . 
_reflns_shell.pdbx_netI_over_sigmaI_all   . 
_reflns_shell.pdbx_netI_over_sigmaI_obs   . 
_reflns_shell.pdbx_Rrim_I_all             . 
_reflns_shell.pdbx_Rpim_I_all             . 
_reflns_shell.pdbx_rejects                . 
_reflns_shell.pdbx_ordinal                1 
_reflns_shell.pdbx_diffrn_id              1 
# 
_refine.pdbx_refine_id                           'X-RAY DIFFRACTION' 
_refine.entry_id                                 4P27 
_refine.pdbx_diffrn_id                           1 
_refine.pdbx_TLS_residual_ADP_flag               ? 
_refine.ls_number_reflns_obs                     14947 
_refine.ls_number_reflns_all                     ? 
_refine.pdbx_ls_sigma_I                          ? 
_refine.pdbx_ls_sigma_F                          ? 
_refine.pdbx_data_cutoff_high_absF               ? 
_refine.pdbx_data_cutoff_low_absF                ? 
_refine.pdbx_data_cutoff_high_rms_absF           ? 
_refine.ls_d_res_low                             28.63 
_refine.ls_d_res_high                            2.16 
_refine.ls_percent_reflns_obs                    99.76 
_refine.ls_R_factor_obs                          0.18188 
_refine.ls_R_factor_all                          ? 
_refine.ls_R_factor_R_work                       0.18039 
_refine.ls_R_factor_R_free                       0.20877 
_refine.ls_R_factor_R_free_error                 ? 
_refine.ls_R_factor_R_free_error_details         ? 
_refine.ls_percent_reflns_R_free                 5.1 
_refine.ls_number_reflns_R_free                  803 
_refine.ls_number_parameters                     ? 
_refine.ls_number_restraints                     ? 
_refine.occupancy_min                            ? 
_refine.occupancy_max                            ? 
_refine.correlation_coeff_Fo_to_Fc               0.958 
_refine.correlation_coeff_Fo_to_Fc_free          0.945 
_refine.B_iso_mean                               39.084 
_refine.aniso_B[1][1]                            0.03 
_refine.aniso_B[2][2]                            0.03 
_refine.aniso_B[3][3]                            -0.05 
_refine.aniso_B[1][2]                            0.00 
_refine.aniso_B[1][3]                            0.00 
_refine.aniso_B[2][3]                            0.00 
_refine.solvent_model_details                    MASK 
_refine.solvent_model_param_ksol                 ? 
_refine.solvent_model_param_bsol                 ? 
_refine.pdbx_solvent_vdw_probe_radii             1.20 
_refine.pdbx_solvent_ion_probe_radii             0.80 
_refine.pdbx_solvent_shrinkage_radii             0.80 
_refine.pdbx_ls_cross_valid_method               THROUGHOUT 
_refine.details                                  ? 
_refine.pdbx_starting_model                      ? 
_refine.pdbx_method_to_determine_struct          ? 
_refine.pdbx_isotropic_thermal_model             ? 
_refine.pdbx_stereochemistry_target_values       'MAXIMUM LIKELIHOOD' 
_refine.pdbx_stereochem_target_val_spec_case     ? 
_refine.pdbx_R_Free_selection_details            RANDOM 
_refine.pdbx_overall_ESU_R                       0.032 
_refine.pdbx_overall_ESU_R_Free                  0.029 
_refine.overall_SU_ML                            0.089 
_refine.pdbx_overall_phase_error                 ? 
_refine.overall_SU_B                             3.382 
_refine.overall_SU_R_Cruickshank_DPI             ? 
_refine.pdbx_overall_SU_R_free_Cruickshank_DPI   ? 
_refine.pdbx_overall_SU_R_Blow_DPI               ? 
_refine.pdbx_overall_SU_R_free_Blow_DPI          ? 
# 
_refine_hist.pdbx_refine_id                   'X-RAY DIFFRACTION' 
_refine_hist.cycle_id                         1 
_refine_hist.pdbx_number_atoms_protein        1258 
_refine_hist.pdbx_number_atoms_nucleic_acid   0 
_refine_hist.pdbx_number_atoms_ligand         14 
_refine_hist.number_atoms_solvent             66 
_refine_hist.number_atoms_total               1338 
_refine_hist.d_res_high                       2.16 
_refine_hist.d_res_low                        28.63 
# 
loop_
_refine_ls_restr.type 
_refine_ls_restr.dev_ideal 
_refine_ls_restr.dev_ideal_target 
_refine_ls_restr.weight 
_refine_ls_restr.number 
_refine_ls_restr.pdbx_refine_id 
_refine_ls_restr.pdbx_restraint_function 
r_bond_refined_d             0.023 0.020  ? 1304 'X-RAY DIFFRACTION' ? 
r_bond_other_d               ?     ?      ? ?    'X-RAY DIFFRACTION' ? 
r_angle_refined_deg          2.253 1.966  ? 1756 'X-RAY DIFFRACTION' ? 
r_angle_other_deg            ?     ?      ? ?    'X-RAY DIFFRACTION' ? 
r_dihedral_angle_1_deg       ?     ?      ? ?    'X-RAY DIFFRACTION' ? 
r_dihedral_angle_2_deg       ?     ?      ? ?    'X-RAY DIFFRACTION' ? 
r_dihedral_angle_3_deg       ?     ?      ? ?    'X-RAY DIFFRACTION' ? 
r_dihedral_angle_4_deg       ?     ?      ? ?    'X-RAY DIFFRACTION' ? 
r_chiral_restr               0.159 0.200  ? 173  'X-RAY DIFFRACTION' ? 
r_gen_planes_refined         0.014 0.021  ? 1002 'X-RAY DIFFRACTION' ? 
r_gen_planes_other           ?     ?      ? ?    'X-RAY DIFFRACTION' ? 
r_nbd_refined                ?     ?      ? ?    'X-RAY DIFFRACTION' ? 
r_nbd_other                  ?     ?      ? ?    'X-RAY DIFFRACTION' ? 
r_nbtor_refined              ?     ?      ? ?    'X-RAY DIFFRACTION' ? 
r_nbtor_other                ?     ?      ? ?    'X-RAY DIFFRACTION' ? 
r_xyhbond_nbd_refined        ?     ?      ? ?    'X-RAY DIFFRACTION' ? 
r_xyhbond_nbd_other          ?     ?      ? ?    'X-RAY DIFFRACTION' ? 
r_metal_ion_refined          ?     ?      ? ?    'X-RAY DIFFRACTION' ? 
r_metal_ion_other            ?     ?      ? ?    'X-RAY DIFFRACTION' ? 
r_symmetry_vdw_refined       ?     ?      ? ?    'X-RAY DIFFRACTION' ? 
r_symmetry_vdw_other         ?     ?      ? ?    'X-RAY DIFFRACTION' ? 
r_symmetry_hbond_refined     ?     ?      ? ?    'X-RAY DIFFRACTION' ? 
r_symmetry_hbond_other       ?     ?      ? ?    'X-RAY DIFFRACTION' ? 
r_symmetry_metal_ion_refined ?     ?      ? ?    'X-RAY DIFFRACTION' ? 
r_symmetry_metal_ion_other   ?     ?      ? ?    'X-RAY DIFFRACTION' ? 
r_mcbond_it                  4.107 3.534  ? 619  'X-RAY DIFFRACTION' ? 
r_mcbond_other               ?     ?      ? ?    'X-RAY DIFFRACTION' ? 
r_mcangle_it                 5.490 5.264  ? 772  'X-RAY DIFFRACTION' ? 
r_mcangle_other              ?     ?      ? ?    'X-RAY DIFFRACTION' ? 
r_scbond_it                  6.558 4.044  ? 685  'X-RAY DIFFRACTION' ? 
r_scbond_other               ?     ?      ? ?    'X-RAY DIFFRACTION' ? 
r_scangle_it                 ?     ?      ? ?    'X-RAY DIFFRACTION' ? 
r_scangle_other              ?     ?      ? ?    'X-RAY DIFFRACTION' ? 
r_long_range_B_refined       9.583 36.142 ? 1726 'X-RAY DIFFRACTION' ? 
r_long_range_B_other         ?     ?      ? ?    'X-RAY DIFFRACTION' ? 
r_rigid_bond_restr           ?     ?      ? ?    'X-RAY DIFFRACTION' ? 
r_sphericity_free            ?     ?      ? ?    'X-RAY DIFFRACTION' ? 
r_sphericity_bonded          ?     ?      ? ?    'X-RAY DIFFRACTION' ? 
# 
_refine_ls_shell.pdbx_refine_id                   'X-RAY DIFFRACTION' 
_refine_ls_shell.pdbx_total_number_of_bins_used   20 
_refine_ls_shell.d_res_high                       2.160 
_refine_ls_shell.d_res_low                        2.216 
_refine_ls_shell.number_reflns_R_work             1088 
_refine_ls_shell.R_factor_R_work                  0.224 
_refine_ls_shell.percent_reflns_obs               99.30 
_refine_ls_shell.R_factor_R_free                  0.280 
_refine_ls_shell.R_factor_R_free_error            ? 
_refine_ls_shell.percent_reflns_R_free            ? 
_refine_ls_shell.number_reflns_R_free             54 
_refine_ls_shell.number_reflns_all                ? 
_refine_ls_shell.R_factor_all                     ? 
_refine_ls_shell.R_factor_obs                     ? 
_refine_ls_shell.number_reflns_obs                ? 
# 
_struct.entry_id                     4P27 
_struct.title                        'Structure of Schistosoma mansoni venom allergen-like protein 4 (SmVAL4)' 
_struct.pdbx_model_details           . 
_struct.pdbx_formula_weight          . 
_struct.pdbx_formula_weight_method   . 
_struct.pdbx_model_type_details      . 
_struct.pdbx_CASP_flag               . 
# 
_struct_keywords.entry_id        4P27 
_struct_keywords.text            'Pathogenesis Related Protein, SCP/TAPS, ALLERGEN' 
_struct_keywords.pdbx_keywords   ALLERGEN 
# 
loop_
_struct_asym.id 
_struct_asym.pdbx_blank_PDB_chainid_flag 
_struct_asym.pdbx_modified 
_struct_asym.entity_id 
_struct_asym.details 
A N N 1 ? 
B N N 2 ? 
C N N 3 ? 
# 
_struct_ref.id                         1 
_struct_ref.db_name                    UNP 
_struct_ref.db_code                    Q1X6L4_SCHMA 
_struct_ref.pdbx_db_accession          Q1X6L4 
_struct_ref.entity_id                  1 
_struct_ref.pdbx_seq_one_letter_code   
;ETKLSEGQRAIYNFHKKVRKDVKNCRIPGQPPAKNLTKLKWNKLLANKAKQQAKRCKYDSNDPNDFIIGDFESIGQNLAD
YPTIEGAMKDWLEEYKNYNFEKNQCNGDCKNYKQMVWNTTEEIGCGYEKCGKNYLIVCNYAPGDSEDRPYEAKPESKCNK
SE
;
_struct_ref.pdbx_align_begin           20 
_struct_ref.pdbx_db_isoform            ? 
# 
_struct_ref_seq.align_id                      1 
_struct_ref_seq.ref_id                        1 
_struct_ref_seq.pdbx_PDB_id_code              4P27 
_struct_ref_seq.pdbx_strand_id                A 
_struct_ref_seq.seq_align_beg                 1 
_struct_ref_seq.pdbx_seq_align_beg_ins_code   ? 
_struct_ref_seq.seq_align_end                 162 
_struct_ref_seq.pdbx_seq_align_end_ins_code   ? 
_struct_ref_seq.pdbx_db_accession             Q1X6L4 
_struct_ref_seq.db_align_beg                  20 
_struct_ref_seq.pdbx_db_align_beg_ins_code    ? 
_struct_ref_seq.db_align_end                  181 
_struct_ref_seq.pdbx_db_align_end_ins_code    ? 
_struct_ref_seq.pdbx_auth_seq_align_beg       1 
_struct_ref_seq.pdbx_auth_seq_align_end       162 
# 
_struct_ref_seq_dif.align_id                     1 
_struct_ref_seq_dif.pdbx_pdb_id_code             4P27 
_struct_ref_seq_dif.mon_id                       PHE 
_struct_ref_seq_dif.pdbx_pdb_strand_id           A 
_struct_ref_seq_dif.seq_num                      2 
_struct_ref_seq_dif.pdbx_pdb_ins_code            ? 
_struct_ref_seq_dif.pdbx_seq_db_name             UNP 
_struct_ref_seq_dif.pdbx_seq_db_accession_code   Q1X6L4 
_struct_ref_seq_dif.db_mon_id                    THR 
_struct_ref_seq_dif.pdbx_seq_db_seq_num          21 
_struct_ref_seq_dif.details                      conflict 
_struct_ref_seq_dif.pdbx_auth_seq_num            2 
_struct_ref_seq_dif.pdbx_ordinal                 1 
# 
_pdbx_struct_assembly.id                   1 
_pdbx_struct_assembly.details              author_and_software_defined_assembly 
_pdbx_struct_assembly.method_details       PISA 
_pdbx_struct_assembly.oligomeric_details   monomeric 
_pdbx_struct_assembly.oligomeric_count     1 
# 
_pdbx_struct_assembly_gen.assembly_id       1 
_pdbx_struct_assembly_gen.oper_expression   1 
_pdbx_struct_assembly_gen.asym_id_list      A,B,C 
# 
_pdbx_struct_oper_list.id                   1 
_pdbx_struct_oper_list.type                 'identity operation' 
_pdbx_struct_oper_list.name                 1_555 
_pdbx_struct_oper_list.symmetry_operation   x,y,z 
_pdbx_struct_oper_list.matrix[1][1]         1.0000000000 
_pdbx_struct_oper_list.matrix[1][2]         0.0000000000 
_pdbx_struct_oper_list.matrix[1][3]         0.0000000000 
_pdbx_struct_oper_list.vector[1]            0.0000000000 
_pdbx_struct_oper_list.matrix[2][1]         0.0000000000 
_pdbx_struct_oper_list.matrix[2][2]         1.0000000000 
_pdbx_struct_oper_list.matrix[2][3]         0.0000000000 
_pdbx_struct_oper_list.vector[2]            0.0000000000 
_pdbx_struct_oper_list.matrix[3][1]         0.0000000000 
_pdbx_struct_oper_list.matrix[3][2]         0.0000000000 
_pdbx_struct_oper_list.matrix[3][3]         1.0000000000 
_pdbx_struct_oper_list.vector[3]            0.0000000000 
# 
loop_
_struct_conf.conf_type_id 
_struct_conf.id 
_struct_conf.pdbx_PDB_helix_id 
_struct_conf.beg_label_comp_id 
_struct_conf.beg_label_asym_id 
_struct_conf.beg_label_seq_id 
_struct_conf.pdbx_beg_PDB_ins_code 
_struct_conf.end_label_comp_id 
_struct_conf.end_label_asym_id 
_struct_conf.end_label_seq_id 
_struct_conf.pdbx_end_PDB_ins_code 
_struct_conf.beg_auth_comp_id 
_struct_conf.beg_auth_asym_id 
_struct_conf.beg_auth_seq_id 
_struct_conf.end_auth_comp_id 
_struct_conf.end_auth_asym_id 
_struct_conf.end_auth_seq_id 
_struct_conf.pdbx_PDB_helix_class 
_struct_conf.details 
_struct_conf.pdbx_PDB_helix_length 
HELX_P HELX_P1 AA1 SER A 5   ? LYS A 23  ? SER A 5   LYS A 23  1 ? 19 
HELX_P HELX_P2 AA2 ASN A 42  ? ARG A 55  ? ASN A 42  ARG A 55  1 ? 14 
HELX_P HELX_P3 AA3 ASP A 62  ? ILE A 67  ? ASP A 62  ILE A 67  5 ? 6  
HELX_P HELX_P4 AA4 THR A 83  ? GLU A 94  ? THR A 83  GLU A 94  1 ? 12 
HELX_P HELX_P5 AA5 CYS A 109 ? VAL A 116 ? CYS A 109 VAL A 116 1 ? 8  
HELX_P HELX_P6 AA6 PRO A 154 ? CYS A 158 ? PRO A 154 CYS A 158 5 ? 5  
# 
_struct_conf_type.id          HELX_P 
_struct_conf_type.criteria    ? 
_struct_conf_type.reference   ? 
# 
loop_
_struct_conn.id 
_struct_conn.conn_type_id 
_struct_conn.pdbx_leaving_atom_flag 
_struct_conn.pdbx_PDB_id 
_struct_conn.ptnr1_label_asym_id 
_struct_conn.ptnr1_label_comp_id 
_struct_conn.ptnr1_label_seq_id 
_struct_conn.ptnr1_label_atom_id 
_struct_conn.pdbx_ptnr1_label_alt_id 
_struct_conn.pdbx_ptnr1_PDB_ins_code 
_struct_conn.pdbx_ptnr1_standard_comp_id 
_struct_conn.ptnr1_symmetry 
_struct_conn.ptnr2_label_asym_id 
_struct_conn.ptnr2_label_comp_id 
_struct_conn.ptnr2_label_seq_id 
_struct_conn.ptnr2_label_atom_id 
_struct_conn.pdbx_ptnr2_label_alt_id 
_struct_conn.pdbx_ptnr2_PDB_ins_code 
_struct_conn.ptnr1_auth_asym_id 
_struct_conn.ptnr1_auth_comp_id 
_struct_conn.ptnr1_auth_seq_id 
_struct_conn.ptnr2_auth_asym_id 
_struct_conn.ptnr2_auth_comp_id 
_struct_conn.ptnr2_auth_seq_id 
_struct_conn.ptnr2_symmetry 
_struct_conn.pdbx_ptnr3_label_atom_id 
_struct_conn.pdbx_ptnr3_label_seq_id 
_struct_conn.pdbx_ptnr3_label_comp_id 
_struct_conn.pdbx_ptnr3_label_asym_id 
_struct_conn.pdbx_ptnr3_label_alt_id 
_struct_conn.pdbx_ptnr3_PDB_ins_code 
_struct_conn.details 
_struct_conn.pdbx_dist_value 
_struct_conn.pdbx_value_order 
_struct_conn.pdbx_role 
disulf1 disulf ?   ? A CYS 25  SG  ? ? ? 1_555 A CYS 158 SG ? ? A CYS 25  A CYS 158 1_555 ? ? ? ? ? ? ? 2.029 ? ?               
disulf2 disulf ?   ? A CYS 56  SG  ? ? ? 1_555 A CYS 130 SG ? ? A CYS 56  A CYS 130 1_555 ? ? ? ? ? ? ? 1.981 ? ?               
disulf3 disulf ?   ? A CYS 105 SG  ? ? ? 1_555 A CYS 109 SG ? ? A CYS 105 A CYS 109 1_555 ? ? ? ? ? ? ? 2.124 ? ?               
disulf4 disulf ?   ? A CYS 125 SG  ? ? ? 1_555 A CYS 138 SG ? ? A CYS 125 A CYS 138 1_555 ? ? ? ? ? ? ? 2.150 ? ?               
covale1 covale one ? A ASN 118 ND2 ? ? ? 1_555 B NAG .   C1 ? ? A ASN 118 A NAG 201 1_555 ? ? ? ? ? ? ? 1.370 ? N-Glycosylation 
# 
loop_
_struct_conn_type.id 
_struct_conn_type.criteria 
_struct_conn_type.reference 
disulf ? ? 
covale ? ? 
# 
loop_
_pdbx_modification_feature.ordinal 
_pdbx_modification_feature.label_comp_id 
_pdbx_modification_feature.label_asym_id 
_pdbx_modification_feature.label_seq_id 
_pdbx_modification_feature.label_alt_id 
_pdbx_modification_feature.modified_residue_label_comp_id 
_pdbx_modification_feature.modified_residue_label_asym_id 
_pdbx_modification_feature.modified_residue_label_seq_id 
_pdbx_modification_feature.modified_residue_label_alt_id 
_pdbx_modification_feature.auth_comp_id 
_pdbx_modification_feature.auth_asym_id 
_pdbx_modification_feature.auth_seq_id 
_pdbx_modification_feature.PDB_ins_code 
_pdbx_modification_feature.symmetry 
_pdbx_modification_feature.modified_residue_auth_comp_id 
_pdbx_modification_feature.modified_residue_auth_asym_id 
_pdbx_modification_feature.modified_residue_auth_seq_id 
_pdbx_modification_feature.modified_residue_PDB_ins_code 
_pdbx_modification_feature.modified_residue_symmetry 
_pdbx_modification_feature.comp_id_linking_atom 
_pdbx_modification_feature.modified_residue_id_linking_atom 
_pdbx_modification_feature.modified_residue_id 
_pdbx_modification_feature.ref_pcm_id 
_pdbx_modification_feature.ref_comp_id 
_pdbx_modification_feature.type 
_pdbx_modification_feature.category 
1 NAG B .   ? ASN A 118 ? NAG A 201 ? 1_555 ASN A 118 ? 1_555 C1 ND2 ASN 1 NAG N-Glycosylation Carbohydrate       
2 CYS A 25  ? CYS A 158 ? CYS A 25  ? 1_555 CYS A 158 ? 1_555 SG SG  .   . .   None            'Disulfide bridge' 
3 CYS A 56  ? CYS A 130 ? CYS A 56  ? 1_555 CYS A 130 ? 1_555 SG SG  .   . .   None            'Disulfide bridge' 
4 CYS A 105 ? CYS A 109 ? CYS A 105 ? 1_555 CYS A 109 ? 1_555 SG SG  .   . .   None            'Disulfide bridge' 
5 CYS A 125 ? CYS A 138 ? CYS A 125 ? 1_555 CYS A 138 ? 1_555 SG SG  .   . .   None            'Disulfide bridge' 
# 
_struct_mon_prot_cis.pdbx_id                1 
_struct_mon_prot_cis.label_comp_id          ALA 
_struct_mon_prot_cis.label_seq_id           141 
_struct_mon_prot_cis.label_asym_id          A 
_struct_mon_prot_cis.label_alt_id           . 
_struct_mon_prot_cis.pdbx_PDB_ins_code      ? 
_struct_mon_prot_cis.auth_comp_id           ALA 
_struct_mon_prot_cis.auth_seq_id            141 
_struct_mon_prot_cis.auth_asym_id           A 
_struct_mon_prot_cis.pdbx_label_comp_id_2   PRO 
_struct_mon_prot_cis.pdbx_label_seq_id_2    142 
_struct_mon_prot_cis.pdbx_label_asym_id_2   A 
_struct_mon_prot_cis.pdbx_PDB_ins_code_2    ? 
_struct_mon_prot_cis.pdbx_auth_comp_id_2    PRO 
_struct_mon_prot_cis.pdbx_auth_seq_id_2     142 
_struct_mon_prot_cis.pdbx_auth_asym_id_2    A 
_struct_mon_prot_cis.pdbx_PDB_model_num     1 
_struct_mon_prot_cis.pdbx_omega_angle       -6.68 
# 
loop_
_struct_sheet.id 
_struct_sheet.type 
_struct_sheet.number_strands 
_struct_sheet.details 
AA1 ? 4 ? 
AA2 ? 2 ? 
# 
loop_
_struct_sheet_order.sheet_id 
_struct_sheet_order.range_id_1 
_struct_sheet_order.range_id_2 
_struct_sheet_order.offset 
_struct_sheet_order.sense 
AA1 1 2 ? parallel      
AA1 2 3 ? anti-parallel 
AA1 3 4 ? anti-parallel 
AA2 1 2 ? anti-parallel 
# 
loop_
_struct_sheet_range.sheet_id 
_struct_sheet_range.id 
_struct_sheet_range.beg_label_comp_id 
_struct_sheet_range.beg_label_asym_id 
_struct_sheet_range.beg_label_seq_id 
_struct_sheet_range.pdbx_beg_PDB_ins_code 
_struct_sheet_range.end_label_comp_id 
_struct_sheet_range.end_label_asym_id 
_struct_sheet_range.end_label_seq_id 
_struct_sheet_range.pdbx_end_PDB_ins_code 
_struct_sheet_range.beg_auth_comp_id 
_struct_sheet_range.beg_auth_asym_id 
_struct_sheet_range.beg_auth_seq_id 
_struct_sheet_range.end_auth_comp_id 
_struct_sheet_range.end_auth_asym_id 
_struct_sheet_range.end_auth_seq_id 
AA1 1 LYS A 40  ? TRP A 41  ? LYS A 40  TRP A 41  
AA1 2 GLU A 122 ? CYS A 130 ? GLU A 122 CYS A 130 
AA1 3 ASN A 133 ? ALA A 141 ? ASN A 133 ALA A 141 
AA1 4 GLY A 75  ? TYR A 81  ? GLY A 75  TYR A 81  
AA2 1 TYR A 98  ? ASN A 99  ? TYR A 98  ASN A 99  
AA2 2 GLN A 104 ? CYS A 105 ? GLN A 104 CYS A 105 
# 
loop_
_pdbx_struct_sheet_hbond.sheet_id 
_pdbx_struct_sheet_hbond.range_id_1 
_pdbx_struct_sheet_hbond.range_id_2 
_pdbx_struct_sheet_hbond.range_1_label_atom_id 
_pdbx_struct_sheet_hbond.range_1_label_comp_id 
_pdbx_struct_sheet_hbond.range_1_label_asym_id 
_pdbx_struct_sheet_hbond.range_1_label_seq_id 
_pdbx_struct_sheet_hbond.range_1_PDB_ins_code 
_pdbx_struct_sheet_hbond.range_1_auth_atom_id 
_pdbx_struct_sheet_hbond.range_1_auth_comp_id 
_pdbx_struct_sheet_hbond.range_1_auth_asym_id 
_pdbx_struct_sheet_hbond.range_1_auth_seq_id 
_pdbx_struct_sheet_hbond.range_2_label_atom_id 
_pdbx_struct_sheet_hbond.range_2_label_comp_id 
_pdbx_struct_sheet_hbond.range_2_label_asym_id 
_pdbx_struct_sheet_hbond.range_2_label_seq_id 
_pdbx_struct_sheet_hbond.range_2_PDB_ins_code 
_pdbx_struct_sheet_hbond.range_2_auth_atom_id 
_pdbx_struct_sheet_hbond.range_2_auth_comp_id 
_pdbx_struct_sheet_hbond.range_2_auth_asym_id 
_pdbx_struct_sheet_hbond.range_2_auth_seq_id 
AA1 1 2 N LYS A 40  ? N LYS A 40  O ILE A 123 ? O ILE A 123 
AA1 2 3 N CYS A 130 ? N CYS A 130 O ASN A 133 ? O ASN A 133 
AA1 3 4 O TYR A 134 ? O TYR A 134 N TYR A 81  ? N TYR A 81  
AA2 1 2 N ASN A 99  ? N ASN A 99  O GLN A 104 ? O GLN A 104 
# 
_pdbx_entry_details.entry_id                   4P27 
_pdbx_entry_details.compound_details           ? 
_pdbx_entry_details.source_details             ? 
_pdbx_entry_details.nonpolymer_details         ? 
_pdbx_entry_details.sequence_details           ? 
_pdbx_entry_details.has_ligand_of_interest     ? 
_pdbx_entry_details.has_protein_modification   Y 
# 
_pdbx_validate_rmsd_angle.id                         1 
_pdbx_validate_rmsd_angle.PDB_model_num              1 
_pdbx_validate_rmsd_angle.auth_atom_id_1             CA 
_pdbx_validate_rmsd_angle.auth_asym_id_1             A 
_pdbx_validate_rmsd_angle.auth_comp_id_1             CYS 
_pdbx_validate_rmsd_angle.auth_seq_id_1              158 
_pdbx_validate_rmsd_angle.PDB_ins_code_1             ? 
_pdbx_validate_rmsd_angle.label_alt_id_1             ? 
_pdbx_validate_rmsd_angle.auth_atom_id_2             CB 
_pdbx_validate_rmsd_angle.auth_asym_id_2             A 
_pdbx_validate_rmsd_angle.auth_comp_id_2             CYS 
_pdbx_validate_rmsd_angle.auth_seq_id_2              158 
_pdbx_validate_rmsd_angle.PDB_ins_code_2             ? 
_pdbx_validate_rmsd_angle.label_alt_id_2             ? 
_pdbx_validate_rmsd_angle.auth_atom_id_3             SG 
_pdbx_validate_rmsd_angle.auth_asym_id_3             A 
_pdbx_validate_rmsd_angle.auth_comp_id_3             CYS 
_pdbx_validate_rmsd_angle.auth_seq_id_3              158 
_pdbx_validate_rmsd_angle.PDB_ins_code_3             ? 
_pdbx_validate_rmsd_angle.label_alt_id_3             ? 
_pdbx_validate_rmsd_angle.angle_value                120.88 
_pdbx_validate_rmsd_angle.angle_target_value         114.20 
_pdbx_validate_rmsd_angle.angle_deviation            6.68 
_pdbx_validate_rmsd_angle.angle_standard_deviation   1.10 
_pdbx_validate_rmsd_angle.linker_flag                N 
# 
loop_
_pdbx_validate_torsion.id 
_pdbx_validate_torsion.PDB_model_num 
_pdbx_validate_torsion.auth_comp_id 
_pdbx_validate_torsion.auth_asym_id 
_pdbx_validate_torsion.auth_seq_id 
_pdbx_validate_torsion.PDB_ins_code 
_pdbx_validate_torsion.label_alt_id 
_pdbx_validate_torsion.phi 
_pdbx_validate_torsion.psi 
1 1 SER A 60  ? ? -153.10 -69.74  
2 1 ASP A 62  ? ? 32.12   81.14   
3 1 ASP A 147 ? ? -59.92  -178.04 
# 
loop_
_pdbx_validate_peptide_omega.id 
_pdbx_validate_peptide_omega.PDB_model_num 
_pdbx_validate_peptide_omega.auth_comp_id_1 
_pdbx_validate_peptide_omega.auth_asym_id_1 
_pdbx_validate_peptide_omega.auth_seq_id_1 
_pdbx_validate_peptide_omega.PDB_ins_code_1 
_pdbx_validate_peptide_omega.label_alt_id_1 
_pdbx_validate_peptide_omega.auth_comp_id_2 
_pdbx_validate_peptide_omega.auth_asym_id_2 
_pdbx_validate_peptide_omega.auth_seq_id_2 
_pdbx_validate_peptide_omega.PDB_ins_code_2 
_pdbx_validate_peptide_omega.label_alt_id_2 
_pdbx_validate_peptide_omega.omega 
1 1 SER A 60  ? ? ASN A 61  ? ? 125.92 
2 1 ASN A 61  ? ? ASP A 62  ? ? 61.23  
3 1 TYR A 134 ? ? LEU A 135 ? ? 147.76 
# 
_pdbx_struct_mod_residue.id               1 
_pdbx_struct_mod_residue.label_asym_id    B 
_pdbx_struct_mod_residue.label_comp_id    NAG 
_pdbx_struct_mod_residue.label_seq_id     ? 
_pdbx_struct_mod_residue.auth_asym_id     A 
_pdbx_struct_mod_residue.auth_comp_id     NAG 
_pdbx_struct_mod_residue.auth_seq_id      201 
_pdbx_struct_mod_residue.PDB_ins_code     ? 
_pdbx_struct_mod_residue.parent_comp_id   NAG 
_pdbx_struct_mod_residue.details          -D 
# 
loop_
_pdbx_unobs_or_zero_occ_residues.id 
_pdbx_unobs_or_zero_occ_residues.PDB_model_num 
_pdbx_unobs_or_zero_occ_residues.polymer_flag 
_pdbx_unobs_or_zero_occ_residues.occupancy_flag 
_pdbx_unobs_or_zero_occ_residues.auth_asym_id 
_pdbx_unobs_or_zero_occ_residues.auth_comp_id 
_pdbx_unobs_or_zero_occ_residues.auth_seq_id 
_pdbx_unobs_or_zero_occ_residues.PDB_ins_code 
_pdbx_unobs_or_zero_occ_residues.label_asym_id 
_pdbx_unobs_or_zero_occ_residues.label_comp_id 
_pdbx_unobs_or_zero_occ_residues.label_seq_id 
1 1 Y 1 A GLU 1   ? A GLU 1   
2 1 Y 1 A PHE 2   ? A PHE 2   
3 1 Y 1 A LYS 3   ? A LYS 3   
4 1 Y 1 A ASN 159 ? A ASN 159 
5 1 Y 1 A LYS 160 ? A LYS 160 
6 1 Y 1 A SER 161 ? A SER 161 
7 1 Y 1 A GLU 162 ? A GLU 162 
# 
loop_
_chem_comp_atom.comp_id 
_chem_comp_atom.atom_id 
_chem_comp_atom.type_symbol 
_chem_comp_atom.pdbx_aromatic_flag 
_chem_comp_atom.pdbx_stereo_config 
_chem_comp_atom.pdbx_ordinal 
ALA N    N N N 1   
ALA CA   C N S 2   
ALA C    C N N 3   
ALA O    O N N 4   
ALA CB   C N N 5   
ALA OXT  O N N 6   
ALA H    H N N 7   
ALA H2   H N N 8   
ALA HA   H N N 9   
ALA HB1  H N N 10  
ALA HB2  H N N 11  
ALA HB3  H N N 12  
ALA HXT  H N N 13  
ARG N    N N N 14  
ARG CA   C N S 15  
ARG C    C N N 16  
ARG O    O N N 17  
ARG CB   C N N 18  
ARG CG   C N N 19  
ARG CD   C N N 20  
ARG NE   N N N 21  
ARG CZ   C N N 22  
ARG NH1  N N N 23  
ARG NH2  N N N 24  
ARG OXT  O N N 25  
ARG H    H N N 26  
ARG H2   H N N 27  
ARG HA   H N N 28  
ARG HB2  H N N 29  
ARG HB3  H N N 30  
ARG HG2  H N N 31  
ARG HG3  H N N 32  
ARG HD2  H N N 33  
ARG HD3  H N N 34  
ARG HE   H N N 35  
ARG HH11 H N N 36  
ARG HH12 H N N 37  
ARG HH21 H N N 38  
ARG HH22 H N N 39  
ARG HXT  H N N 40  
ASN N    N N N 41  
ASN CA   C N S 42  
ASN C    C N N 43  
ASN O    O N N 44  
ASN CB   C N N 45  
ASN CG   C N N 46  
ASN OD1  O N N 47  
ASN ND2  N N N 48  
ASN OXT  O N N 49  
ASN H    H N N 50  
ASN H2   H N N 51  
ASN HA   H N N 52  
ASN HB2  H N N 53  
ASN HB3  H N N 54  
ASN HD21 H N N 55  
ASN HD22 H N N 56  
ASN HXT  H N N 57  
ASP N    N N N 58  
ASP CA   C N S 59  
ASP C    C N N 60  
ASP O    O N N 61  
ASP CB   C N N 62  
ASP CG   C N N 63  
ASP OD1  O N N 64  
ASP OD2  O N N 65  
ASP OXT  O N N 66  
ASP H    H N N 67  
ASP H2   H N N 68  
ASP HA   H N N 69  
ASP HB2  H N N 70  
ASP HB3  H N N 71  
ASP HD2  H N N 72  
ASP HXT  H N N 73  
CYS N    N N N 74  
CYS CA   C N R 75  
CYS C    C N N 76  
CYS O    O N N 77  
CYS CB   C N N 78  
CYS SG   S N N 79  
CYS OXT  O N N 80  
CYS H    H N N 81  
CYS H2   H N N 82  
CYS HA   H N N 83  
CYS HB2  H N N 84  
CYS HB3  H N N 85  
CYS HG   H N N 86  
CYS HXT  H N N 87  
GLN N    N N N 88  
GLN CA   C N S 89  
GLN C    C N N 90  
GLN O    O N N 91  
GLN CB   C N N 92  
GLN CG   C N N 93  
GLN CD   C N N 94  
GLN OE1  O N N 95  
GLN NE2  N N N 96  
GLN OXT  O N N 97  
GLN H    H N N 98  
GLN H2   H N N 99  
GLN HA   H N N 100 
GLN HB2  H N N 101 
GLN HB3  H N N 102 
GLN HG2  H N N 103 
GLN HG3  H N N 104 
GLN HE21 H N N 105 
GLN HE22 H N N 106 
GLN HXT  H N N 107 
GLU N    N N N 108 
GLU CA   C N S 109 
GLU C    C N N 110 
GLU O    O N N 111 
GLU CB   C N N 112 
GLU CG   C N N 113 
GLU CD   C N N 114 
GLU OE1  O N N 115 
GLU OE2  O N N 116 
GLU OXT  O N N 117 
GLU H    H N N 118 
GLU H2   H N N 119 
GLU HA   H N N 120 
GLU HB2  H N N 121 
GLU HB3  H N N 122 
GLU HG2  H N N 123 
GLU HG3  H N N 124 
GLU HE2  H N N 125 
GLU HXT  H N N 126 
GLY N    N N N 127 
GLY CA   C N N 128 
GLY C    C N N 129 
GLY O    O N N 130 
GLY OXT  O N N 131 
GLY H    H N N 132 
GLY H2   H N N 133 
GLY HA2  H N N 134 
GLY HA3  H N N 135 
GLY HXT  H N N 136 
HIS N    N N N 137 
HIS CA   C N S 138 
HIS C    C N N 139 
HIS O    O N N 140 
HIS CB   C N N 141 
HIS CG   C Y N 142 
HIS ND1  N Y N 143 
HIS CD2  C Y N 144 
HIS CE1  C Y N 145 
HIS NE2  N Y N 146 
HIS OXT  O N N 147 
HIS H    H N N 148 
HIS H2   H N N 149 
HIS HA   H N N 150 
HIS HB2  H N N 151 
HIS HB3  H N N 152 
HIS HD1  H N N 153 
HIS HD2  H N N 154 
HIS HE1  H N N 155 
HIS HE2  H N N 156 
HIS HXT  H N N 157 
HOH O    O N N 158 
HOH H1   H N N 159 
HOH H2   H N N 160 
ILE N    N N N 161 
ILE CA   C N S 162 
ILE C    C N N 163 
ILE O    O N N 164 
ILE CB   C N S 165 
ILE CG1  C N N 166 
ILE CG2  C N N 167 
ILE CD1  C N N 168 
ILE OXT  O N N 169 
ILE H    H N N 170 
ILE H2   H N N 171 
ILE HA   H N N 172 
ILE HB   H N N 173 
ILE HG12 H N N 174 
ILE HG13 H N N 175 
ILE HG21 H N N 176 
ILE HG22 H N N 177 
ILE HG23 H N N 178 
ILE HD11 H N N 179 
ILE HD12 H N N 180 
ILE HD13 H N N 181 
ILE HXT  H N N 182 
LEU N    N N N 183 
LEU CA   C N S 184 
LEU C    C N N 185 
LEU O    O N N 186 
LEU CB   C N N 187 
LEU CG   C N N 188 
LEU CD1  C N N 189 
LEU CD2  C N N 190 
LEU OXT  O N N 191 
LEU H    H N N 192 
LEU H2   H N N 193 
LEU HA   H N N 194 
LEU HB2  H N N 195 
LEU HB3  H N N 196 
LEU HG   H N N 197 
LEU HD11 H N N 198 
LEU HD12 H N N 199 
LEU HD13 H N N 200 
LEU HD21 H N N 201 
LEU HD22 H N N 202 
LEU HD23 H N N 203 
LEU HXT  H N N 204 
LYS N    N N N 205 
LYS CA   C N S 206 
LYS C    C N N 207 
LYS O    O N N 208 
LYS CB   C N N 209 
LYS CG   C N N 210 
LYS CD   C N N 211 
LYS CE   C N N 212 
LYS NZ   N N N 213 
LYS OXT  O N N 214 
LYS H    H N N 215 
LYS H2   H N N 216 
LYS HA   H N N 217 
LYS HB2  H N N 218 
LYS HB3  H N N 219 
LYS HG2  H N N 220 
LYS HG3  H N N 221 
LYS HD2  H N N 222 
LYS HD3  H N N 223 
LYS HE2  H N N 224 
LYS HE3  H N N 225 
LYS HZ1  H N N 226 
LYS HZ2  H N N 227 
LYS HZ3  H N N 228 
LYS HXT  H N N 229 
MET N    N N N 230 
MET CA   C N S 231 
MET C    C N N 232 
MET O    O N N 233 
MET CB   C N N 234 
MET CG   C N N 235 
MET SD   S N N 236 
MET CE   C N N 237 
MET OXT  O N N 238 
MET H    H N N 239 
MET H2   H N N 240 
MET HA   H N N 241 
MET HB2  H N N 242 
MET HB3  H N N 243 
MET HG2  H N N 244 
MET HG3  H N N 245 
MET HE1  H N N 246 
MET HE2  H N N 247 
MET HE3  H N N 248 
MET HXT  H N N 249 
NAG C1   C N R 250 
NAG C2   C N R 251 
NAG C3   C N R 252 
NAG C4   C N S 253 
NAG C5   C N R 254 
NAG C6   C N N 255 
NAG C7   C N N 256 
NAG C8   C N N 257 
NAG N2   N N N 258 
NAG O1   O N N 259 
NAG O3   O N N 260 
NAG O4   O N N 261 
NAG O5   O N N 262 
NAG O6   O N N 263 
NAG O7   O N N 264 
NAG H1   H N N 265 
NAG H2   H N N 266 
NAG H3   H N N 267 
NAG H4   H N N 268 
NAG H5   H N N 269 
NAG H61  H N N 270 
NAG H62  H N N 271 
NAG H81  H N N 272 
NAG H82  H N N 273 
NAG H83  H N N 274 
NAG HN2  H N N 275 
NAG HO1  H N N 276 
NAG HO3  H N N 277 
NAG HO4  H N N 278 
NAG HO6  H N N 279 
PHE N    N N N 280 
PHE CA   C N S 281 
PHE C    C N N 282 
PHE O    O N N 283 
PHE CB   C N N 284 
PHE CG   C Y N 285 
PHE CD1  C Y N 286 
PHE CD2  C Y N 287 
PHE CE1  C Y N 288 
PHE CE2  C Y N 289 
PHE CZ   C Y N 290 
PHE OXT  O N N 291 
PHE H    H N N 292 
PHE H2   H N N 293 
PHE HA   H N N 294 
PHE HB2  H N N 295 
PHE HB3  H N N 296 
PHE HD1  H N N 297 
PHE HD2  H N N 298 
PHE HE1  H N N 299 
PHE HE2  H N N 300 
PHE HZ   H N N 301 
PHE HXT  H N N 302 
PRO N    N N N 303 
PRO CA   C N S 304 
PRO C    C N N 305 
PRO O    O N N 306 
PRO CB   C N N 307 
PRO CG   C N N 308 
PRO CD   C N N 309 
PRO OXT  O N N 310 
PRO H    H N N 311 
PRO HA   H N N 312 
PRO HB2  H N N 313 
PRO HB3  H N N 314 
PRO HG2  H N N 315 
PRO HG3  H N N 316 
PRO HD2  H N N 317 
PRO HD3  H N N 318 
PRO HXT  H N N 319 
SER N    N N N 320 
SER CA   C N S 321 
SER C    C N N 322 
SER O    O N N 323 
SER CB   C N N 324 
SER OG   O N N 325 
SER OXT  O N N 326 
SER H    H N N 327 
SER H2   H N N 328 
SER HA   H N N 329 
SER HB2  H N N 330 
SER HB3  H N N 331 
SER HG   H N N 332 
SER HXT  H N N 333 
THR N    N N N 334 
THR CA   C N S 335 
THR C    C N N 336 
THR O    O N N 337 
THR CB   C N R 338 
THR OG1  O N N 339 
THR CG2  C N N 340 
THR OXT  O N N 341 
THR H    H N N 342 
THR H2   H N N 343 
THR HA   H N N 344 
THR HB   H N N 345 
THR HG1  H N N 346 
THR HG21 H N N 347 
THR HG22 H N N 348 
THR HG23 H N N 349 
THR HXT  H N N 350 
TRP N    N N N 351 
TRP CA   C N S 352 
TRP C    C N N 353 
TRP O    O N N 354 
TRP CB   C N N 355 
TRP CG   C Y N 356 
TRP CD1  C Y N 357 
TRP CD2  C Y N 358 
TRP NE1  N Y N 359 
TRP CE2  C Y N 360 
TRP CE3  C Y N 361 
TRP CZ2  C Y N 362 
TRP CZ3  C Y N 363 
TRP CH2  C Y N 364 
TRP OXT  O N N 365 
TRP H    H N N 366 
TRP H2   H N N 367 
TRP HA   H N N 368 
TRP HB2  H N N 369 
TRP HB3  H N N 370 
TRP HD1  H N N 371 
TRP HE1  H N N 372 
TRP HE3  H N N 373 
TRP HZ2  H N N 374 
TRP HZ3  H N N 375 
TRP HH2  H N N 376 
TRP HXT  H N N 377 
TYR N    N N N 378 
TYR CA   C N S 379 
TYR C    C N N 380 
TYR O    O N N 381 
TYR CB   C N N 382 
TYR CG   C Y N 383 
TYR CD1  C Y N 384 
TYR CD2  C Y N 385 
TYR CE1  C Y N 386 
TYR CE2  C Y N 387 
TYR CZ   C Y N 388 
TYR OH   O N N 389 
TYR OXT  O N N 390 
TYR H    H N N 391 
TYR H2   H N N 392 
TYR HA   H N N 393 
TYR HB2  H N N 394 
TYR HB3  H N N 395 
TYR HD1  H N N 396 
TYR HD2  H N N 397 
TYR HE1  H N N 398 
TYR HE2  H N N 399 
TYR HH   H N N 400 
TYR HXT  H N N 401 
VAL N    N N N 402 
VAL CA   C N S 403 
VAL C    C N N 404 
VAL O    O N N 405 
VAL CB   C N N 406 
VAL CG1  C N N 407 
VAL CG2  C N N 408 
VAL OXT  O N N 409 
VAL H    H N N 410 
VAL H2   H N N 411 
VAL HA   H N N 412 
VAL HB   H N N 413 
VAL HG11 H N N 414 
VAL HG12 H N N 415 
VAL HG13 H N N 416 
VAL HG21 H N N 417 
VAL HG22 H N N 418 
VAL HG23 H N N 419 
VAL HXT  H N N 420 
# 
loop_
_chem_comp_bond.comp_id 
_chem_comp_bond.atom_id_1 
_chem_comp_bond.atom_id_2 
_chem_comp_bond.value_order 
_chem_comp_bond.pdbx_aromatic_flag 
_chem_comp_bond.pdbx_stereo_config 
_chem_comp_bond.pdbx_ordinal 
ALA N   CA   sing N N 1   
ALA N   H    sing N N 2   
ALA N   H2   sing N N 3   
ALA CA  C    sing N N 4   
ALA CA  CB   sing N N 5   
ALA CA  HA   sing N N 6   
ALA C   O    doub N N 7   
ALA C   OXT  sing N N 8   
ALA CB  HB1  sing N N 9   
ALA CB  HB2  sing N N 10  
ALA CB  HB3  sing N N 11  
ALA OXT HXT  sing N N 12  
ARG N   CA   sing N N 13  
ARG N   H    sing N N 14  
ARG N   H2   sing N N 15  
ARG CA  C    sing N N 16  
ARG CA  CB   sing N N 17  
ARG CA  HA   sing N N 18  
ARG C   O    doub N N 19  
ARG C   OXT  sing N N 20  
ARG CB  CG   sing N N 21  
ARG CB  HB2  sing N N 22  
ARG CB  HB3  sing N N 23  
ARG CG  CD   sing N N 24  
ARG CG  HG2  sing N N 25  
ARG CG  HG3  sing N N 26  
ARG CD  NE   sing N N 27  
ARG CD  HD2  sing N N 28  
ARG CD  HD3  sing N N 29  
ARG NE  CZ   sing N N 30  
ARG NE  HE   sing N N 31  
ARG CZ  NH1  sing N N 32  
ARG CZ  NH2  doub N N 33  
ARG NH1 HH11 sing N N 34  
ARG NH1 HH12 sing N N 35  
ARG NH2 HH21 sing N N 36  
ARG NH2 HH22 sing N N 37  
ARG OXT HXT  sing N N 38  
ASN N   CA   sing N N 39  
ASN N   H    sing N N 40  
ASN N   H2   sing N N 41  
ASN CA  C    sing N N 42  
ASN CA  CB   sing N N 43  
ASN CA  HA   sing N N 44  
ASN C   O    doub N N 45  
ASN C   OXT  sing N N 46  
ASN CB  CG   sing N N 47  
ASN CB  HB2  sing N N 48  
ASN CB  HB3  sing N N 49  
ASN CG  OD1  doub N N 50  
ASN CG  ND2  sing N N 51  
ASN ND2 HD21 sing N N 52  
ASN ND2 HD22 sing N N 53  
ASN OXT HXT  sing N N 54  
ASP N   CA   sing N N 55  
ASP N   H    sing N N 56  
ASP N   H2   sing N N 57  
ASP CA  C    sing N N 58  
ASP CA  CB   sing N N 59  
ASP CA  HA   sing N N 60  
ASP C   O    doub N N 61  
ASP C   OXT  sing N N 62  
ASP CB  CG   sing N N 63  
ASP CB  HB2  sing N N 64  
ASP CB  HB3  sing N N 65  
ASP CG  OD1  doub N N 66  
ASP CG  OD2  sing N N 67  
ASP OD2 HD2  sing N N 68  
ASP OXT HXT  sing N N 69  
CYS N   CA   sing N N 70  
CYS N   H    sing N N 71  
CYS N   H2   sing N N 72  
CYS CA  C    sing N N 73  
CYS CA  CB   sing N N 74  
CYS CA  HA   sing N N 75  
CYS C   O    doub N N 76  
CYS C   OXT  sing N N 77  
CYS CB  SG   sing N N 78  
CYS CB  HB2  sing N N 79  
CYS CB  HB3  sing N N 80  
CYS SG  HG   sing N N 81  
CYS OXT HXT  sing N N 82  
GLN N   CA   sing N N 83  
GLN N   H    sing N N 84  
GLN N   H2   sing N N 85  
GLN CA  C    sing N N 86  
GLN CA  CB   sing N N 87  
GLN CA  HA   sing N N 88  
GLN C   O    doub N N 89  
GLN C   OXT  sing N N 90  
GLN CB  CG   sing N N 91  
GLN CB  HB2  sing N N 92  
GLN CB  HB3  sing N N 93  
GLN CG  CD   sing N N 94  
GLN CG  HG2  sing N N 95  
GLN CG  HG3  sing N N 96  
GLN CD  OE1  doub N N 97  
GLN CD  NE2  sing N N 98  
GLN NE2 HE21 sing N N 99  
GLN NE2 HE22 sing N N 100 
GLN OXT HXT  sing N N 101 
GLU N   CA   sing N N 102 
GLU N   H    sing N N 103 
GLU N   H2   sing N N 104 
GLU CA  C    sing N N 105 
GLU CA  CB   sing N N 106 
GLU CA  HA   sing N N 107 
GLU C   O    doub N N 108 
GLU C   OXT  sing N N 109 
GLU CB  CG   sing N N 110 
GLU CB  HB2  sing N N 111 
GLU CB  HB3  sing N N 112 
GLU CG  CD   sing N N 113 
GLU CG  HG2  sing N N 114 
GLU CG  HG3  sing N N 115 
GLU CD  OE1  doub N N 116 
GLU CD  OE2  sing N N 117 
GLU OE2 HE2  sing N N 118 
GLU OXT HXT  sing N N 119 
GLY N   CA   sing N N 120 
GLY N   H    sing N N 121 
GLY N   H2   sing N N 122 
GLY CA  C    sing N N 123 
GLY CA  HA2  sing N N 124 
GLY CA  HA3  sing N N 125 
GLY C   O    doub N N 126 
GLY C   OXT  sing N N 127 
GLY OXT HXT  sing N N 128 
HIS N   CA   sing N N 129 
HIS N   H    sing N N 130 
HIS N   H2   sing N N 131 
HIS CA  C    sing N N 132 
HIS CA  CB   sing N N 133 
HIS CA  HA   sing N N 134 
HIS C   O    doub N N 135 
HIS C   OXT  sing N N 136 
HIS CB  CG   sing N N 137 
HIS CB  HB2  sing N N 138 
HIS CB  HB3  sing N N 139 
HIS CG  ND1  sing Y N 140 
HIS CG  CD2  doub Y N 141 
HIS ND1 CE1  doub Y N 142 
HIS ND1 HD1  sing N N 143 
HIS CD2 NE2  sing Y N 144 
HIS CD2 HD2  sing N N 145 
HIS CE1 NE2  sing Y N 146 
HIS CE1 HE1  sing N N 147 
HIS NE2 HE2  sing N N 148 
HIS OXT HXT  sing N N 149 
HOH O   H1   sing N N 150 
HOH O   H2   sing N N 151 
ILE N   CA   sing N N 152 
ILE N   H    sing N N 153 
ILE N   H2   sing N N 154 
ILE CA  C    sing N N 155 
ILE CA  CB   sing N N 156 
ILE CA  HA   sing N N 157 
ILE C   O    doub N N 158 
ILE C   OXT  sing N N 159 
ILE CB  CG1  sing N N 160 
ILE CB  CG2  sing N N 161 
ILE CB  HB   sing N N 162 
ILE CG1 CD1  sing N N 163 
ILE CG1 HG12 sing N N 164 
ILE CG1 HG13 sing N N 165 
ILE CG2 HG21 sing N N 166 
ILE CG2 HG22 sing N N 167 
ILE CG2 HG23 sing N N 168 
ILE CD1 HD11 sing N N 169 
ILE CD1 HD12 sing N N 170 
ILE CD1 HD13 sing N N 171 
ILE OXT HXT  sing N N 172 
LEU N   CA   sing N N 173 
LEU N   H    sing N N 174 
LEU N   H2   sing N N 175 
LEU CA  C    sing N N 176 
LEU CA  CB   sing N N 177 
LEU CA  HA   sing N N 178 
LEU C   O    doub N N 179 
LEU C   OXT  sing N N 180 
LEU CB  CG   sing N N 181 
LEU CB  HB2  sing N N 182 
LEU CB  HB3  sing N N 183 
LEU CG  CD1  sing N N 184 
LEU CG  CD2  sing N N 185 
LEU CG  HG   sing N N 186 
LEU CD1 HD11 sing N N 187 
LEU CD1 HD12 sing N N 188 
LEU CD1 HD13 sing N N 189 
LEU CD2 HD21 sing N N 190 
LEU CD2 HD22 sing N N 191 
LEU CD2 HD23 sing N N 192 
LEU OXT HXT  sing N N 193 
LYS N   CA   sing N N 194 
LYS N   H    sing N N 195 
LYS N   H2   sing N N 196 
LYS CA  C    sing N N 197 
LYS CA  CB   sing N N 198 
LYS CA  HA   sing N N 199 
LYS C   O    doub N N 200 
LYS C   OXT  sing N N 201 
LYS CB  CG   sing N N 202 
LYS CB  HB2  sing N N 203 
LYS CB  HB3  sing N N 204 
LYS CG  CD   sing N N 205 
LYS CG  HG2  sing N N 206 
LYS CG  HG3  sing N N 207 
LYS CD  CE   sing N N 208 
LYS CD  HD2  sing N N 209 
LYS CD  HD3  sing N N 210 
LYS CE  NZ   sing N N 211 
LYS CE  HE2  sing N N 212 
LYS CE  HE3  sing N N 213 
LYS NZ  HZ1  sing N N 214 
LYS NZ  HZ2  sing N N 215 
LYS NZ  HZ3  sing N N 216 
LYS OXT HXT  sing N N 217 
MET N   CA   sing N N 218 
MET N   H    sing N N 219 
MET N   H2   sing N N 220 
MET CA  C    sing N N 221 
MET CA  CB   sing N N 222 
MET CA  HA   sing N N 223 
MET C   O    doub N N 224 
MET C   OXT  sing N N 225 
MET CB  CG   sing N N 226 
MET CB  HB2  sing N N 227 
MET CB  HB3  sing N N 228 
MET CG  SD   sing N N 229 
MET CG  HG2  sing N N 230 
MET CG  HG3  sing N N 231 
MET SD  CE   sing N N 232 
MET CE  HE1  sing N N 233 
MET CE  HE2  sing N N 234 
MET CE  HE3  sing N N 235 
MET OXT HXT  sing N N 236 
NAG C1  C2   sing N N 237 
NAG C1  O1   sing N N 238 
NAG C1  O5   sing N N 239 
NAG C1  H1   sing N N 240 
NAG C2  C3   sing N N 241 
NAG C2  N2   sing N N 242 
NAG C2  H2   sing N N 243 
NAG C3  C4   sing N N 244 
NAG C3  O3   sing N N 245 
NAG C3  H3   sing N N 246 
NAG C4  C5   sing N N 247 
NAG C4  O4   sing N N 248 
NAG C4  H4   sing N N 249 
NAG C5  C6   sing N N 250 
NAG C5  O5   sing N N 251 
NAG C5  H5   sing N N 252 
NAG C6  O6   sing N N 253 
NAG C6  H61  sing N N 254 
NAG C6  H62  sing N N 255 
NAG C7  C8   sing N N 256 
NAG C7  N2   sing N N 257 
NAG C7  O7   doub N N 258 
NAG C8  H81  sing N N 259 
NAG C8  H82  sing N N 260 
NAG C8  H83  sing N N 261 
NAG N2  HN2  sing N N 262 
NAG O1  HO1  sing N N 263 
NAG O3  HO3  sing N N 264 
NAG O4  HO4  sing N N 265 
NAG O6  HO6  sing N N 266 
PHE N   CA   sing N N 267 
PHE N   H    sing N N 268 
PHE N   H2   sing N N 269 
PHE CA  C    sing N N 270 
PHE CA  CB   sing N N 271 
PHE CA  HA   sing N N 272 
PHE C   O    doub N N 273 
PHE C   OXT  sing N N 274 
PHE CB  CG   sing N N 275 
PHE CB  HB2  sing N N 276 
PHE CB  HB3  sing N N 277 
PHE CG  CD1  doub Y N 278 
PHE CG  CD2  sing Y N 279 
PHE CD1 CE1  sing Y N 280 
PHE CD1 HD1  sing N N 281 
PHE CD2 CE2  doub Y N 282 
PHE CD2 HD2  sing N N 283 
PHE CE1 CZ   doub Y N 284 
PHE CE1 HE1  sing N N 285 
PHE CE2 CZ   sing Y N 286 
PHE CE2 HE2  sing N N 287 
PHE CZ  HZ   sing N N 288 
PHE OXT HXT  sing N N 289 
PRO N   CA   sing N N 290 
PRO N   CD   sing N N 291 
PRO N   H    sing N N 292 
PRO CA  C    sing N N 293 
PRO CA  CB   sing N N 294 
PRO CA  HA   sing N N 295 
PRO C   O    doub N N 296 
PRO C   OXT  sing N N 297 
PRO CB  CG   sing N N 298 
PRO CB  HB2  sing N N 299 
PRO CB  HB3  sing N N 300 
PRO CG  CD   sing N N 301 
PRO CG  HG2  sing N N 302 
PRO CG  HG3  sing N N 303 
PRO CD  HD2  sing N N 304 
PRO CD  HD3  sing N N 305 
PRO OXT HXT  sing N N 306 
SER N   CA   sing N N 307 
SER N   H    sing N N 308 
SER N   H2   sing N N 309 
SER CA  C    sing N N 310 
SER CA  CB   sing N N 311 
SER CA  HA   sing N N 312 
SER C   O    doub N N 313 
SER C   OXT  sing N N 314 
SER CB  OG   sing N N 315 
SER CB  HB2  sing N N 316 
SER CB  HB3  sing N N 317 
SER OG  HG   sing N N 318 
SER OXT HXT  sing N N 319 
THR N   CA   sing N N 320 
THR N   H    sing N N 321 
THR N   H2   sing N N 322 
THR CA  C    sing N N 323 
THR CA  CB   sing N N 324 
THR CA  HA   sing N N 325 
THR C   O    doub N N 326 
THR C   OXT  sing N N 327 
THR CB  OG1  sing N N 328 
THR CB  CG2  sing N N 329 
THR CB  HB   sing N N 330 
THR OG1 HG1  sing N N 331 
THR CG2 HG21 sing N N 332 
THR CG2 HG22 sing N N 333 
THR CG2 HG23 sing N N 334 
THR OXT HXT  sing N N 335 
TRP N   CA   sing N N 336 
TRP N   H    sing N N 337 
TRP N   H2   sing N N 338 
TRP CA  C    sing N N 339 
TRP CA  CB   sing N N 340 
TRP CA  HA   sing N N 341 
TRP C   O    doub N N 342 
TRP C   OXT  sing N N 343 
TRP CB  CG   sing N N 344 
TRP CB  HB2  sing N N 345 
TRP CB  HB3  sing N N 346 
TRP CG  CD1  doub Y N 347 
TRP CG  CD2  sing Y N 348 
TRP CD1 NE1  sing Y N 349 
TRP CD1 HD1  sing N N 350 
TRP CD2 CE2  doub Y N 351 
TRP CD2 CE3  sing Y N 352 
TRP NE1 CE2  sing Y N 353 
TRP NE1 HE1  sing N N 354 
TRP CE2 CZ2  sing Y N 355 
TRP CE3 CZ3  doub Y N 356 
TRP CE3 HE3  sing N N 357 
TRP CZ2 CH2  doub Y N 358 
TRP CZ2 HZ2  sing N N 359 
TRP CZ3 CH2  sing Y N 360 
TRP CZ3 HZ3  sing N N 361 
TRP CH2 HH2  sing N N 362 
TRP OXT HXT  sing N N 363 
TYR N   CA   sing N N 364 
TYR N   H    sing N N 365 
TYR N   H2   sing N N 366 
TYR CA  C    sing N N 367 
TYR CA  CB   sing N N 368 
TYR CA  HA   sing N N 369 
TYR C   O    doub N N 370 
TYR C   OXT  sing N N 371 
TYR CB  CG   sing N N 372 
TYR CB  HB2  sing N N 373 
TYR CB  HB3  sing N N 374 
TYR CG  CD1  doub Y N 375 
TYR CG  CD2  sing Y N 376 
TYR CD1 CE1  sing Y N 377 
TYR CD1 HD1  sing N N 378 
TYR CD2 CE2  doub Y N 379 
TYR CD2 HD2  sing N N 380 
TYR CE1 CZ   doub Y N 381 
TYR CE1 HE1  sing N N 382 
TYR CE2 CZ   sing Y N 383 
TYR CE2 HE2  sing N N 384 
TYR CZ  OH   sing N N 385 
TYR OH  HH   sing N N 386 
TYR OXT HXT  sing N N 387 
VAL N   CA   sing N N 388 
VAL N   H    sing N N 389 
VAL N   H2   sing N N 390 
VAL CA  C    sing N N 391 
VAL CA  CB   sing N N 392 
VAL CA  HA   sing N N 393 
VAL C   O    doub N N 394 
VAL C   OXT  sing N N 395 
VAL CB  CG1  sing N N 396 
VAL CB  CG2  sing N N 397 
VAL CB  HB   sing N N 398 
VAL CG1 HG11 sing N N 399 
VAL CG1 HG12 sing N N 400 
VAL CG1 HG13 sing N N 401 
VAL CG2 HG21 sing N N 402 
VAL CG2 HG22 sing N N 403 
VAL CG2 HG23 sing N N 404 
VAL OXT HXT  sing N N 405 
# 
_atom_sites.entry_id                    4P27 
_atom_sites.fract_transf_matrix[1][1]   -0.00927508 
_atom_sites.fract_transf_matrix[1][2]   0.01027806 
_atom_sites.fract_transf_matrix[1][3]   -0.00488835 
_atom_sites.fract_transf_matrix[2][1]   0.00214637 
_atom_sites.fract_transf_matrix[2][2]   0.01409343 
_atom_sites.fract_transf_matrix[2][3]   0.00351135 
_atom_sites.fract_transf_matrix[3][1]   0.00673321 
_atom_sites.fract_transf_matrix[3][2]   0.00141585 
_atom_sites.fract_transf_matrix[3][3]   -0.00979857 
_atom_sites.fract_transf_vector[1]      0.599258 
_atom_sites.fract_transf_vector[2]      0.458146 
_atom_sites.fract_transf_vector[3]      0.040865 
# 
loop_
_atom_type.symbol 
C 
N 
O 
S 
# 
loop_
_atom_site.group_PDB 
_atom_site.id 
_atom_site.type_symbol 
_atom_site.label_atom_id 
_atom_site.label_alt_id 
_atom_site.label_comp_id 
_atom_site.label_asym_id 
_atom_site.label_entity_id 
_atom_site.label_seq_id 
_atom_site.pdbx_PDB_ins_code 
_atom_site.Cartn_x 
_atom_site.Cartn_y 
_atom_site.Cartn_z 
_atom_site.occupancy 
_atom_site.B_iso_or_equiv 
_atom_site.pdbx_formal_charge 
_atom_site.auth_seq_id 
_atom_site.auth_comp_id 
_atom_site.auth_asym_id 
_atom_site.auth_atom_id 
_atom_site.pdbx_PDB_model_num 
ATOM   1    N N   . LEU A 1 4   ? -2.246  -14.571 -11.151 1.00 48.68  ? 4   LEU A N   1 
ATOM   2    C CA  . LEU A 1 4   ? -2.073  -13.104 -11.225 1.00 47.44  ? 4   LEU A CA  1 
ATOM   3    C C   . LEU A 1 4   ? -1.633  -12.659 -12.585 1.00 46.28  ? 4   LEU A C   1 
ATOM   4    O O   . LEU A 1 4   ? -0.672  -13.196 -13.145 1.00 44.21  ? 4   LEU A O   1 
ATOM   5    C CB  . LEU A 1 4   ? -1.029  -12.565 -10.212 1.00 40.49  ? 4   LEU A CB  1 
ATOM   6    C CG  . LEU A 1 4   ? -1.203  -12.827 -8.728  1.00 40.72  ? 4   LEU A CG  1 
ATOM   7    C CD1 . LEU A 1 4   ? -0.331  -11.866 -7.928  1.00 39.17  ? 4   LEU A CD1 1 
ATOM   8    C CD2 . LEU A 1 4   ? -2.664  -12.710 -8.368  1.00 49.41  ? 4   LEU A CD2 1 
ATOM   9    N N   . SER A 1 5   ? -2.253  -11.591 -13.055 1.00 40.42  ? 5   SER A N   1 
ATOM   10   C CA  . SER A 1 5   ? -1.717  -10.854 -14.196 1.00 37.25  ? 5   SER A CA  1 
ATOM   11   C C   . SER A 1 5   ? -0.310  -10.353 -14.021 1.00 43.10  ? 5   SER A C   1 
ATOM   12   O O   . SER A 1 5   ? 0.231   -10.266 -12.912 1.00 43.13  ? 5   SER A O   1 
ATOM   13   C CB  . SER A 1 5   ? -2.644  -9.686  -14.550 1.00 40.94  ? 5   SER A CB  1 
ATOM   14   O OG  . SER A 1 5   ? -2.361  -8.556  -13.740 1.00 43.48  ? 5   SER A OG  1 
ATOM   15   N N   . GLU A 1 6   ? 0.312   -10.060 -15.156 1.00 40.64  ? 6   GLU A N   1 
ATOM   16   C CA  . GLU A 1 6   ? 1.518   -9.286  -15.216 1.00 38.70  ? 6   GLU A CA  1 
ATOM   17   C C   . GLU A 1 6   ? 1.649   -8.086  -14.193 1.00 39.19  ? 6   GLU A C   1 
ATOM   18   O O   . GLU A 1 6   ? 2.624   -7.990  -13.441 1.00 38.93  ? 6   GLU A O   1 
ATOM   19   C CB  . GLU A 1 6   ? 1.519   -8.668  -16.655 1.00 48.12  ? 6   GLU A CB  1 
ATOM   20   C CG  . GLU A 1 6   ? 1.342   -9.732  -17.784 1.00 53.09  ? 6   GLU A CG  1 
ATOM   21   C CD  . GLU A 1 6   ? 2.534   -10.686 -17.834 1.00 51.90  ? 6   GLU A CD  1 
ATOM   22   O OE1 . GLU A 1 6   ? 3.490   -10.511 -16.991 1.00 59.80  ? 6   GLU A OE1 1 
ATOM   23   O OE2 . GLU A 1 6   ? 2.513   -11.591 -18.678 1.00 50.67  ? 6   GLU A OE2 1 
ATOM   24   N N   . GLY A 1 7   ? 0.714   -7.142  -14.261 1.00 37.34  ? 7   GLY A N   1 
ATOM   25   C CA  . GLY A 1 7   ? 0.735   -5.952  -13.374 1.00 39.53  ? 7   GLY A CA  1 
ATOM   26   C C   . GLY A 1 7   ? 0.542   -6.387  -11.907 1.00 28.20  ? 7   GLY A C   1 
ATOM   27   O O   . GLY A 1 7   ? 1.254   -5.910  -11.062 1.00 33.97  ? 7   GLY A O   1 
ATOM   28   N N   . GLN A 1 8   ? -0.369  -7.319  -11.662 1.00 28.46  ? 8   GLN A N   1 
ATOM   29   C CA  . GLN A 1 8   ? -0.731  -7.694  -10.331 1.00 31.78  ? 8   GLN A CA  1 
ATOM   30   C C   . GLN A 1 8   ? 0.501   -8.263  -9.681  1.00 34.91  ? 8   GLN A C   1 
ATOM   31   O O   . GLN A 1 8   ? 0.835   -7.909  -8.537  1.00 31.28  ? 8   GLN A O   1 
ATOM   32   C CB  . GLN A 1 8   ? -1.884  -8.666  -10.375 1.00 32.29  ? 8   GLN A CB  1 
ATOM   33   C CG  . GLN A 1 8   ? -3.258  -7.982  -10.659 1.00 31.60  ? 8   GLN A CG  1 
ATOM   34   C CD  . GLN A 1 8   ? -4.395  -8.996  -10.729 1.00 34.34  ? 8   GLN A CD  1 
ATOM   35   O OE1 . GLN A 1 8   ? -4.176  -10.180 -11.051 1.00 38.98  ? 8   GLN A OE1 1 
ATOM   36   N NE2 . GLN A 1 8   ? -5.599  -8.569  -10.352 1.00 35.62  ? 8   GLN A NE2 1 
ATOM   37   N N   . ARG A 1 9   ? 1.236   -9.101  -10.425 1.00 31.02  ? 9   ARG A N   1 
ATOM   38   C CA  . ARG A 1 9   ? 2.380   -9.755  -9.858  1.00 30.90  ? 9   ARG A CA  1 
ATOM   39   C C   . ARG A 1 9   ? 3.474   -8.737  -9.514  1.00 31.10  ? 9   ARG A C   1 
ATOM   40   O O   . ARG A 1 9   ? 4.049   -8.755  -8.444  1.00 33.84  ? 9   ARG A O   1 
ATOM   41   C CB  . ARG A 1 9   ? 2.923   -10.908 -10.752 1.00 37.68  ? 9   ARG A CB  1 
ATOM   42   C CG  . ARG A 1 9   ? 4.293   -11.457 -10.293 1.00 36.20  ? 9   ARG A CG  1 
ATOM   43   C CD  . ARG A 1 9   ? 4.229   -12.309 -9.017  1.00 43.83  ? 9   ARG A CD  1 
ATOM   44   N NE  . ARG A 1 9   ? 3.177   -13.334 -9.141  1.00 55.87  ? 9   ARG A NE  1 
ATOM   45   C CZ  . ARG A 1 9   ? 2.708   -14.142 -8.177  1.00 53.54  ? 9   ARG A CZ  1 
ATOM   46   N NH1 . ARG A 1 9   ? 3.172   -14.076 -6.940  1.00 49.97  ? 9   ARG A NH1 1 
ATOM   47   N NH2 . ARG A 1 9   ? 1.725   -15.001 -8.469  1.00 50.79  ? 9   ARG A NH2 1 
ATOM   48   N N   . ALA A 1 10  ? 3.727   -7.811  -10.426 1.00 29.98  ? 10  ALA A N   1 
ATOM   49   C CA  . ALA A 1 10  ? 4.646   -6.764  -10.169 1.00 32.78  ? 10  ALA A CA  1 
ATOM   50   C C   . ALA A 1 10  ? 4.241   -5.922  -8.890  1.00 28.88  ? 10  ALA A C   1 
ATOM   51   O O   . ALA A 1 10  ? 5.118   -5.521  -8.101  1.00 29.67  ? 10  ALA A O   1 
ATOM   52   C CB  . ALA A 1 10  ? 4.687   -5.871  -11.428 1.00 34.80  ? 10  ALA A CB  1 
ATOM   53   N N   . ILE A 1 11  ? 2.941   -5.610  -8.736  1.00 30.53  ? 11  ILE A N   1 
ATOM   54   C CA  . ILE A 1 11  ? 2.524   -4.730  -7.632  1.00 26.12  ? 11  ILE A CA  1 
ATOM   55   C C   . ILE A 1 11  ? 2.753   -5.566  -6.331  1.00 26.53  ? 11  ILE A C   1 
ATOM   56   O O   . ILE A 1 11  ? 3.289   -5.090  -5.409  1.00 26.12  ? 11  ILE A O   1 
ATOM   57   C CB  . ILE A 1 11  ? 1.067   -4.359  -7.789  1.00 26.20  ? 11  ILE A CB  1 
ATOM   58   C CG1 . ILE A 1 11  ? 0.925   -3.323  -8.928  1.00 23.34  ? 11  ILE A CG1 1 
ATOM   59   C CG2 . ILE A 1 11  ? 0.497   -3.802  -6.439  1.00 23.82  ? 11  ILE A CG2 1 
ATOM   60   C CD1 . ILE A 1 11  ? -0.508  -3.242  -9.450  1.00 27.27  ? 11  ILE A CD1 1 
ATOM   61   N N   . TYR A 1 12  ? 2.373   -6.835  -6.328  1.00 26.66  ? 12  TYR A N   1 
ATOM   62   C CA  . TYR A 1 12  ? 2.564   -7.754  -5.182  1.00 29.09  ? 12  TYR A CA  1 
ATOM   63   C C   . TYR A 1 12  ? 4.013   -7.875  -4.768  1.00 33.89  ? 12  TYR A C   1 
ATOM   64   O O   . TYR A 1 12  ? 4.373   -7.666  -3.563  1.00 31.47  ? 12  TYR A O   1 
ATOM   65   C CB  . TYR A 1 12  ? 1.970   -9.145  -5.539  1.00 31.06  ? 12  TYR A CB  1 
ATOM   66   C CG  . TYR A 1 12  ? 1.871   -10.127 -4.389  1.00 33.21  ? 12  TYR A CG  1 
ATOM   67   C CD1 . TYR A 1 12  ? 1.652   -9.675  -3.041  1.00 29.14  ? 12  TYR A CD1 1 
ATOM   68   C CD2 . TYR A 1 12  ? 1.983   -11.496 -4.618  1.00 34.28  ? 12  TYR A CD2 1 
ATOM   69   C CE1 . TYR A 1 12  ? 1.524   -10.579 -2.003  1.00 33.07  ? 12  TYR A CE1 1 
ATOM   70   C CE2 . TYR A 1 12  ? 1.903   -12.442 -3.548  1.00 32.16  ? 12  TYR A CE2 1 
ATOM   71   C CZ  . TYR A 1 12  ? 1.683   -11.971 -2.253  1.00 38.34  ? 12  TYR A CZ  1 
ATOM   72   O OH  . TYR A 1 12  ? 1.590   -12.859 -1.198  1.00 35.61  ? 12  TYR A OH  1 
ATOM   73   N N   . ASN A 1 13  ? 4.895   -8.092  -5.754  1.00 30.70  ? 13  ASN A N   1 
ATOM   74   C CA  . ASN A 1 13  ? 6.329   -8.217  -5.391  1.00 30.10  ? 13  ASN A CA  1 
ATOM   75   C C   . ASN A 1 13  ? 6.937   -6.901  -4.912  1.00 27.90  ? 13  ASN A C   1 
ATOM   76   O O   . ASN A 1 13  ? 7.884   -6.879  -4.129  1.00 28.79  ? 13  ASN A O   1 
ATOM   77   C CB  . ASN A 1 13  ? 7.167   -8.676  -6.610  1.00 30.45  ? 13  ASN A CB  1 
ATOM   78   C CG  . ASN A 1 13  ? 6.908   -10.143 -7.027  1.00 33.46  ? 13  ASN A CG  1 
ATOM   79   O OD1 . ASN A 1 13  ? 7.105   -10.469 -8.199  1.00 37.27  ? 13  ASN A OD1 1 
ATOM   80   N ND2 . ASN A 1 13  ? 6.406   -10.978 -6.136  1.00 31.17  ? 13  ASN A ND2 1 
ATOM   81   N N   . PHE A 1 14  ? 6.520   -5.801  -5.501  1.00 25.45  ? 14  PHE A N   1 
ATOM   82   C CA  . PHE A 1 14  ? 7.043   -4.504  -5.071  1.00 26.10  ? 14  PHE A CA  1 
ATOM   83   C C   . PHE A 1 14  ? 6.652   -4.306  -3.565  1.00 23.85  ? 14  PHE A C   1 
ATOM   84   O O   . PHE A 1 14  ? 7.468   -3.881  -2.770  1.00 26.67  ? 14  PHE A O   1 
ATOM   85   C CB  . PHE A 1 14  ? 6.412   -3.385  -5.938  1.00 25.11  ? 14  PHE A CB  1 
ATOM   86   C CG  . PHE A 1 14  ? 7.043   -2.035  -5.682  1.00 29.18  ? 14  PHE A CG  1 
ATOM   87   C CD1 . PHE A 1 14  ? 6.612   -1.231  -4.605  1.00 31.17  ? 14  PHE A CD1 1 
ATOM   88   C CD2 . PHE A 1 14  ? 8.048   -1.546  -6.501  1.00 31.70  ? 14  PHE A CD2 1 
ATOM   89   C CE1 . PHE A 1 14  ? 7.220   -0.030  -4.344  1.00 29.28  ? 14  PHE A CE1 1 
ATOM   90   C CE2 . PHE A 1 14  ? 8.646   -0.292  -6.271  1.00 32.16  ? 14  PHE A CE2 1 
ATOM   91   C CZ  . PHE A 1 14  ? 8.240   0.459   -5.189  1.00 36.10  ? 14  PHE A CZ  1 
ATOM   92   N N   . HIS A 1 15  ? 5.412   -4.658  -3.199  1.00 24.61  ? 15  HIS A N   1 
ATOM   93   C CA  . HIS A 1 15  ? 5.021   -4.548  -1.770  1.00 26.80  ? 15  HIS A CA  1 
ATOM   94   C C   . HIS A 1 15  ? 5.807   -5.496  -0.855  1.00 28.67  ? 15  HIS A C   1 
ATOM   95   O O   . HIS A 1 15  ? 6.310   -5.083  0.189   1.00 29.98  ? 15  HIS A O   1 
ATOM   96   C CB  . HIS A 1 15  ? 3.526   -4.863  -1.593  1.00 23.42  ? 15  HIS A CB  1 
ATOM   97   C CG  . HIS A 1 15  ? 2.638   -3.732  -1.950  1.00 24.64  ? 15  HIS A CG  1 
ATOM   98   N ND1 . HIS A 1 15  ? 2.277   -3.465  -3.254  1.00 28.03  ? 15  HIS A ND1 1 
ATOM   99   C CD2 . HIS A 1 15  ? 1.929   -2.861  -1.173  1.00 26.68  ? 15  HIS A CD2 1 
ATOM   100  C CE1 . HIS A 1 15  ? 1.437   -2.433  -3.275  1.00 29.18  ? 15  HIS A CE1 1 
ATOM   101  N NE2 . HIS A 1 15  ? 1.178   -2.071  -2.028  1.00 23.78  ? 15  HIS A NE2 1 
ATOM   102  N N   . LYS A 1 16  ? 6.018   -6.745  -1.283  1.00 29.51  ? 16  LYS A N   1 
ATOM   103  C CA  . LYS A 1 16  ? 6.908   -7.647  -0.547  1.00 29.89  ? 16  LYS A CA  1 
ATOM   104  C C   . LYS A 1 16  ? 8.288   -7.079  -0.358  1.00 28.10  ? 16  LYS A C   1 
ATOM   105  O O   . LYS A 1 16  ? 8.830   -7.145  0.721   1.00 33.03  ? 16  LYS A O   1 
ATOM   106  C CB  . LYS A 1 16  ? 6.960   -9.054  -1.204  1.00 29.77  ? 16  LYS A CB  1 
ATOM   107  C CG  . LYS A 1 16  ? 5.620   -9.690  -1.060  1.00 36.19  ? 16  LYS A CG  1 
ATOM   108  C CD  . LYS A 1 16  ? 5.653   -11.210 -1.172  1.00 41.02  ? 16  LYS A CD  1 
ATOM   109  C CE  . LYS A 1 16  ? 5.602   -11.615 -2.625  1.00 49.94  ? 16  LYS A CE  1 
ATOM   110  N NZ  . LYS A 1 16  ? 5.445   -13.111 -2.628  1.00 57.64  ? 16  LYS A NZ  1 
ATOM   111  N N   . LYS A 1 17  ? 8.853   -6.498  -1.410  1.00 29.26  ? 17  LYS A N   1 
ATOM   112  C CA  . LYS A 1 17  ? 10.191  -5.971  -1.346  1.00 33.63  ? 17  LYS A CA  1 
ATOM   113  C C   . LYS A 1 17  ? 10.280  -4.734  -0.394  1.00 33.57  ? 17  LYS A C   1 
ATOM   114  O O   . LYS A 1 17  ? 11.240  -4.615  0.340   1.00 31.83  ? 17  LYS A O   1 
ATOM   115  C CB  . LYS A 1 17  ? 10.630  -5.449  -2.723  1.00 36.40  ? 17  LYS A CB  1 
ATOM   116  C CG  . LYS A 1 17  ? 12.151  -5.291  -2.763  1.00 43.73  ? 17  LYS A CG  1 
ATOM   117  C CD  . LYS A 1 17  ? 12.554  -4.010  -3.417  1.00 54.25  ? 17  LYS A CD  1 
ATOM   118  C CE  . LYS A 1 17  ? 14.059  -3.791  -3.279  1.00 68.49  ? 17  LYS A CE  1 
ATOM   119  N NZ  . LYS A 1 17  ? 14.282  -2.316  -3.388  1.00 50.46  ? 17  LYS A NZ  1 
ATOM   120  N N   . VAL A 1 18  ? 9.347   -3.766  -0.523  1.00 31.91  ? 18  VAL A N   1 
ATOM   121  C CA  . VAL A 1 18  ? 9.288   -2.616  0.431   1.00 30.40  ? 18  VAL A CA  1 
ATOM   122  C C   . VAL A 1 18  ? 9.287   -3.089  1.919   1.00 24.63  ? 18  VAL A C   1 
ATOM   123  O O   . VAL A 1 18  ? 10.020  -2.611  2.759   1.00 26.68  ? 18  VAL A O   1 
ATOM   124  C CB  . VAL A 1 18  ? 8.051   -1.779  0.153   1.00 34.71  ? 18  VAL A CB  1 
ATOM   125  C CG1 . VAL A 1 18  ? 7.750   -0.724  1.244   1.00 33.18  ? 18  VAL A CG1 1 
ATOM   126  C CG2 . VAL A 1 18  ? 8.275   -1.094  -1.173  1.00 31.86  ? 18  VAL A CG2 1 
ATOM   127  N N   . ARG A 1 19  ? 8.504   -4.082  2.209   1.00 25.52  ? 19  ARG A N   1 
ATOM   128  C CA  . ARG A 1 19  ? 8.334   -4.543  3.569   1.00 26.96  ? 19  ARG A CA  1 
ATOM   129  C C   . ARG A 1 19  ? 9.601   -5.274  4.030   1.00 34.66  ? 19  ARG A C   1 
ATOM   130  O O   . ARG A 1 19  ? 10.001  -5.152  5.189   1.00 28.90  ? 19  ARG A O   1 
ATOM   131  C CB  . ARG A 1 19  ? 7.110   -5.519  3.597   1.00 23.69  ? 19  ARG A CB  1 
ATOM   132  C CG  . ARG A 1 19  ? 5.811   -4.658  3.602   1.00 23.71  ? 19  ARG A CG  1 
ATOM   133  C CD  . ARG A 1 19  ? 4.572   -5.494  3.405   1.00 25.51  ? 19  ARG A CD  1 
ATOM   134  N NE  . ARG A 1 19  ? 4.054   -6.117  4.644   1.00 24.63  ? 19  ARG A NE  1 
ATOM   135  C CZ  . ARG A 1 19  ? 3.280   -5.496  5.533   1.00 26.83  ? 19  ARG A CZ  1 
ATOM   136  N NH1 . ARG A 1 19  ? 2.802   -6.188  6.542   1.00 23.83  ? 19  ARG A NH1 1 
ATOM   137  N NH2 . ARG A 1 19  ? 2.878   -4.216  5.350   1.00 23.04  ? 19  ARG A NH2 1 
ATOM   138  N N   . LYS A 1 20  ? 10.214  -6.059  3.118   1.00 32.02  ? 20  LYS A N   1 
ATOM   139  C CA  . LYS A 1 20  ? 11.513  -6.666  3.441   1.00 32.46  ? 20  LYS A CA  1 
ATOM   140  C C   . LYS A 1 20  ? 12.577  -5.601  3.664   1.00 29.76  ? 20  LYS A C   1 
ATOM   141  O O   . LYS A 1 20  ? 13.285  -5.729  4.582   1.00 29.16  ? 20  LYS A O   1 
ATOM   142  C CB  . LYS A 1 20  ? 12.002  -7.619  2.321   1.00 33.89  ? 20  LYS A CB  1 
ATOM   143  C CG  . LYS A 1 20  ? 13.214  -8.432  2.791   1.00 43.96  ? 20  LYS A CG  1 
ATOM   144  C CD  . LYS A 1 20  ? 13.439  -9.688  1.960   1.00 51.28  ? 20  LYS A CD  1 
ATOM   145  C CE  . LYS A 1 20  ? 14.865  -10.183 2.145   1.00 55.70  ? 20  LYS A CE  1 
ATOM   146  N NZ  . LYS A 1 20  ? 15.039  -11.489 1.470   1.00 71.38  ? 20  LYS A NZ  1 
ATOM   147  N N   . ASP A 1 21  ? 12.703  -4.610  2.771   1.00 30.01  ? 21  ASP A N   1 
ATOM   148  C CA  . ASP A 1 21  ? 13.594  -3.515  2.933   1.00 29.63  ? 21  ASP A CA  1 
ATOM   149  C C   . ASP A 1 21  ? 13.444  -2.748  4.258   1.00 37.09  ? 21  ASP A C   1 
ATOM   150  O O   . ASP A 1 21  ? 14.473  -2.432  4.888   1.00 34.41  ? 21  ASP A O   1 
ATOM   151  C CB  . ASP A 1 21  ? 13.348  -2.524  1.865   1.00 32.93  ? 21  ASP A CB  1 
ATOM   152  C CG  . ASP A 1 21  ? 13.949  -2.947  0.540   1.00 40.74  ? 21  ASP A CG  1 
ATOM   153  O OD1 . ASP A 1 21  ? 14.621  -3.961  0.526   1.00 38.54  ? 21  ASP A OD1 1 
ATOM   154  O OD2 . ASP A 1 21  ? 13.740  -2.253  -0.451  1.00 36.20  ? 21  ASP A OD2 1 
ATOM   155  N N   . VAL A 1 22  ? 12.196  -2.374  4.640   1.00 31.67  ? 22  VAL A N   1 
ATOM   156  C CA  . VAL A 1 22  ? 12.008  -1.601  5.891   1.00 27.65  ? 22  VAL A CA  1 
ATOM   157  C C   . VAL A 1 22  ? 12.436  -2.445  7.112   1.00 27.94  ? 22  VAL A C   1 
ATOM   158  O O   . VAL A 1 22  ? 13.009  -1.873  8.052   1.00 33.39  ? 22  VAL A O   1 
ATOM   159  C CB  . VAL A 1 22  ? 10.572  -0.973  6.028   1.00 28.38  ? 22  VAL A CB  1 
ATOM   160  C CG1 . VAL A 1 22  ? 9.524   -1.982  6.449   1.00 22.59  ? 22  VAL A CG1 1 
ATOM   161  C CG2 . VAL A 1 22  ? 10.589  0.212   6.994   1.00 29.90  ? 22  VAL A CG2 1 
ATOM   162  N N   . LYS A 1 23  ? 12.209  -3.770  7.112   1.00 29.39  ? 23  LYS A N   1 
ATOM   163  C CA  . LYS A 1 23  ? 12.800  -4.632  8.176   1.00 32.70  ? 23  LYS A CA  1 
ATOM   164  C C   . LYS A 1 23  ? 14.335  -4.725  8.251   1.00 37.41  ? 23  LYS A C   1 
ATOM   165  O O   . LYS A 1 23  ? 14.845  -5.295  9.205   1.00 36.59  ? 23  LYS A O   1 
ATOM   166  C CB  . LYS A 1 23  ? 12.316  -6.027  8.098   1.00 26.88  ? 23  LYS A CB  1 
ATOM   167  C CG  . LYS A 1 23  ? 10.870  -6.079  8.368   1.00 36.12  ? 23  LYS A CG  1 
ATOM   168  C CD  . LYS A 1 23  ? 10.452  -7.477  8.706   1.00 45.41  ? 23  LYS A CD  1 
ATOM   169  C CE  . LYS A 1 23  ? 10.505  -8.290  7.460   1.00 48.90  ? 23  LYS A CE  1 
ATOM   170  N NZ  . LYS A 1 23  ? 9.535   -9.409  7.556   1.00 60.76  ? 23  LYS A NZ  1 
ATOM   171  N N   . ASN A 1 24  ? 15.036  -4.199  7.256   1.00 33.55  ? 24  ASN A N   1 
ATOM   172  C CA  . ASN A 1 24  ? 16.467  -4.426  7.103   1.00 36.78  ? 24  ASN A CA  1 
ATOM   173  C C   . ASN A 1 24  ? 17.175  -3.132  6.808   1.00 42.28  ? 24  ASN A C   1 
ATOM   174  O O   . ASN A 1 24  ? 18.169  -3.170  6.121   1.00 38.65  ? 24  ASN A O   1 
ATOM   175  C CB  . ASN A 1 24  ? 16.685  -5.350  5.904   1.00 40.41  ? 24  ASN A CB  1 
ATOM   176  C CG  . ASN A 1 24  ? 16.348  -6.752  6.247   1.00 44.14  ? 24  ASN A CG  1 
ATOM   177  O OD1 . ASN A 1 24  ? 17.067  -7.325  7.047   1.00 59.29  ? 24  ASN A OD1 1 
ATOM   178  N ND2 . ASN A 1 24  ? 15.171  -7.268  5.804   1.00 45.51  ? 24  ASN A ND2 1 
ATOM   179  N N   . CYS A 1 25  ? 16.620  -1.986  7.249   1.00 35.88  ? 25  CYS A N   1 
ATOM   180  C CA  . CYS A 1 25  ? 17.303  -0.690  7.196   1.00 37.32  ? 25  CYS A CA  1 
ATOM   181  C C   . CYS A 1 25  ? 17.496  -0.169  5.806   1.00 39.59  ? 25  CYS A C   1 
ATOM   182  O O   . CYS A 1 25  ? 18.386  0.632   5.569   1.00 39.00  ? 25  CYS A O   1 
ATOM   183  C CB  . CYS A 1 25  ? 18.674  -0.720  7.892   1.00 36.27  ? 25  CYS A CB  1 
ATOM   184  S SG  . CYS A 1 25  ? 18.595  -0.988  9.656   1.00 42.20  ? 25  CYS A SG  1 
ATOM   185  N N   . ARG A 1 26  ? 16.658  -0.599  4.879   1.00 36.88  ? 26  ARG A N   1 
ATOM   186  C CA  . ARG A 1 26  ? 16.915  -0.310  3.505   1.00 39.71  ? 26  ARG A CA  1 
ATOM   187  C C   . ARG A 1 26  ? 15.931  0.733   3.047   1.00 43.25  ? 26  ARG A C   1 
ATOM   188  O O   . ARG A 1 26  ? 15.953  1.100   1.887   1.00 47.99  ? 26  ARG A O   1 
ATOM   189  C CB  . ARG A 1 26  ? 16.857  -1.583  2.621   1.00 36.36  ? 26  ARG A CB  1 
ATOM   190  C CG  . ARG A 1 26  ? 18.090  -2.524  2.717   1.00 44.85  ? 26  ARG A CG  1 
ATOM   191  C CD  . ARG A 1 26  ? 17.972  -3.711  1.705   1.00 47.48  ? 26  ARG A CD  1 
ATOM   192  N NE  . ARG A 1 26  ? 17.998  -5.059  2.343   1.00 55.99  ? 26  ARG A NE  1 
ATOM   193  C CZ  . ARG A 1 26  ? 17.034  -5.995  2.277   1.00 54.91  ? 26  ARG A CZ  1 
ATOM   194  N NH1 . ARG A 1 26  ? 15.904  -5.778  1.617   1.00 57.31  ? 26  ARG A NH1 1 
ATOM   195  N NH2 . ARG A 1 26  ? 17.182  -7.163  2.905   1.00 66.47  ? 26  ARG A NH2 1 
ATOM   196  N N   . ILE A 1 27  ? 15.090  1.267   3.932   1.00 41.92  ? 27  ILE A N   1 
ATOM   197  C CA  . ILE A 1 27  ? 14.360  2.530   3.552   1.00 40.47  ? 27  ILE A CA  1 
ATOM   198  C C   . ILE A 1 27  ? 15.064  3.697   4.181   1.00 36.73  ? 27  ILE A C   1 
ATOM   199  O O   . ILE A 1 27  ? 15.075  3.758   5.422   1.00 38.28  ? 27  ILE A O   1 
ATOM   200  C CB  . ILE A 1 27  ? 12.904  2.562   4.110   1.00 43.26  ? 27  ILE A CB  1 
ATOM   201  C CG1 . ILE A 1 27  ? 12.223  1.199   3.872   1.00 43.28  ? 27  ILE A CG1 1 
ATOM   202  C CG2 . ILE A 1 27  ? 12.131  3.788   3.615   1.00 35.80  ? 27  ILE A CG2 1 
ATOM   203  C CD1 . ILE A 1 27  ? 11.802  0.955   2.460   1.00 35.21  ? 27  ILE A CD1 1 
ATOM   204  N N   . PRO A 1 28  ? 15.626  4.620   3.372   1.00 35.97  ? 28  PRO A N   1 
ATOM   205  C CA  . PRO A 1 28  ? 16.491  5.687   3.915   1.00 38.18  ? 28  PRO A CA  1 
ATOM   206  C C   . PRO A 1 28  ? 15.769  6.526   4.980   1.00 39.34  ? 28  PRO A C   1 
ATOM   207  O O   . PRO A 1 28  ? 14.627  6.977   4.774   1.00 37.47  ? 28  PRO A O   1 
ATOM   208  C CB  . PRO A 1 28  ? 16.778  6.575   2.662   1.00 40.12  ? 28  PRO A CB  1 
ATOM   209  C CG  . PRO A 1 28  ? 16.871  5.527   1.548   1.00 40.94  ? 28  PRO A CG  1 
ATOM   210  C CD  . PRO A 1 28  ? 15.697  4.574   1.886   1.00 37.53  ? 28  PRO A CD  1 
ATOM   211  N N   . GLY A 1 29  ? 16.461  6.738   6.094   1.00 33.76  ? 29  GLY A N   1 
ATOM   212  C CA  . GLY A 1 29  ? 16.024  7.693   7.132   1.00 34.39  ? 29  GLY A CA  1 
ATOM   213  C C   . GLY A 1 29  ? 14.846  7.109   7.915   1.00 35.61  ? 29  GLY A C   1 
ATOM   214  O O   . GLY A 1 29  ? 14.210  7.806   8.661   1.00 36.56  ? 29  GLY A O   1 
ATOM   215  N N   . GLN A 1 30  ? 14.514  5.835   7.745   1.00 34.46  ? 30  GLN A N   1 
ATOM   216  C CA  . GLN A 1 30  ? 13.318  5.333   8.488   1.00 34.64  ? 30  GLN A CA  1 
ATOM   217  C C   . GLN A 1 30  ? 13.825  4.285   9.440   1.00 31.22  ? 30  GLN A C   1 
ATOM   218  O O   . GLN A 1 30  ? 14.566  3.458   8.993   1.00 33.42  ? 30  GLN A O   1 
ATOM   219  C CB  . GLN A 1 30  ? 12.276  4.680   7.510   1.00 30.45  ? 30  GLN A CB  1 
ATOM   220  C CG  . GLN A 1 30  ? 11.474  5.659   6.625   1.00 29.14  ? 30  GLN A CG  1 
ATOM   221  C CD  . GLN A 1 30  ? 10.768  6.736   7.434   1.00 32.00  ? 30  GLN A CD  1 
ATOM   222  O OE1 . GLN A 1 30  ? 10.361  6.520   8.564   1.00 31.53  ? 30  GLN A OE1 1 
ATOM   223  N NE2 . GLN A 1 30  ? 10.580  7.899   6.824   1.00 38.28  ? 30  GLN A NE2 1 
ATOM   224  N N   . PRO A 1 31  ? 13.362  4.247   10.717  1.00 33.20  ? 31  PRO A N   1 
ATOM   225  C CA  . PRO A 1 31  ? 13.828  3.158   11.594  1.00 30.83  ? 31  PRO A CA  1 
ATOM   226  C C   . PRO A 1 31  ? 13.410  1.790   11.065  1.00 31.88  ? 31  PRO A C   1 
ATOM   227  O O   . PRO A 1 31  ? 12.377  1.686   10.432  1.00 31.95  ? 31  PRO A O   1 
ATOM   228  C CB  . PRO A 1 31  ? 13.153  3.462   12.937  1.00 37.83  ? 31  PRO A CB  1 
ATOM   229  C CG  . PRO A 1 31  ? 11.852  4.139   12.563  1.00 33.75  ? 31  PRO A CG  1 
ATOM   230  C CD  . PRO A 1 31  ? 12.260  5.013   11.352  1.00 33.60  ? 31  PRO A CD  1 
ATOM   231  N N   . PRO A 1 32  ? 14.213  0.737   11.325  1.00 33.99  ? 32  PRO A N   1 
ATOM   232  C CA  . PRO A 1 32  ? 13.805  -0.552  10.784  1.00 32.24  ? 32  PRO A CA  1 
ATOM   233  C C   . PRO A 1 32  ? 12.661  -1.127  11.588  1.00 33.65  ? 32  PRO A C   1 
ATOM   234  O O   . PRO A 1 32  ? 12.581  -0.892  12.773  1.00 32.05  ? 32  PRO A O   1 
ATOM   235  C CB  . PRO A 1 32  ? 15.078  -1.467  11.001  1.00 31.86  ? 32  PRO A CB  1 
ATOM   236  C CG  . PRO A 1 32  ? 15.814  -0.816  12.131  1.00 31.66  ? 32  PRO A CG  1 
ATOM   237  C CD  . PRO A 1 32  ? 15.612  0.697   11.859  1.00 29.77  ? 32  PRO A CD  1 
ATOM   238  N N   . ALA A 1 33  ? 11.863  -1.974  10.971  1.00 30.21  ? 33  ALA A N   1 
ATOM   239  C CA  . ALA A 1 33  ? 10.748  -2.549  11.631  1.00 28.52  ? 33  ALA A CA  1 
ATOM   240  C C   . ALA A 1 33  ? 11.110  -3.851  12.337  1.00 35.96  ? 33  ALA A C   1 
ATOM   241  O O   . ALA A 1 33  ? 11.869  -4.702  11.770  1.00 33.51  ? 33  ALA A O   1 
ATOM   242  C CB  . ALA A 1 33  ? 9.701   -2.831  10.587  1.00 25.52  ? 33  ALA A CB  1 
ATOM   243  N N   . LYS A 1 34  ? 10.561  -4.047  13.535  1.00 35.55  ? 34  LYS A N   1 
ATOM   244  C CA  . LYS A 1 34  ? 10.811  -5.252  14.285  1.00 35.62  ? 34  LYS A CA  1 
ATOM   245  C C   . LYS A 1 34  ? 10.094  -6.477  13.694  1.00 40.34  ? 34  LYS A C   1 
ATOM   246  O O   . LYS A 1 34  ? 10.667  -7.576  13.632  1.00 39.78  ? 34  LYS A O   1 
ATOM   247  C CB  . LYS A 1 34  ? 10.371  -5.099  15.732  1.00 43.41  ? 34  LYS A CB  1 
ATOM   248  C CG  . LYS A 1 34  ? 10.756  -6.277  16.651  1.00 42.48  ? 34  LYS A CG  1 
ATOM   249  C CD  . LYS A 1 34  ? 9.923   -6.211  17.923  1.00 50.47  ? 34  LYS A CD  1 
ATOM   250  C CE  . LYS A 1 34  ? 10.724  -6.467  19.192  1.00 55.16  ? 34  LYS A CE  1 
ATOM   251  N NZ  . LYS A 1 34  ? 10.048  -7.606  19.854  1.00 63.05  ? 34  LYS A NZ  1 
ATOM   252  N N   . ASN A 1 35  ? 8.841   -6.308  13.305  1.00 35.40  ? 35  ASN A N   1 
ATOM   253  C CA  . ASN A 1 35  ? 8.028   -7.385  12.751  1.00 39.49  ? 35  ASN A CA  1 
ATOM   254  C C   . ASN A 1 35  ? 7.033   -6.766  11.687  1.00 39.43  ? 35  ASN A C   1 
ATOM   255  O O   . ASN A 1 35  ? 6.606   -5.606  11.863  1.00 39.40  ? 35  ASN A O   1 
ATOM   256  C CB  . ASN A 1 35  ? 7.200   -8.022  13.844  1.00 40.77  ? 35  ASN A CB  1 
ATOM   257  C CG  . ASN A 1 35  ? 6.294   -9.120  13.286  1.00 60.87  ? 35  ASN A CG  1 
ATOM   258  O OD1 . ASN A 1 35  ? 6.808   -10.182 12.914  1.00 66.51  ? 35  ASN A OD1 1 
ATOM   259  N ND2 . ASN A 1 35  ? 4.955   -8.849  13.146  1.00 59.02  ? 35  ASN A ND2 1 
ATOM   260  N N   . LEU A 1 36  ? 6.639   -7.519  10.654  1.00 35.26  ? 36  LEU A N   1 
ATOM   261  C CA  . LEU A 1 36  ? 5.530   -7.108  9.747   1.00 34.06  ? 36  LEU A CA  1 
ATOM   262  C C   . LEU A 1 36  ? 4.897   -8.417  9.388   1.00 36.62  ? 36  LEU A C   1 
ATOM   263  O O   . LEU A 1 36  ? 5.599   -9.377  9.150   1.00 33.25  ? 36  LEU A O   1 
ATOM   264  C CB  . LEU A 1 36  ? 6.081   -6.459  8.475   1.00 31.89  ? 36  LEU A CB  1 
ATOM   265  C CG  . LEU A 1 36  ? 6.822   -5.162  8.652   1.00 33.58  ? 36  LEU A CG  1 
ATOM   266  C CD1 . LEU A 1 36  ? 7.304   -4.716  7.276   1.00 31.32  ? 36  LEU A CD1 1 
ATOM   267  C CD2 . LEU A 1 36  ? 6.024   -4.078  9.412   1.00 29.09  ? 36  LEU A CD2 1 
ATOM   268  N N   . THR A 1 37  ? 3.576   -8.497  9.391   1.00 35.62  ? 37  THR A N   1 
ATOM   269  C CA  . THR A 1 37  ? 2.950   -9.676  8.928   1.00 29.45  ? 37  THR A CA  1 
ATOM   270  C C   . THR A 1 37  ? 3.290   -9.876  7.424   1.00 33.25  ? 37  THR A C   1 
ATOM   271  O O   . THR A 1 37  ? 3.354   -8.866  6.660   1.00 32.38  ? 37  THR A O   1 
ATOM   272  C CB  . THR A 1 37  ? 1.438   -9.487  9.152   1.00 34.32  ? 37  THR A CB  1 
ATOM   273  O OG1 . THR A 1 37  ? 1.285   -9.175  10.525  1.00 40.27  ? 37  THR A OG1 1 
ATOM   274  C CG2 . THR A 1 37  ? 0.638   -10.759 8.883   1.00 30.44  ? 37  THR A CG2 1 
ATOM   275  N N   . LYS A 1 38  ? 3.473   -11.131 6.985   1.00 34.97  ? 38  LYS A N   1 
ATOM   276  C CA  . LYS A 1 38  ? 3.650   -11.485 5.552   1.00 39.74  ? 38  LYS A CA  1 
ATOM   277  C C   . LYS A 1 38  ? 2.362   -11.227 4.812   1.00 34.65  ? 38  LYS A C   1 
ATOM   278  O O   . LYS A 1 38  ? 1.312   -11.710 5.248   1.00 35.24  ? 38  LYS A O   1 
ATOM   279  C CB  . LYS A 1 38  ? 3.938   -12.994 5.302   1.00 47.97  ? 38  LYS A CB  1 
ATOM   280  C CG  . LYS A 1 38  ? 5.257   -13.529 5.815   1.00 66.60  ? 38  LYS A CG  1 
ATOM   281  C CD  . LYS A 1 38  ? 6.453   -12.857 5.172   1.00 60.23  ? 38  LYS A CD  1 
ATOM   282  C CE  . LYS A 1 38  ? 7.503   -12.614 6.237   1.00 64.07  ? 38  LYS A CE  1 
ATOM   283  N NZ  . LYS A 1 38  ? 8.807   -13.123 5.723   1.00 66.32  ? 38  LYS A NZ  1 
ATOM   284  N N   . LEU A 1 39  ? 2.440   -10.530 3.672   1.00 26.70  ? 39  LEU A N   1 
ATOM   285  C CA  . LEU A 1 39  ? 1.238   -10.209 2.918   1.00 31.54  ? 39  LEU A CA  1 
ATOM   286  C C   . LEU A 1 39  ? 0.798   -11.427 2.158   1.00 33.23  ? 39  LEU A C   1 
ATOM   287  O O   . LEU A 1 39  ? 1.610   -12.006 1.550   1.00 31.77  ? 39  LEU A O   1 
ATOM   288  C CB  . LEU A 1 39  ? 1.586   -9.141  1.873   1.00 27.04  ? 39  LEU A CB  1 
ATOM   289  C CG  . LEU A 1 39  ? 1.793   -7.752  2.385   1.00 29.93  ? 39  LEU A CG  1 
ATOM   290  C CD1 . LEU A 1 39  ? 2.026   -6.777  1.196   1.00 28.22  ? 39  LEU A CD1 1 
ATOM   291  C CD2 . LEU A 1 39  ? 0.596   -7.313  3.260   1.00 24.92  ? 39  LEU A CD2 1 
ATOM   292  N N   . LYS A 1 40  ? -0.483  -11.744 2.105   1.00 32.02  ? 40  LYS A N   1 
ATOM   293  C CA  . LYS A 1 40  ? -0.988  -12.751 1.186   1.00 32.19  ? 40  LYS A CA  1 
ATOM   294  C C   . LYS A 1 40  ? -1.976  -12.116 0.231   1.00 32.80  ? 40  LYS A C   1 
ATOM   295  O O   . LYS A 1 40  ? -2.780  -11.295 0.630   1.00 33.00  ? 40  LYS A O   1 
ATOM   296  C CB  . LYS A 1 40  ? -1.743  -13.827 1.968   1.00 33.54  ? 40  LYS A CB  1 
ATOM   297  C CG  . LYS A 1 40  ? -0.777  -14.698 2.745   1.00 45.69  ? 40  LYS A CG  1 
ATOM   298  C CD  . LYS A 1 40  ? -1.445  -15.389 3.931   1.00 56.69  ? 40  LYS A CD  1 
ATOM   299  C CE  . LYS A 1 40  ? -2.968  -15.362 3.864   1.00 63.98  ? 40  LYS A CE  1 
ATOM   300  N NZ  . LYS A 1 40  ? -3.411  -14.444 4.950   1.00 75.22  ? 40  LYS A NZ  1 
ATOM   301  N N   . TRP A 1 41  ? -1.906  -12.494 -1.030  1.00 29.63  ? 41  TRP A N   1 
ATOM   302  C CA  . TRP A 1 41  ? -2.802  -11.955 -2.025  1.00 34.96  ? 41  TRP A CA  1 
ATOM   303  C C   . TRP A 1 41  ? -4.188  -12.430 -1.765  1.00 35.90  ? 41  TRP A C   1 
ATOM   304  O O   . TRP A 1 41  ? -4.342  -13.521 -1.336  1.00 39.75  ? 41  TRP A O   1 
ATOM   305  C CB  . TRP A 1 41  ? -2.383  -12.485 -3.394  1.00 36.39  ? 41  TRP A CB  1 
ATOM   306  C CG  . TRP A 1 41  ? -3.151  -11.834 -4.495  1.00 34.30  ? 41  TRP A CG  1 
ATOM   307  C CD1 . TRP A 1 41  ? -4.276  -12.314 -5.112  1.00 32.21  ? 41  TRP A CD1 1 
ATOM   308  C CD2 . TRP A 1 41  ? -2.868  -10.563 -5.085  1.00 30.41  ? 41  TRP A CD2 1 
ATOM   309  N NE1 . TRP A 1 41  ? -4.695  -11.412 -6.103  1.00 34.36  ? 41  TRP A NE1 1 
ATOM   310  C CE2 . TRP A 1 41  ? -3.831  -10.344 -6.108  1.00 32.19  ? 41  TRP A CE2 1 
ATOM   311  C CE3 . TRP A 1 41  ? -1.863  -9.607  -4.886  1.00 29.64  ? 41  TRP A CE3 1 
ATOM   312  C CZ2 . TRP A 1 41  ? -3.846  -9.173  -6.909  1.00 30.48  ? 41  TRP A CZ2 1 
ATOM   313  C CZ3 . TRP A 1 41  ? -1.867  -8.418  -5.735  1.00 28.86  ? 41  TRP A CZ3 1 
ATOM   314  C CH2 . TRP A 1 41  ? -2.839  -8.252  -6.713  1.00 29.47  ? 41  TRP A CH2 1 
ATOM   315  N N   . ASN A 1 42  ? -5.215  -11.651 -2.057  1.00 29.82  ? 42  ASN A N   1 
ATOM   316  C CA  . ASN A 1 42  ? -6.567  -12.054 -1.725  1.00 29.17  ? 42  ASN A CA  1 
ATOM   317  C C   . ASN A 1 42  ? -7.461  -11.685 -2.873  1.00 34.30  ? 42  ASN A C   1 
ATOM   318  O O   . ASN A 1 42  ? -7.454  -10.534 -3.355  1.00 29.80  ? 42  ASN A O   1 
ATOM   319  C CB  . ASN A 1 42  ? -7.090  -11.357 -0.513  1.00 27.23  ? 42  ASN A CB  1 
ATOM   320  C CG  . ASN A 1 42  ? -8.538  -11.727 -0.221  1.00 32.49  ? 42  ASN A CG  1 
ATOM   321  O OD1 . ASN A 1 42  ? -9.507  -11.142 -0.704  1.00 32.70  ? 42  ASN A OD1 1 
ATOM   322  N ND2 . ASN A 1 42  ? -8.685  -12.680 0.663   1.00 32.69  ? 42  ASN A ND2 1 
ATOM   323  N N   . LYS A 1 43  ? -8.200  -12.659 -3.380  1.00 37.54  ? 43  LYS A N   1 
ATOM   324  C CA  . LYS A 1 43  ? -8.830  -12.565 -4.730  1.00 36.92  ? 43  LYS A CA  1 
ATOM   325  C C   . LYS A 1 43  ? -9.994  -11.619 -4.629  1.00 34.99  ? 43  LYS A C   1 
ATOM   326  O O   . LYS A 1 43  ? -10.282 -10.872 -5.556  1.00 37.64  ? 43  LYS A O   1 
ATOM   327  C CB  . LYS A 1 43  ? -9.382  -13.948 -5.135  1.00 46.26  ? 43  LYS A CB  1 
ATOM   328  C CG  . LYS A 1 43  ? -9.288  -14.315 -6.597  1.00 56.14  ? 43  LYS A CG  1 
ATOM   329  C CD  . LYS A 1 43  ? -8.388  -15.535 -6.782  1.00 66.79  ? 43  LYS A CD  1 
ATOM   330  C CE  . LYS A 1 43  ? -9.186  -16.745 -7.242  1.00 76.07  ? 43  LYS A CE  1 
ATOM   331  N NZ  . LYS A 1 43  ? -8.386  -18.006 -7.127  1.00 81.44  ? 43  LYS A NZ  1 
ATOM   332  N N   . LEU A 1 44  ? -10.698 -11.677 -3.491  1.00 33.54  ? 44  LEU A N   1 
ATOM   333  C CA  . LEU A 1 44  ? -11.835 -10.805 -3.242  1.00 37.99  ? 44  LEU A CA  1 
ATOM   334  C C   . LEU A 1 44  ? -11.426 -9.288  -3.149  1.00 36.87  ? 44  LEU A C   1 
ATOM   335  O O   . LEU A 1 44  ? -12.139 -8.388  -3.693  1.00 31.02  ? 44  LEU A O   1 
ATOM   336  C CB  . LEU A 1 44  ? -12.577 -11.234 -1.959  1.00 44.05  ? 44  LEU A CB  1 
ATOM   337  C CG  . LEU A 1 44  ? -14.107 -11.201 -1.943  1.00 61.44  ? 44  LEU A CG  1 
ATOM   338  C CD1 . LEU A 1 44  ? -14.633 -11.272 -0.501  1.00 55.85  ? 44  LEU A CD1 1 
ATOM   339  C CD2 . LEU A 1 44  ? -14.739 -10.058 -2.782  1.00 56.81  ? 44  LEU A CD2 1 
ATOM   340  N N   . LEU A 1 45  ? -10.334 -9.009  -2.442  1.00 31.21  ? 45  LEU A N   1 
ATOM   341  C CA  . LEU A 1 45  ? -9.814  -7.641  -2.388  1.00 30.10  ? 45  LEU A CA  1 
ATOM   342  C C   . LEU A 1 45  ? -9.466  -7.201  -3.860  1.00 29.18  ? 45  LEU A C   1 
ATOM   343  O O   . LEU A 1 45  ? -9.768  -6.045  -4.240  1.00 30.00  ? 45  LEU A O   1 
ATOM   344  C CB  . LEU A 1 45  ? -8.614  -7.578  -1.495  1.00 29.38  ? 45  LEU A CB  1 
ATOM   345  C CG  . LEU A 1 45  ? -8.680  -7.741  0.023   1.00 33.59  ? 45  LEU A CG  1 
ATOM   346  C CD1 . LEU A 1 45  ? -7.280  -7.485  0.578   1.00 26.03  ? 45  LEU A CD1 1 
ATOM   347  C CD2 . LEU A 1 45  ? -9.703  -6.753  0.644   1.00 29.67  ? 45  LEU A CD2 1 
ATOM   348  N N   . ALA A 1 46  ? -8.839  -8.097  -4.636  1.00 29.12  ? 46  ALA A N   1 
ATOM   349  C CA  . ALA A 1 46  ? -8.322  -7.793  -5.980  1.00 34.42  ? 46  ALA A CA  1 
ATOM   350  C C   . ALA A 1 46  ? -9.475  -7.518  -6.975  1.00 37.88  ? 46  ALA A C   1 
ATOM   351  O O   . ALA A 1 46  ? -9.467  -6.534  -7.706  1.00 33.92  ? 46  ALA A O   1 
ATOM   352  C CB  . ALA A 1 46  ? -7.430  -8.895  -6.501  1.00 27.55  ? 46  ALA A CB  1 
ATOM   353  N N   . ASN A 1 47  ? -10.523 -8.318  -6.891  1.00 36.84  ? 47  ASN A N   1 
ATOM   354  C CA  . ASN A 1 47  ? -11.681 -8.097  -7.716  1.00 36.46  ? 47  ASN A CA  1 
ATOM   355  C C   . ASN A 1 47  ? -12.400 -6.850  -7.365  1.00 36.77  ? 47  ASN A C   1 
ATOM   356  O O   . ASN A 1 47  ? -12.917 -6.148  -8.282  1.00 38.40  ? 47  ASN A O   1 
ATOM   357  C CB  . ASN A 1 47  ? -12.646 -9.280  -7.609  1.00 43.24  ? 47  ASN A CB  1 
ATOM   358  C CG  . ASN A 1 47  ? -12.047 -10.523 -8.186  1.00 51.91  ? 47  ASN A CG  1 
ATOM   359  O OD1 . ASN A 1 47  ? -11.012 -10.474 -8.873  1.00 55.97  ? 47  ASN A OD1 1 
ATOM   360  N ND2 . ASN A 1 47  ? -12.656 -11.671 -7.884  1.00 69.30  ? 47  ASN A ND2 1 
ATOM   361  N N   . LYS A 1 48  ? -12.503 -6.548  -6.064  1.00 34.16  ? 48  LYS A N   1 
ATOM   362  C CA  . LYS A 1 48  ? -13.226 -5.325  -5.708  1.00 31.78  ? 48  LYS A CA  1 
ATOM   363  C C   . LYS A 1 48  ? -12.418 -4.134  -6.192  1.00 31.20  ? 48  LYS A C   1 
ATOM   364  O O   . LYS A 1 48  ? -12.994 -3.140  -6.705  1.00 29.74  ? 48  LYS A O   1 
ATOM   365  C CB  . LYS A 1 48  ? -13.584 -5.252  -4.253  1.00 32.82  ? 48  LYS A CB  1 
ATOM   366  C CG  . LYS A 1 48  ? -14.774 -6.223  -3.982  1.00 53.19  ? 48  LYS A CG  1 
ATOM   367  C CD  . LYS A 1 48  ? -16.163 -5.605  -4.162  1.00 45.49  ? 48  LYS A CD  1 
ATOM   368  C CE  . LYS A 1 48  ? -16.221 -4.262  -3.448  1.00 57.93  ? 48  LYS A CE  1 
ATOM   369  N NZ  . LYS A 1 48  ? -17.539 -3.629  -3.605  1.00 55.95  ? 48  LYS A NZ  1 
ATOM   370  N N   . ALA A 1 49  ? -11.096 -4.304  -6.114  1.00 28.97  ? 49  ALA A N   1 
ATOM   371  C CA  . ALA A 1 49  ? -10.141 -3.231  -6.513  1.00 29.24  ? 49  ALA A CA  1 
ATOM   372  C C   . ALA A 1 49  ? -10.381 -2.974  -7.983  1.00 33.88  ? 49  ALA A C   1 
ATOM   373  O O   . ALA A 1 49  ? -10.416 -1.824  -8.444  1.00 33.31  ? 49  ALA A O   1 
ATOM   374  C CB  . ALA A 1 49  ? -8.697  -3.661  -6.293  1.00 21.47  ? 49  ALA A CB  1 
ATOM   375  N N   . LYS A 1 50  ? -10.518 -4.066  -8.722  1.00 36.92  ? 50  LYS A N   1 
ATOM   376  C CA  . LYS A 1 50  ? -10.672 -4.018  -10.199 1.00 35.49  ? 50  LYS A CA  1 
ATOM   377  C C   . LYS A 1 50  ? -12.020 -3.425  -10.657 1.00 33.44  ? 50  LYS A C   1 
ATOM   378  O O   . LYS A 1 50  ? -12.052 -2.588  -11.542 1.00 31.38  ? 50  LYS A O   1 
ATOM   379  C CB  . LYS A 1 50  ? -10.554 -5.452  -10.760 1.00 41.20  ? 50  LYS A CB  1 
ATOM   380  C CG  . LYS A 1 50  ? -10.282 -5.450  -12.250 1.00 43.95  ? 50  LYS A CG  1 
ATOM   381  C CD  . LYS A 1 50  ? -8.913  -6.053  -12.528 1.00 72.13  ? 50  LYS A CD  1 
ATOM   382  C CE  . LYS A 1 50  ? -8.908  -7.597  -12.599 1.00 65.49  ? 50  LYS A CE  1 
ATOM   383  N NZ  . LYS A 1 50  ? -9.286  -8.086  -13.954 1.00 76.15  ? 50  LYS A NZ  1 
ATOM   384  N N   . GLN A 1 51  ? -13.142 -3.832  -10.026 1.00 31.87  ? 51  GLN A N   1 
ATOM   385  C CA  . GLN A 1 51  ? -14.419 -3.188  -10.299 1.00 36.65  ? 51  GLN A CA  1 
ATOM   386  C C   . GLN A 1 51  ? -14.321 -1.680  -10.075 1.00 39.23  ? 51  GLN A C   1 
ATOM   387  O O   . GLN A 1 51  ? -14.870 -0.918  -10.861 1.00 34.40  ? 51  GLN A O   1 
ATOM   388  C CB  . GLN A 1 51  ? -15.558 -3.771  -9.397  1.00 41.37  ? 51  GLN A CB  1 
ATOM   389  C CG  . GLN A 1 51  ? -15.850 -5.254  -9.720  1.00 56.66  ? 51  GLN A CG  1 
ATOM   390  C CD  . GLN A 1 51  ? -16.659 -5.924  -8.615  1.00 75.05  ? 51  GLN A CD  1 
ATOM   391  O OE1 . GLN A 1 51  ? -16.169 -6.798  -7.881  1.00 89.70  ? 51  GLN A OE1 1 
ATOM   392  N NE2 . GLN A 1 51  ? -17.896 -5.490  -8.469  1.00 82.52  ? 51  GLN A NE2 1 
ATOM   393  N N   . GLN A 1 52  ? -13.651 -1.254  -8.987  1.00 37.23  ? 52  GLN A N   1 
ATOM   394  C CA  . GLN A 1 52  ? -13.466 0.169   -8.710  1.00 32.30  ? 52  GLN A CA  1 
ATOM   395  C C   . GLN A 1 52  ? -12.593 0.745   -9.841  1.00 34.08  ? 52  GLN A C   1 
ATOM   396  O O   . GLN A 1 52  ? -12.932 1.768   -10.410 1.00 31.81  ? 52  GLN A O   1 
ATOM   397  C CB  . GLN A 1 52  ? -12.707 0.389   -7.434  1.00 31.49  ? 52  GLN A CB  1 
ATOM   398  C CG  . GLN A 1 52  ? -12.514 1.866   -7.088  1.00 33.52  ? 52  GLN A CG  1 
ATOM   399  C CD  . GLN A 1 52  ? -12.112 2.061   -5.626  1.00 28.72  ? 52  GLN A CD  1 
ATOM   400  O OE1 . GLN A 1 52  ? -12.394 1.211   -4.793  1.00 28.31  ? 52  GLN A OE1 1 
ATOM   401  N NE2 . GLN A 1 52  ? -11.494 3.205   -5.314  1.00 26.23  ? 52  GLN A NE2 1 
ATOM   402  N N   . ALA A 1 53  ? -11.463 0.127   -10.152 1.00 25.74  ? 53  ALA A N   1 
ATOM   403  C CA  . ALA A 1 53  ? -10.581 0.799   -11.085 1.00 25.86  ? 53  ALA A CA  1 
ATOM   404  C C   . ALA A 1 53  ? -11.244 0.910   -12.509 1.00 30.81  ? 53  ALA A C   1 
ATOM   405  O O   . ALA A 1 53  ? -10.936 1.853   -13.261 1.00 30.42  ? 53  ALA A O   1 
ATOM   406  C CB  . ALA A 1 53  ? -9.275  0.052   -11.238 1.00 24.54  ? 53  ALA A CB  1 
ATOM   407  N N   . LYS A 1 54  ? -12.130 -0.046  -12.855 1.00 32.26  ? 54  LYS A N   1 
ATOM   408  C CA  . LYS A 1 54  ? -12.804 -0.007  -14.185 1.00 40.69  ? 54  LYS A CA  1 
ATOM   409  C C   . LYS A 1 54  ? -13.713 1.217   -14.358 1.00 42.18  ? 54  LYS A C   1 
ATOM   410  O O   . LYS A 1 54  ? -13.964 1.584   -15.489 1.00 35.79  ? 54  LYS A O   1 
ATOM   411  C CB  . LYS A 1 54  ? -13.697 -1.249  -14.469 1.00 41.36  ? 54  LYS A CB  1 
ATOM   412  C CG  . LYS A 1 54  ? -12.972 -2.540  -14.795 1.00 50.62  ? 54  LYS A CG  1 
ATOM   413  C CD  . LYS A 1 54  ? -14.000 -3.653  -14.992 1.00 51.85  ? 54  LYS A CD  1 
ATOM   414  C CE  . LYS A 1 54  ? -13.347 -5.018  -14.911 1.00 67.15  ? 54  LYS A CE  1 
ATOM   415  N NZ  . LYS A 1 54  ? -14.061 -6.029  -15.740 1.00 72.35  ? 54  LYS A NZ  1 
ATOM   416  N N   . ARG A 1 55  ? -14.200 1.849   -13.266 1.00 35.08  ? 55  ARG A N   1 
ATOM   417  C CA  . ARG A 1 55  ? -14.903 3.110   -13.396 1.00 34.94  ? 55  ARG A CA  1 
ATOM   418  C C   . ARG A 1 55  ? -14.066 4.245   -13.868 1.00 36.80  ? 55  ARG A C   1 
ATOM   419  O O   . ARG A 1 55  ? -14.597 5.300   -14.316 1.00 40.18  ? 55  ARG A O   1 
ATOM   420  C CB  . ARG A 1 55  ? -15.642 3.508   -12.090 1.00 39.44  ? 55  ARG A CB  1 
ATOM   421  C CG  . ARG A 1 55  ? -16.425 2.354   -11.557 1.00 38.08  ? 55  ARG A CG  1 
ATOM   422  C CD  . ARG A 1 55  ? -17.300 2.785   -10.366 1.00 45.68  ? 55  ARG A CD  1 
ATOM   423  N NE  . ARG A 1 55  ? -17.632 1.536   -9.723  1.00 57.73  ? 55  ARG A NE  1 
ATOM   424  C CZ  . ARG A 1 55  ? -17.304 1.204   -8.474  1.00 62.90  ? 55  ARG A CZ  1 
ATOM   425  N NH1 . ARG A 1 55  ? -16.673 2.070   -7.660  1.00 59.06  ? 55  ARG A NH1 1 
ATOM   426  N NH2 . ARG A 1 55  ? -17.632 -0.004  -8.046  1.00 64.22  ? 55  ARG A NH2 1 
ATOM   427  N N   . CYS A 1 56  ? -12.765 4.071   -13.795 1.00 34.89  ? 56  CYS A N   1 
ATOM   428  C CA  . CYS A 1 56  ? -11.829 5.096   -14.241 1.00 31.78  ? 56  CYS A CA  1 
ATOM   429  C C   . CYS A 1 56  ? -11.941 6.462   -13.504 1.00 39.03  ? 56  CYS A C   1 
ATOM   430  O O   . CYS A 1 56  ? -11.451 7.515   -14.041 1.00 42.67  ? 56  CYS A O   1 
ATOM   431  C CB  . CYS A 1 56  ? -11.982 5.299   -15.770 1.00 34.24  ? 56  CYS A CB  1 
ATOM   432  S SG  . CYS A 1 56  ? -11.079 4.009   -16.645 1.00 37.49  ? 56  CYS A SG  1 
ATOM   433  N N   . LYS A 1 57  ? -12.580 6.443   -12.331 1.00 31.48  ? 57  LYS A N   1 
ATOM   434  C CA  . LYS A 1 57  ? -12.714 7.623   -11.477 1.00 35.94  ? 57  LYS A CA  1 
ATOM   435  C C   . LYS A 1 57  ? -11.696 7.562   -10.296 1.00 40.27  ? 57  LYS A C   1 
ATOM   436  O O   . LYS A 1 57  ? -11.752 6.649   -9.478  1.00 42.12  ? 57  LYS A O   1 
ATOM   437  C CB  . LYS A 1 57  ? -14.106 7.611   -10.889 1.00 35.50  ? 57  LYS A CB  1 
ATOM   438  C CG  . LYS A 1 57  ? -15.258 7.842   -11.849 1.00 40.55  ? 57  LYS A CG  1 
ATOM   439  C CD  . LYS A 1 57  ? -16.442 8.048   -10.926 1.00 41.75  ? 57  LYS A CD  1 
ATOM   440  C CE  . LYS A 1 57  ? -17.612 7.295   -11.464 1.00 49.89  ? 57  LYS A CE  1 
ATOM   441  N NZ  . LYS A 1 57  ? -18.787 7.758   -10.684 1.00 54.91  ? 57  LYS A NZ  1 
ATOM   442  N N   . TYR A 1 58  ? -10.787 8.506   -10.210 1.00 40.70  ? 58  TYR A N   1 
ATOM   443  C CA  . TYR A 1 58  ? -9.822  8.539   -9.133  1.00 45.42  ? 58  TYR A CA  1 
ATOM   444  C C   . TYR A 1 58  ? -10.422 8.829   -7.698  1.00 45.84  ? 58  TYR A C   1 
ATOM   445  O O   . TYR A 1 58  ? -10.438 7.961   -6.826  1.00 49.24  ? 58  TYR A O   1 
ATOM   446  C CB  . TYR A 1 58  ? -8.769  9.526   -9.522  1.00 38.79  ? 58  TYR A CB  1 
ATOM   447  C CG  . TYR A 1 58  ? -7.611  9.615   -8.594  1.00 39.95  ? 58  TYR A CG  1 
ATOM   448  C CD1 . TYR A 1 58  ? -6.629  8.622   -8.577  1.00 36.76  ? 58  TYR A CD1 1 
ATOM   449  C CD2 . TYR A 1 58  ? -7.484  10.709  -7.713  1.00 44.25  ? 58  TYR A CD2 1 
ATOM   450  C CE1 . TYR A 1 58  ? -5.517  8.692   -7.722  1.00 34.12  ? 58  TYR A CE1 1 
ATOM   451  C CE2 . TYR A 1 58  ? -6.363  10.823  -6.851  1.00 45.38  ? 58  TYR A CE2 1 
ATOM   452  C CZ  . TYR A 1 58  ? -5.402  9.807   -6.852  1.00 45.21  ? 58  TYR A CZ  1 
ATOM   453  O OH  . TYR A 1 58  ? -4.300  9.934   -6.083  1.00 43.50  ? 58  TYR A OH  1 
ATOM   454  N N   . ASP A 1 59  ? -10.925 10.024  -7.480  1.00 55.52  ? 59  ASP A N   1 
ATOM   455  C CA  . ASP A 1 59  ? -11.932 10.312  -6.422  1.00 72.45  ? 59  ASP A CA  1 
ATOM   456  C C   . ASP A 1 59  ? -13.247 9.574   -6.703  1.00 73.74  ? 59  ASP A C   1 
ATOM   457  O O   . ASP A 1 59  ? -13.841 9.704   -7.763  1.00 87.39  ? 59  ASP A O   1 
ATOM   458  C CB  . ASP A 1 59  ? -12.170 11.849  -6.348  1.00 71.62  ? 59  ASP A CB  1 
ATOM   459  C CG  . ASP A 1 59  ? -12.632 12.453  -7.719  1.00 80.80  ? 59  ASP A CG  1 
ATOM   460  O OD1 . ASP A 1 59  ? -13.860 12.482  -7.964  1.00 86.10  ? 59  ASP A OD1 1 
ATOM   461  O OD2 . ASP A 1 59  ? -11.784 12.865  -8.566  1.00 76.49  ? 59  ASP A OD2 1 
ATOM   462  N N   . SER A 1 60  ? -13.733 8.768   -5.794  1.00 85.46  ? 60  SER A N   1 
ATOM   463  C CA  . SER A 1 60  ? -14.997 8.134   -6.126  1.00 89.17  ? 60  SER A CA  1 
ATOM   464  C C   . SER A 1 60  ? -15.769 7.793   -4.879  1.00 105.87 ? 60  SER A C   1 
ATOM   465  O O   . SER A 1 60  ? -16.819 8.391   -4.625  1.00 108.93 ? 60  SER A O   1 
ATOM   466  C CB  . SER A 1 60  ? -14.796 6.900   -7.016  1.00 99.19  ? 60  SER A CB  1 
ATOM   467  O OG  . SER A 1 60  ? -14.220 5.808   -6.310  1.00 98.32  ? 60  SER A OG  1 
ATOM   468  N N   . ASN A 1 61  ? -15.260 6.808   -4.133  1.00 109.65 ? 61  ASN A N   1 
ATOM   469  C CA  . ASN A 1 61  ? -14.954 6.932   -2.702  1.00 106.54 ? 61  ASN A CA  1 
ATOM   470  C C   . ASN A 1 61  ? -16.044 7.580   -1.882  1.00 104.03 ? 61  ASN A C   1 
ATOM   471  O O   . ASN A 1 61  ? -15.751 8.324   -0.946  1.00 122.18 ? 61  ASN A O   1 
ATOM   472  C CB  . ASN A 1 61  ? -13.597 7.597   -2.492  1.00 97.64  ? 61  ASN A CB  1 
ATOM   473  C CG  . ASN A 1 61  ? -12.515 6.846   -3.209  1.00 93.80  ? 61  ASN A CG  1 
ATOM   474  O OD1 . ASN A 1 61  ? -12.269 5.656   -2.893  1.00 80.00  ? 61  ASN A OD1 1 
ATOM   475  N ND2 . ASN A 1 61  ? -11.931 7.480   -4.250  1.00 59.70  ? 61  ASN A ND2 1 
ATOM   476  N N   . ASP A 1 62  ? -17.303 7.311   -2.241  1.00 88.18  ? 62  ASP A N   1 
ATOM   477  C CA  . ASP A 1 62  ? -17.899 5.949   -2.243  1.00 76.80  ? 62  ASP A CA  1 
ATOM   478  C C   . ASP A 1 62  ? -17.377 4.963   -1.164  1.00 84.60  ? 62  ASP A C   1 
ATOM   479  O O   . ASP A 1 62  ? -16.523 4.090   -1.452  1.00 78.45  ? 62  ASP A O   1 
ATOM   480  C CB  . ASP A 1 62  ? -17.909 5.307   -3.667  1.00 56.88  ? 62  ASP A CB  1 
ATOM   481  C CG  . ASP A 1 62  ? -19.056 4.360   -3.851  1.00 56.44  ? 62  ASP A CG  1 
ATOM   482  O OD1 . ASP A 1 62  ? -19.721 4.055   -2.843  1.00 64.26  ? 62  ASP A OD1 1 
ATOM   483  O OD2 . ASP A 1 62  ? -19.275 3.867   -4.966  1.00 60.43  ? 62  ASP A OD2 1 
ATOM   484  N N   . PRO A 1 63  ? -17.912 5.082   0.079   1.00 87.63  ? 63  PRO A N   1 
ATOM   485  C CA  . PRO A 1 63  ? -17.863 3.936   1.006   1.00 71.34  ? 63  PRO A CA  1 
ATOM   486  C C   . PRO A 1 63  ? -18.361 2.489   0.626   1.00 54.69  ? 63  PRO A C   1 
ATOM   487  O O   . PRO A 1 63  ? -17.867 1.572   1.253   1.00 53.50  ? 63  PRO A O   1 
ATOM   488  C CB  . PRO A 1 63  ? -18.478 4.520   2.288   1.00 77.34  ? 63  PRO A CB  1 
ATOM   489  C CG  . PRO A 1 63  ? -17.899 5.913   2.272   1.00 78.01  ? 63  PRO A CG  1 
ATOM   490  C CD  . PRO A 1 63  ? -18.145 6.336   0.836   1.00 77.66  ? 63  PRO A CD  1 
ATOM   491  N N   . ASN A 1 64  ? -19.222 2.257   -0.379  1.00 46.57  ? 64  ASN A N   1 
ATOM   492  C CA  . ASN A 1 64  ? -19.372 0.907   -1.021  1.00 45.45  ? 64  ASN A CA  1 
ATOM   493  C C   . ASN A 1 64  ? -17.989 0.255   -1.444  1.00 46.70  ? 64  ASN A C   1 
ATOM   494  O O   . ASN A 1 64  ? -17.828 -0.952  -1.485  1.00 41.75  ? 64  ASN A O   1 
ATOM   495  C CB  . ASN A 1 64  ? -20.346 0.982   -2.258  1.00 55.38  ? 64  ASN A CB  1 
ATOM   496  C CG  . ASN A 1 64  ? -20.961 -0.406  -2.676  1.00 75.98  ? 64  ASN A CG  1 
ATOM   497  O OD1 . ASN A 1 64  ? -22.121 -0.507  -3.183  1.00 70.28  ? 64  ASN A OD1 1 
ATOM   498  N ND2 . ASN A 1 64  ? -20.200 -1.474  -2.461  1.00 71.86  ? 64  ASN A ND2 1 
ATOM   499  N N   . ASP A 1 65  ? -16.990 1.058   -1.796  1.00 39.87  ? 65  ASP A N   1 
ATOM   500  C CA  . ASP A 1 65  ? -15.737 0.453   -2.268  1.00 37.74  ? 65  ASP A CA  1 
ATOM   501  C C   . ASP A 1 65  ? -14.925 -0.139  -1.138  1.00 36.32  ? 65  ASP A C   1 
ATOM   502  O O   . ASP A 1 65  ? -13.973 -0.876  -1.388  1.00 30.44  ? 65  ASP A O   1 
ATOM   503  C CB  . ASP A 1 65  ? -14.952 1.534   -2.983  1.00 34.00  ? 65  ASP A CB  1 
ATOM   504  C CG  . ASP A 1 65  ? -15.547 1.791   -4.380  1.00 36.58  ? 65  ASP A CG  1 
ATOM   505  O OD1 . ASP A 1 65  ? -16.153 0.849   -4.956  1.00 39.34  ? 65  ASP A OD1 1 
ATOM   506  O OD2 . ASP A 1 65  ? -15.399 2.894   -4.858  1.00 41.16  ? 65  ASP A OD2 1 
ATOM   507  N N   . PHE A 1 66  ? -15.299 0.229   0.092   1.00 35.59  ? 66  PHE A N   1 
ATOM   508  C CA  . PHE A 1 66  ? -14.678 -0.293  1.327   1.00 36.62  ? 66  PHE A CA  1 
ATOM   509  C C   . PHE A 1 66  ? -15.424 -1.428  2.027   1.00 32.54  ? 66  PHE A C   1 
ATOM   510  O O   . PHE A 1 66  ? -15.000 -1.919  3.107   1.00 31.78  ? 66  PHE A O   1 
ATOM   511  C CB  . PHE A 1 66  ? -14.426 0.871   2.305   1.00 41.37  ? 66  PHE A CB  1 
ATOM   512  C CG  . PHE A 1 66  ? -13.462 1.874   1.779   1.00 47.55  ? 66  PHE A CG  1 
ATOM   513  C CD1 . PHE A 1 66  ? -13.900 2.889   0.908   1.00 54.95  ? 66  PHE A CD1 1 
ATOM   514  C CD2 . PHE A 1 66  ? -12.091 1.790   2.109   1.00 52.83  ? 66  PHE A CD2 1 
ATOM   515  C CE1 . PHE A 1 66  ? -12.988 3.819   0.386   1.00 55.08  ? 66  PHE A CE1 1 
ATOM   516  C CE2 . PHE A 1 66  ? -11.187 2.740   1.620   1.00 59.69  ? 66  PHE A CE2 1 
ATOM   517  C CZ  . PHE A 1 66  ? -11.637 3.743   0.740   1.00 52.97  ? 66  PHE A CZ  1 
ATOM   518  N N   . ILE A 1 67  ? -16.482 -1.921  1.403   1.00 33.63  ? 67  ILE A N   1 
ATOM   519  C CA  . ILE A 1 67  ? -17.202 -3.035  2.020   1.00 33.10  ? 67  ILE A CA  1 
ATOM   520  C C   . ILE A 1 67  ? -16.883 -4.266  1.211   1.00 35.24  ? 67  ILE A C   1 
ATOM   521  O O   . ILE A 1 67  ? -17.304 -4.337  0.079   1.00 39.17  ? 67  ILE A O   1 
ATOM   522  C CB  . ILE A 1 67  ? -18.747 -2.771  2.060   1.00 34.59  ? 67  ILE A CB  1 
ATOM   523  C CG1 . ILE A 1 67  ? -18.985 -1.419  2.780   1.00 33.81  ? 67  ILE A CG1 1 
ATOM   524  C CG2 . ILE A 1 67  ? -19.391 -3.973  2.775   1.00 32.86  ? 67  ILE A CG2 1 
ATOM   525  C CD1 . ILE A 1 67  ? -20.401 -0.762  2.702   1.00 30.50  ? 67  ILE A CD1 1 
ATOM   526  N N   . ILE A 1 68  ? -16.094 -5.202  1.739   1.00 30.53  ? 68  ILE A N   1 
ATOM   527  C CA  . ILE A 1 68  ? -15.594 -6.279  0.922   1.00 31.39  ? 68  ILE A CA  1 
ATOM   528  C C   . ILE A 1 68  ? -15.704 -7.506  1.812   1.00 35.72  ? 68  ILE A C   1 
ATOM   529  O O   . ILE A 1 68  ? -15.116 -7.532  2.949   1.00 30.19  ? 68  ILE A O   1 
ATOM   530  C CB  . ILE A 1 68  ? -14.080 -6.041  0.434   1.00 31.06  ? 68  ILE A CB  1 
ATOM   531  C CG1 . ILE A 1 68  ? -13.964 -4.703  -0.366  1.00 29.27  ? 68  ILE A CG1 1 
ATOM   532  C CG2 . ILE A 1 68  ? -13.613 -7.215  -0.473  1.00 26.90  ? 68  ILE A CG2 1 
ATOM   533  C CD1 . ILE A 1 68  ? -12.519 -4.320  -0.750  1.00 30.03  ? 68  ILE A CD1 1 
ATOM   534  N N   . GLY A 1 69  ? -16.447 -8.509  1.321   1.00 37.18  ? 69  GLY A N   1 
ATOM   535  C CA  . GLY A 1 69  ? -16.671 -9.771  2.082   1.00 34.24  ? 69  GLY A CA  1 
ATOM   536  C C   . GLY A 1 69  ? -16.901 -9.487  3.505   1.00 27.82  ? 69  GLY A C   1 
ATOM   537  O O   . GLY A 1 69  ? -17.666 -8.562  3.790   1.00 35.80  ? 69  GLY A O   1 
ATOM   538  N N   . ASP A 1 70  ? -16.183 -10.189 4.391   1.00 26.73  ? 70  ASP A N   1 
ATOM   539  C CA  . ASP A 1 70  ? -16.274 -10.049 5.855   1.00 34.32  ? 70  ASP A CA  1 
ATOM   540  C C   . ASP A 1 70  ? -15.231 -9.187  6.462   1.00 35.80  ? 70  ASP A C   1 
ATOM   541  O O   . ASP A 1 70  ? -15.188 -9.071  7.718   1.00 29.46  ? 70  ASP A O   1 
ATOM   542  C CB  . ASP A 1 70  ? -16.157 -11.441 6.582   1.00 35.12  ? 70  ASP A CB  1 
ATOM   543  C CG  . ASP A 1 70  ? -17.228 -12.395 6.062   1.00 53.51  ? 70  ASP A CG  1 
ATOM   544  O OD1 . ASP A 1 70  ? -18.393 -11.926 5.809   1.00 47.18  ? 70  ASP A OD1 1 
ATOM   545  O OD2 . ASP A 1 70  ? -16.880 -13.549 5.781   1.00 49.87  ? 70  ASP A OD2 1 
ATOM   546  N N   . PHE A 1 71  ? -14.368 -8.579  5.648   1.00 32.64  ? 71  PHE A N   1 
ATOM   547  C CA  . PHE A 1 71  ? -13.259 -7.834  6.296   1.00 28.02  ? 71  PHE A CA  1 
ATOM   548  C C   . PHE A 1 71  ? -13.835 -6.733  7.167   1.00 30.65  ? 71  PHE A C   1 
ATOM   549  O O   . PHE A 1 71  ? -14.604 -5.915  6.692   1.00 30.63  ? 71  PHE A O   1 
ATOM   550  C CB  . PHE A 1 71  ? -12.346 -7.257  5.198   1.00 27.79  ? 71  PHE A CB  1 
ATOM   551  C CG  . PHE A 1 71  ? -11.573 -8.341  4.447   1.00 30.32  ? 71  PHE A CG  1 
ATOM   552  C CD1 . PHE A 1 71  ? -10.621 -9.107  5.101   1.00 31.92  ? 71  PHE A CD1 1 
ATOM   553  C CD2 . PHE A 1 71  ? -11.856 -8.604  3.101   1.00 32.56  ? 71  PHE A CD2 1 
ATOM   554  C CE1 . PHE A 1 71  ? -9.917  -10.101 4.430   1.00 31.59  ? 71  PHE A CE1 1 
ATOM   555  C CE2 . PHE A 1 71  ? -11.143 -9.579  2.426   1.00 34.33  ? 71  PHE A CE2 1 
ATOM   556  C CZ  . PHE A 1 71  ? -10.205 -10.347 3.090   1.00 28.79  ? 71  PHE A CZ  1 
ATOM   557  N N   . GLU A 1 72  ? -13.389 -6.631  8.395   1.00 33.82  ? 72  GLU A N   1 
ATOM   558  C CA  . GLU A 1 72  ? -13.781 -5.518  9.254   1.00 39.26  ? 72  GLU A CA  1 
ATOM   559  C C   . GLU A 1 72  ? -13.256 -4.182  8.872   1.00 36.00  ? 72  GLU A C   1 
ATOM   560  O O   . GLU A 1 72  ? -13.823 -3.160  9.285   1.00 28.41  ? 72  GLU A O   1 
ATOM   561  C CB  . GLU A 1 72  ? -13.183 -5.737  10.650  1.00 42.38  ? 72  GLU A CB  1 
ATOM   562  C CG  . GLU A 1 72  ? -13.608 -7.039  11.247  1.00 68.30  ? 72  GLU A CG  1 
ATOM   563  C CD  . GLU A 1 72  ? -14.835 -6.852  12.091  1.00 78.53  ? 72  GLU A CD  1 
ATOM   564  O OE1 . GLU A 1 72  ? -15.215 -5.674  12.309  1.00 89.20  ? 72  GLU A OE1 1 
ATOM   565  O OE2 . GLU A 1 72  ? -15.403 -7.866  12.539  1.00 82.28  ? 72  GLU A OE2 1 
ATOM   566  N N   . SER A 1 73  ? -12.042 -4.157  8.329   1.00 34.70  ? 73  SER A N   1 
ATOM   567  C CA  . SER A 1 73  ? -11.499 -2.872  7.957   1.00 29.54  ? 73  SER A CA  1 
ATOM   568  C C   . SER A 1 73  ? -10.704 -3.036  6.679   1.00 29.60  ? 73  SER A C   1 
ATOM   569  O O   . SER A 1 73  ? -10.032 -4.048  6.504   1.00 28.84  ? 73  SER A O   1 
ATOM   570  C CB  . SER A 1 73  ? -10.729 -2.250  9.139   1.00 36.59  ? 73  SER A CB  1 
ATOM   571  O OG  . SER A 1 73  ? -9.378  -2.476  9.054   1.00 36.82  ? 73  SER A OG  1 
ATOM   572  N N   . ILE A 1 74  ? -10.815 -2.062  5.778   1.00 27.63  ? 74  ILE A N   1 
ATOM   573  C CA  . ILE A 1 74  ? -10.159 -2.139  4.479   1.00 30.55  ? 74  ILE A CA  1 
ATOM   574  C C   . ILE A 1 74  ? -9.361  -0.827  4.374   1.00 31.79  ? 74  ILE A C   1 
ATOM   575  O O   . ILE A 1 74  ? -9.919  0.235   4.619   1.00 30.09  ? 74  ILE A O   1 
ATOM   576  C CB  . ILE A 1 74  ? -11.219 -2.210  3.329   1.00 29.87  ? 74  ILE A CB  1 
ATOM   577  C CG1 . ILE A 1 74  ? -11.924 -3.596  3.308   1.00 31.90  ? 74  ILE A CG1 1 
ATOM   578  C CG2 . ILE A 1 74  ? -10.566 -1.897  1.956   1.00 30.23  ? 74  ILE A CG2 1 
ATOM   579  C CD1 . ILE A 1 74  ? -10.983 -4.773  2.931   1.00 32.16  ? 74  ILE A CD1 1 
ATOM   580  N N   . GLY A 1 75  ? -8.080  -0.889  4.002   1.00 30.85  ? 75  GLY A N   1 
ATOM   581  C CA  . GLY A 1 75  ? -7.389  0.325   3.608   1.00 25.71  ? 75  GLY A CA  1 
ATOM   582  C C   . GLY A 1 75  ? -7.280  0.329   2.087   1.00 25.19  ? 75  GLY A C   1 
ATOM   583  O O   . GLY A 1 75  ? -7.446  -0.688  1.461   1.00 24.41  ? 75  GLY A O   1 
ATOM   584  N N   . GLN A 1 76  ? -6.866  1.453   1.504   1.00 24.62  ? 76  GLN A N   1 
ATOM   585  C CA  . GLN A 1 76  ? -6.815  1.567   0.040   1.00 25.47  ? 76  GLN A CA  1 
ATOM   586  C C   . GLN A 1 76  ? -5.726  2.565   -0.346  1.00 25.34  ? 76  GLN A C   1 
ATOM   587  O O   . GLN A 1 76  ? -5.571  3.600   0.292   1.00 24.42  ? 76  GLN A O   1 
ATOM   588  C CB  . GLN A 1 76  ? -8.171  1.975   -0.493  1.00 25.87  ? 76  GLN A CB  1 
ATOM   589  C CG  . GLN A 1 76  ? -8.277  1.903   -2.017  1.00 29.94  ? 76  GLN A CG  1 
ATOM   590  C CD  . GLN A 1 76  ? -9.728  2.120   -2.455  1.00 34.28  ? 76  GLN A CD  1 
ATOM   591  O OE1 . GLN A 1 76  ? -10.129 3.256   -2.554  1.00 32.21  ? 76  GLN A OE1 1 
ATOM   592  N NE2 . GLN A 1 76  ? -10.526 1.057   -2.548  1.00 24.60  ? 76  GLN A NE2 1 
ATOM   593  N N   . ASN A 1 77  ? -4.951  2.228   -1.350  1.00 22.38  ? 77  ASN A N   1 
ATOM   594  C CA  . ASN A 1 77  ? -4.031  3.200   -1.953  1.00 20.27  ? 77  ASN A CA  1 
ATOM   595  C C   . ASN A 1 77  ? -4.499  3.339   -3.416  1.00 24.10  ? 77  ASN A C   1 
ATOM   596  O O   . ASN A 1 77  ? -4.871  2.338   -4.075  1.00 25.67  ? 77  ASN A O   1 
ATOM   597  C CB  . ASN A 1 77  ? -2.608  2.588   -2.003  1.00 19.19  ? 77  ASN A CB  1 
ATOM   598  C CG  . ASN A 1 77  ? -1.857  2.736   -0.691  1.00 26.72  ? 77  ASN A CG  1 
ATOM   599  O OD1 . ASN A 1 77  ? -2.337  3.397   0.210   1.00 24.79  ? 77  ASN A OD1 1 
ATOM   600  N ND2 . ASN A 1 77  ? -0.699  2.092   -0.550  1.00 21.45  ? 77  ASN A ND2 1 
ATOM   601  N N   . LEU A 1 78  ? -4.461  4.564   -3.924  1.00 24.19  ? 78  LEU A N   1 
ATOM   602  C CA  . LEU A 1 78  ? -4.871  4.851   -5.312  1.00 26.67  ? 78  LEU A CA  1 
ATOM   603  C C   . LEU A 1 78  ? -3.726  5.536   -6.075  1.00 29.00  ? 78  LEU A C   1 
ATOM   604  O O   . LEU A 1 78  ? -2.845  6.267   -5.474  1.00 25.62  ? 78  LEU A O   1 
ATOM   605  C CB  . LEU A 1 78  ? -6.061  5.817   -5.312  1.00 31.05  ? 78  LEU A CB  1 
ATOM   606  C CG  . LEU A 1 78  ? -7.362  5.445   -4.624  1.00 36.24  ? 78  LEU A CG  1 
ATOM   607  C CD1 . LEU A 1 78  ? -8.345  6.650   -4.623  1.00 31.16  ? 78  LEU A CD1 1 
ATOM   608  C CD2 . LEU A 1 78  ? -8.020  4.245   -5.269  1.00 30.57  ? 78  LEU A CD2 1 
ATOM   609  N N   . ALA A 1 79  ? -3.642  5.286   -7.391  1.00 28.91  ? 79  ALA A N   1 
ATOM   610  C CA  . ALA A 1 79  ? -2.594  5.977   -8.172  1.00 25.20  ? 79  ALA A CA  1 
ATOM   611  C C   . ALA A 1 79  ? -3.172  6.294   -9.565  1.00 32.63  ? 79  ALA A C   1 
ATOM   612  O O   . ALA A 1 79  ? -4.020  5.553   -10.081 1.00 30.11  ? 79  ALA A O   1 
ATOM   613  C CB  . ALA A 1 79  ? -1.316  5.181   -8.264  1.00 27.75  ? 79  ALA A CB  1 
ATOM   614  N N   . ASP A 1 80  ? -2.808  7.462   -10.101 1.00 34.41  ? 80  ASP A N   1 
ATOM   615  C CA  . ASP A 1 80  ? -3.341  7.839   -11.411 1.00 31.27  ? 80  ASP A CA  1 
ATOM   616  C C   . ASP A 1 80  ? -2.042  8.073   -12.151 1.00 35.89  ? 80  ASP A C   1 
ATOM   617  O O   . ASP A 1 80  ? -1.383  9.030   -11.861 1.00 35.82  ? 80  ASP A O   1 
ATOM   618  C CB  . ASP A 1 80  ? -4.183  9.128   -11.335 1.00 33.01  ? 80  ASP A CB  1 
ATOM   619  C CG  . ASP A 1 80  ? -4.582  9.673   -12.777 1.00 42.31  ? 80  ASP A CG  1 
ATOM   620  O OD1 . ASP A 1 80  ? -4.365  8.949   -13.806 1.00 43.44  ? 80  ASP A OD1 1 
ATOM   621  O OD2 . ASP A 1 80  ? -5.184  10.781  -12.851 1.00 35.95  ? 80  ASP A OD2 1 
ATOM   622  N N   . TYR A 1 81  ? -1.594  7.103   -12.974 1.00 32.84  ? 81  TYR A N   1 
ATOM   623  C CA  . TYR A 1 81  ? -0.188  7.123   -13.390 1.00 35.02  ? 81  TYR A CA  1 
ATOM   624  C C   . TYR A 1 81  ? 0.042   6.389   -14.700 1.00 34.66  ? 81  TYR A C   1 
ATOM   625  O O   . TYR A 1 81  ? -0.664  5.376   -15.009 1.00 35.57  ? 81  TYR A O   1 
ATOM   626  C CB  . TYR A 1 81  ? 0.696   6.401   -12.379 1.00 38.98  ? 81  TYR A CB  1 
ATOM   627  C CG  . TYR A 1 81  ? 1.654   7.273   -11.725 1.00 41.70  ? 81  TYR A CG  1 
ATOM   628  C CD1 . TYR A 1 81  ? 1.222   8.059   -10.650 1.00 46.58  ? 81  TYR A CD1 1 
ATOM   629  C CD2 . TYR A 1 81  ? 2.984   7.318   -12.125 1.00 42.93  ? 81  TYR A CD2 1 
ATOM   630  C CE1 . TYR A 1 81  ? 2.068   8.861   -9.969  1.00 47.66  ? 81  TYR A CE1 1 
ATOM   631  C CE2 . TYR A 1 81  ? 3.857   8.173   -11.461 1.00 47.98  ? 81  TYR A CE2 1 
ATOM   632  C CZ  . TYR A 1 81  ? 3.361   8.929   -10.384 1.00 49.08  ? 81  TYR A CZ  1 
ATOM   633  O OH  . TYR A 1 81  ? 4.096   9.792   -9.640  1.00 69.75  ? 81  TYR A OH  1 
ATOM   634  N N   . PRO A 1 82  ? 1.063   6.852   -15.449 1.00 40.28  ? 82  PRO A N   1 
ATOM   635  C CA  . PRO A 1 82  ? 1.184   6.300   -16.821 1.00 44.29  ? 82  PRO A CA  1 
ATOM   636  C C   . PRO A 1 82  ? 1.701   4.833   -16.753 1.00 44.41  ? 82  PRO A C   1 
ATOM   637  O O   . PRO A 1 82  ? 1.339   4.014   -17.584 1.00 46.67  ? 82  PRO A O   1 
ATOM   638  C CB  . PRO A 1 82  ? 2.151   7.281   -17.525 1.00 45.08  ? 82  PRO A CB  1 
ATOM   639  C CG  . PRO A 1 82  ? 2.952   7.893   -16.411 1.00 46.88  ? 82  PRO A CG  1 
ATOM   640  C CD  . PRO A 1 82  ? 2.030   7.944   -15.192 1.00 44.52  ? 82  PRO A CD  1 
ATOM   641  N N   . THR A 1 83  ? 2.446   4.488   -15.705 1.00 39.27  ? 83  THR A N   1 
ATOM   642  C CA  . THR A 1 83  ? 2.958   3.148   -15.536 1.00 36.47  ? 83  THR A CA  1 
ATOM   643  C C   . THR A 1 83  ? 2.711   2.639   -14.080 1.00 41.10  ? 83  THR A C   1 
ATOM   644  O O   . THR A 1 83  ? 2.623   3.421   -13.127 1.00 32.48  ? 83  THR A O   1 
ATOM   645  C CB  . THR A 1 83  ? 4.456   3.076   -15.883 1.00 36.80  ? 83  THR A CB  1 
ATOM   646  O OG1 . THR A 1 83  ? 5.178   3.749   -14.867 1.00 38.98  ? 83  THR A OG1 1 
ATOM   647  C CG2 . THR A 1 83  ? 4.837   3.852   -17.296 1.00 33.45  ? 83  THR A CG2 1 
ATOM   648  N N   . ILE A 1 84  ? 2.599   1.325   -13.948 1.00 35.97  ? 84  ILE A N   1 
ATOM   649  C CA  . ILE A 1 84  ? 2.527   0.664   -12.658 1.00 38.88  ? 84  ILE A CA  1 
ATOM   650  C C   . ILE A 1 84  ? 3.754   0.861   -11.767 1.00 39.66  ? 84  ILE A C   1 
ATOM   651  O O   . ILE A 1 84  ? 3.643   1.272   -10.606 1.00 33.20  ? 84  ILE A O   1 
ATOM   652  C CB  . ILE A 1 84  ? 2.140   -0.749  -12.946 1.00 37.33  ? 84  ILE A CB  1 
ATOM   653  C CG1 . ILE A 1 84  ? 0.729   -0.708  -13.546 1.00 39.63  ? 84  ILE A CG1 1 
ATOM   654  C CG2 . ILE A 1 84  ? 2.348   -1.673  -11.764 1.00 37.56  ? 84  ILE A CG2 1 
ATOM   655  C CD1 . ILE A 1 84  ? -0.010  -1.962  -13.200 1.00 50.25  ? 84  ILE A CD1 1 
ATOM   656  N N   . GLU A 1 85  ? 4.932   0.720   -12.333 1.00 39.29  ? 85  GLU A N   1 
ATOM   657  C CA  . GLU A 1 85  ? 6.124   0.944   -11.519 1.00 38.21  ? 85  GLU A CA  1 
ATOM   658  C C   . GLU A 1 85  ? 6.266   2.384   -11.080 1.00 39.97  ? 85  GLU A C   1 
ATOM   659  O O   . GLU A 1 85  ? 6.819   2.651   -10.011 1.00 37.29  ? 85  GLU A O   1 
ATOM   660  C CB  . GLU A 1 85  ? 7.443   0.466   -12.233 1.00 41.01  ? 85  GLU A CB  1 
ATOM   661  C CG  . GLU A 1 85  ? 7.508   -1.054  -12.549 1.00 49.53  ? 85  GLU A CG  1 
ATOM   662  C CD  . GLU A 1 85  ? 7.523   -2.017  -11.338 1.00 57.39  ? 85  GLU A CD  1 
ATOM   663  O OE1 . GLU A 1 85  ? 8.263   -1.791  -10.359 1.00 68.25  ? 85  GLU A OE1 1 
ATOM   664  O OE2 . GLU A 1 85  ? 6.808   -3.045  -11.356 1.00 53.78  ? 85  GLU A OE2 1 
ATOM   665  N N   . GLY A 1 86  ? 5.825   3.324   -11.917 1.00 34.48  ? 86  GLY A N   1 
ATOM   666  C CA  . GLY A 1 86  ? 5.906   4.685   -11.489 1.00 37.89  ? 86  GLY A CA  1 
ATOM   667  C C   . GLY A 1 86  ? 4.979   4.891   -10.288 1.00 34.10  ? 86  GLY A C   1 
ATOM   668  O O   . GLY A 1 86  ? 5.345   5.568   -9.337  1.00 38.80  ? 86  GLY A O   1 
ATOM   669  N N   . ALA A 1 87  ? 3.754   4.365   -10.398 1.00 36.03  ? 87  ALA A N   1 
ATOM   670  C CA  . ALA A 1 87  ? 2.787   4.438   -9.309  1.00 31.35  ? 87  ALA A CA  1 
ATOM   671  C C   . ALA A 1 87  ? 3.423   3.877   -7.989  1.00 30.03  ? 87  ALA A C   1 
ATOM   672  O O   . ALA A 1 87  ? 3.409   4.571   -6.952  1.00 32.92  ? 87  ALA A O   1 
ATOM   673  C CB  . ALA A 1 87  ? 1.554   3.677   -9.689  1.00 29.82  ? 87  ALA A CB  1 
ATOM   674  N N   . MET A 1 88  ? 4.070   2.702   -8.057  1.00 29.94  ? 88  MET A N   1 
ATOM   675  C CA  . MET A 1 88  ? 4.565   1.997   -6.853  1.00 30.92  ? 88  MET A CA  1 
ATOM   676  C C   . MET A 1 88  ? 5.614   2.865   -6.211  1.00 35.58  ? 88  MET A C   1 
ATOM   677  O O   . MET A 1 88  ? 5.647   3.030   -4.983  1.00 34.52  ? 88  MET A O   1 
ATOM   678  C CB  . MET A 1 88  ? 5.175   0.617   -7.150  1.00 28.31  ? 88  MET A CB  1 
ATOM   679  C CG  . MET A 1 88  ? 4.231   -0.489  -7.633  1.00 31.28  ? 88  MET A CG  1 
ATOM   680  S SD  . MET A 1 88  ? 2.793   -0.590  -6.512  1.00 32.94  ? 88  MET A SD  1 
ATOM   681  C CE  . MET A 1 88  ? 1.467   0.370   -7.256  1.00 29.25  ? 88  MET A CE  1 
ATOM   682  N N   . LYS A 1 89  ? 6.453   3.461   -7.056  1.00 37.58  ? 89  LYS A N   1 
ATOM   683  C CA  . LYS A 1 89  ? 7.569   4.246   -6.607  1.00 36.29  ? 89  LYS A CA  1 
ATOM   684  C C   . LYS A 1 89  ? 7.085   5.579   -6.016  1.00 35.61  ? 89  LYS A C   1 
ATOM   685  O O   . LYS A 1 89  ? 7.629   6.072   -5.031  1.00 30.77  ? 89  LYS A O   1 
ATOM   686  C CB  . LYS A 1 89  ? 8.469   4.554   -7.798  1.00 39.57  ? 89  LYS A CB  1 
ATOM   687  C CG  . LYS A 1 89  ? 9.883   4.838   -7.353  1.00 58.92  ? 89  LYS A CG  1 
ATOM   688  C CD  . LYS A 1 89  ? 10.614  5.879   -8.208  1.00 65.67  ? 89  LYS A CD  1 
ATOM   689  C CE  . LYS A 1 89  ? 12.101  5.823   -7.834  1.00 69.67  ? 89  LYS A CE  1 
ATOM   690  N NZ  . LYS A 1 89  ? 13.035  6.345   -8.867  1.00 83.52  ? 89  LYS A NZ  1 
ATOM   691  N N   . ASP A 1 90  ? 6.084   6.177   -6.645  1.00 29.29  ? 90  ASP A N   1 
ATOM   692  C CA  . ASP A 1 90  ? 5.451   7.324   -6.047  1.00 36.23  ? 90  ASP A CA  1 
ATOM   693  C C   . ASP A 1 90  ? 4.879   7.046   -4.615  1.00 39.76  ? 90  ASP A C   1 
ATOM   694  O O   . ASP A 1 90  ? 5.059   7.844   -3.662  1.00 35.91  ? 90  ASP A O   1 
ATOM   695  C CB  . ASP A 1 90  ? 4.339   7.791   -6.953  1.00 36.72  ? 90  ASP A CB  1 
ATOM   696  C CG  . ASP A 1 90  ? 3.620   8.980   -6.403  1.00 47.36  ? 90  ASP A CG  1 
ATOM   697  O OD1 . ASP A 1 90  ? 4.283   9.978   -6.149  1.00 58.13  ? 90  ASP A OD1 1 
ATOM   698  O OD2 . ASP A 1 90  ? 2.388   8.956   -6.218  1.00 54.85  ? 90  ASP A OD2 1 
ATOM   699  N N   . TRP A 1 91  ? 4.161   5.937   -4.462  1.00 34.90  ? 91  TRP A N   1 
ATOM   700  C CA  . TRP A 1 91  ? 3.647   5.601   -3.132  1.00 32.00  ? 91  TRP A CA  1 
ATOM   701  C C   . TRP A 1 91  ? 4.819   5.428   -2.154  1.00 29.34  ? 91  TRP A C   1 
ATOM   702  O O   . TRP A 1 91  ? 4.813   5.963   -1.031  1.00 27.23  ? 91  TRP A O   1 
ATOM   703  C CB  . TRP A 1 91  ? 2.856   4.275   -3.192  1.00 29.15  ? 91  TRP A CB  1 
ATOM   704  C CG  . TRP A 1 91  ? 1.560   4.355   -3.885  1.00 21.97  ? 91  TRP A CG  1 
ATOM   705  C CD1 . TRP A 1 91  ? 0.948   5.451   -4.369  1.00 25.48  ? 91  TRP A CD1 1 
ATOM   706  C CD2 . TRP A 1 91  ? 0.718   3.230   -4.186  1.00 22.93  ? 91  TRP A CD2 1 
ATOM   707  N NE1 . TRP A 1 91  ? -0.277  5.087   -5.000  1.00 24.52  ? 91  TRP A NE1 1 
ATOM   708  C CE2 . TRP A 1 91  ? -0.410  3.709   -4.859  1.00 23.52  ? 91  TRP A CE2 1 
ATOM   709  C CE3 . TRP A 1 91  ? 0.810   1.831   -3.900  1.00 21.49  ? 91  TRP A CE3 1 
ATOM   710  C CZ2 . TRP A 1 91  ? -1.428  2.857   -5.293  1.00 25.65  ? 91  TRP A CZ2 1 
ATOM   711  C CZ3 . TRP A 1 91  ? -0.184  1.032   -4.348  1.00 23.47  ? 91  TRP A CZ3 1 
ATOM   712  C CH2 . TRP A 1 91  ? -1.273  1.522   -5.047  1.00 23.76  ? 91  TRP A CH2 1 
ATOM   713  N N   . LEU A 1 92  ? 5.811   4.631   -2.539  1.00 26.05  ? 92  LEU A N   1 
ATOM   714  C CA  . LEU A 1 92  ? 6.958   4.372   -1.648  1.00 29.81  ? 92  LEU A CA  1 
ATOM   715  C C   . LEU A 1 92  ? 7.677   5.658   -1.145  1.00 35.19  ? 92  LEU A C   1 
ATOM   716  O O   . LEU A 1 92  ? 7.976   5.814   0.043   1.00 32.63  ? 92  LEU A O   1 
ATOM   717  C CB  . LEU A 1 92  ? 7.963   3.407   -2.378  1.00 30.21  ? 92  LEU A CB  1 
ATOM   718  C CG  . LEU A 1 92  ? 9.363   3.314   -1.710  1.00 31.30  ? 92  LEU A CG  1 
ATOM   719  C CD1 . LEU A 1 92  ? 9.266   2.679   -0.330  1.00 32.01  ? 92  LEU A CD1 1 
ATOM   720  C CD2 . LEU A 1 92  ? 10.328  2.490   -2.585  1.00 32.98  ? 92  LEU A CD2 1 
ATOM   721  N N   . GLU A 1 93  ? 7.946   6.585   -2.054  1.00 32.80  ? 93  GLU A N   1 
ATOM   722  C CA  . GLU A 1 93  ? 8.880   7.668   -1.753  1.00 38.65  ? 93  GLU A CA  1 
ATOM   723  C C   . GLU A 1 93  ? 8.208   8.709   -0.908  1.00 40.62  ? 93  GLU A C   1 
ATOM   724  O O   . GLU A 1 93  ? 8.857   9.650   -0.492  1.00 34.05  ? 93  GLU A O   1 
ATOM   725  C CB  . GLU A 1 93  ? 9.348   8.355   -3.017  1.00 40.35  ? 93  GLU A CB  1 
ATOM   726  C CG  . GLU A 1 93  ? 9.697   7.345   -4.056  1.00 53.54  ? 93  GLU A CG  1 
ATOM   727  C CD  . GLU A 1 93  ? 11.099  7.459   -4.477  1.00 55.61  ? 93  GLU A CD  1 
ATOM   728  O OE1 . GLU A 1 93  ? 11.960  7.023   -3.718  1.00 64.06  ? 93  GLU A OE1 1 
ATOM   729  O OE2 . GLU A 1 93  ? 11.303  8.000   -5.560  1.00 60.67  ? 93  GLU A OE2 1 
ATOM   730  N N   . GLU A 1 94  ? 6.928   8.531   -0.634  1.00 33.66  ? 94  GLU A N   1 
ATOM   731  C CA  . GLU A 1 94  ? 6.342   9.276   0.428   1.00 32.24  ? 94  GLU A CA  1 
ATOM   732  C C   . GLU A 1 94  ? 7.028   9.053   1.741   1.00 34.21  ? 94  GLU A C   1 
ATOM   733  O O   . GLU A 1 94  ? 6.746   9.801   2.675   1.00 36.14  ? 94  GLU A O   1 
ATOM   734  C CB  . GLU A 1 94  ? 4.880   8.893   0.613   1.00 29.42  ? 94  GLU A CB  1 
ATOM   735  C CG  . GLU A 1 94  ? 4.024   9.241   -0.567  1.00 31.84  ? 94  GLU A CG  1 
ATOM   736  C CD  . GLU A 1 94  ? 2.579   8.933   -0.267  1.00 35.48  ? 94  GLU A CD  1 
ATOM   737  O OE1 . GLU A 1 94  ? 2.239   8.392   0.832   1.00 31.07  ? 94  GLU A OE1 1 
ATOM   738  O OE2 . GLU A 1 94  ? 1.779   9.215   -1.136  1.00 36.69  ? 94  GLU A OE2 1 
ATOM   739  N N   . TYR A 1 95  ? 7.911   8.047   1.853   1.00 32.90  ? 95  TYR A N   1 
ATOM   740  C CA  . TYR A 1 95  ? 8.700   7.929   3.067   1.00 32.34  ? 95  TYR A CA  1 
ATOM   741  C C   . TYR A 1 95  ? 9.562   9.189   3.358   1.00 37.79  ? 95  TYR A C   1 
ATOM   742  O O   . TYR A 1 95  ? 9.929   9.416   4.507   1.00 34.76  ? 95  TYR A O   1 
ATOM   743  C CB  . TYR A 1 95  ? 9.604   6.665   3.033   1.00 32.47  ? 95  TYR A CB  1 
ATOM   744  C CG  . TYR A 1 95  ? 10.845  6.763   2.165   1.00 37.27  ? 95  TYR A CG  1 
ATOM   745  C CD1 . TYR A 1 95  ? 11.950  7.539   2.557   1.00 38.09  ? 95  TYR A CD1 1 
ATOM   746  C CD2 . TYR A 1 95  ? 10.936  6.034   0.975   1.00 38.89  ? 95  TYR A CD2 1 
ATOM   747  C CE1 . TYR A 1 95  ? 13.104  7.580   1.779   1.00 38.86  ? 95  TYR A CE1 1 
ATOM   748  C CE2 . TYR A 1 95  ? 12.053  6.101   0.172   1.00 43.45  ? 95  TYR A CE2 1 
ATOM   749  C CZ  . TYR A 1 95  ? 13.143  6.856   0.587   1.00 45.33  ? 95  TYR A CZ  1 
ATOM   750  O OH  . TYR A 1 95  ? 14.266  6.874   -0.218  1.00 47.58  ? 95  TYR A OH  1 
ATOM   751  N N   . LYS A 1 96  ? 9.864   9.993   2.325   1.00 36.21  ? 96  LYS A N   1 
ATOM   752  C CA  . LYS A 1 96  ? 10.575  11.263  2.524   1.00 40.05  ? 96  LYS A CA  1 
ATOM   753  C C   . LYS A 1 96  ? 9.782   12.259  3.354   1.00 45.45  ? 96  LYS A C   1 
ATOM   754  O O   . LYS A 1 96  ? 10.360  13.188  3.847   1.00 46.02  ? 96  LYS A O   1 
ATOM   755  C CB  . LYS A 1 96  ? 10.926  11.884  1.204   1.00 37.33  ? 96  LYS A CB  1 
ATOM   756  C CG  . LYS A 1 96  ? 11.951  11.031  0.503   1.00 43.15  ? 96  LYS A CG  1 
ATOM   757  C CD  . LYS A 1 96  ? 12.014  11.267  -0.989  1.00 46.80  ? 96  LYS A CD  1 
ATOM   758  C CE  . LYS A 1 96  ? 13.375  10.736  -1.376  1.00 47.59  ? 96  LYS A CE  1 
ATOM   759  N NZ  . LYS A 1 96  ? 13.454  10.338  -2.791  1.00 53.12  ? 96  LYS A NZ  1 
ATOM   760  N N   . ASN A 1 97  ? 8.471   12.064  3.500   1.00 39.91  ? 97  ASN A N   1 
ATOM   761  C CA  . ASN A 1 97  ? 7.638   13.027  4.144   1.00 37.81  ? 97  ASN A CA  1 
ATOM   762  C C   . ASN A 1 97  ? 7.325   12.576  5.520   1.00 40.35  ? 97  ASN A C   1 
ATOM   763  O O   . ASN A 1 97  ? 6.623   13.285  6.236   1.00 38.97  ? 97  ASN A O   1 
ATOM   764  C CB  . ASN A 1 97  ? 6.316   13.192  3.399   1.00 40.29  ? 97  ASN A CB  1 
ATOM   765  C CG  . ASN A 1 97  ? 6.496   13.556  1.927   1.00 46.95  ? 97  ASN A CG  1 
ATOM   766  O OD1 . ASN A 1 97  ? 7.425   14.257  1.558   1.00 51.25  ? 97  ASN A OD1 1 
ATOM   767  N ND2 . ASN A 1 97  ? 5.596   13.079  1.088   1.00 46.42  ? 97  ASN A ND2 1 
ATOM   768  N N   . TYR A 1 98  ? 7.757   11.374  5.899   1.00 34.48  ? 98  TYR A N   1 
ATOM   769  C CA  . TYR A 1 98  ? 7.204   10.775  7.144   1.00 36.42  ? 98  TYR A CA  1 
ATOM   770  C C   . TYR A 1 98  ? 8.209   10.833  8.278   1.00 35.88  ? 98  TYR A C   1 
ATOM   771  O O   . TYR A 1 98  ? 9.316   10.507  8.073   1.00 35.92  ? 98  TYR A O   1 
ATOM   772  C CB  . TYR A 1 98  ? 6.740   9.332   6.912   1.00 30.38  ? 98  TYR A CB  1 
ATOM   773  C CG  . TYR A 1 98  ? 6.153   8.733   8.141   1.00 31.18  ? 98  TYR A CG  1 
ATOM   774  C CD1 . TYR A 1 98  ? 4.995   9.307   8.762   1.00 27.16  ? 98  TYR A CD1 1 
ATOM   775  C CD2 . TYR A 1 98  ? 6.724   7.632   8.735   1.00 29.84  ? 98  TYR A CD2 1 
ATOM   776  C CE1 . TYR A 1 98  ? 4.440   8.768   9.871   1.00 24.02  ? 98  TYR A CE1 1 
ATOM   777  C CE2 . TYR A 1 98  ? 6.157   7.065   9.882   1.00 27.01  ? 98  TYR A CE2 1 
ATOM   778  C CZ  . TYR A 1 98  ? 5.023   7.651   10.433  1.00 27.36  ? 98  TYR A CZ  1 
ATOM   779  O OH  . TYR A 1 98  ? 4.499   7.137   11.577  1.00 25.41  ? 98  TYR A OH  1 
ATOM   780  N N   . ASN A 1 99  ? 7.826   11.331  9.454   1.00 37.30  ? 99  ASN A N   1 
ATOM   781  C CA  . ASN A 1 99  ? 8.622   11.235  10.650  1.00 30.57  ? 99  ASN A CA  1 
ATOM   782  C C   . ASN A 1 99  ? 8.056   10.270  11.600  1.00 30.62  ? 99  ASN A C   1 
ATOM   783  O O   . ASN A 1 99  ? 7.094   10.564  12.303  1.00 30.59  ? 99  ASN A O   1 
ATOM   784  C CB  . ASN A 1 99  ? 8.742   12.614  11.368  1.00 38.73  ? 99  ASN A CB  1 
ATOM   785  C CG  . ASN A 1 99  ? 9.609   12.585  12.665  1.00 38.68  ? 99  ASN A CG  1 
ATOM   786  O OD1 . ASN A 1 99  ? 9.804   11.579  13.314  1.00 53.46  ? 99  ASN A OD1 1 
ATOM   787  N ND2 . ASN A 1 99  ? 9.992   13.739  13.098  1.00 54.40  ? 99  ASN A ND2 1 
ATOM   788  N N   . PHE A 1 100 ? 8.745   9.136   11.744  1.00 29.03  ? 100 PHE A N   1 
ATOM   789  C CA  . PHE A 1 100 ? 8.243   8.081   12.590  1.00 29.61  ? 100 PHE A CA  1 
ATOM   790  C C   . PHE A 1 100 ? 8.199   8.508   14.078  1.00 30.59  ? 100 PHE A C   1 
ATOM   791  O O   . PHE A 1 100 ? 7.226   8.212   14.831  1.00 28.25  ? 100 PHE A O   1 
ATOM   792  C CB  . PHE A 1 100 ? 9.172   6.886   12.331  1.00 28.22  ? 100 PHE A CB  1 
ATOM   793  C CG  . PHE A 1 100 ? 8.793   5.647   13.051  1.00 27.93  ? 100 PHE A CG  1 
ATOM   794  C CD1 . PHE A 1 100 ? 9.041   5.513   14.440  1.00 28.90  ? 100 PHE A CD1 1 
ATOM   795  C CD2 . PHE A 1 100 ? 8.178   4.599   12.369  1.00 26.95  ? 100 PHE A CD2 1 
ATOM   796  C CE1 . PHE A 1 100 ? 8.670   4.367   15.110  1.00 26.71  ? 100 PHE A CE1 1 
ATOM   797  C CE2 . PHE A 1 100 ? 7.774   3.472   13.074  1.00 26.63  ? 100 PHE A CE2 1 
ATOM   798  C CZ  . PHE A 1 100 ? 8.062   3.340   14.417  1.00 30.07  ? 100 PHE A CZ  1 
ATOM   799  N N   . GLU A 1 101 ? 9.288   9.124   14.548  1.00 31.15  ? 101 GLU A N   1 
ATOM   800  C CA  . GLU A 1 101 ? 9.374   9.502   16.033  1.00 34.92  ? 101 GLU A CA  1 
ATOM   801  C C   . GLU A 1 101 ? 8.177   10.349  16.480  1.00 30.96  ? 101 GLU A C   1 
ATOM   802  O O   . GLU A 1 101 ? 7.413   9.987   17.429  1.00 34.81  ? 101 GLU A O   1 
ATOM   803  C CB  . GLU A 1 101 ? 10.610  10.342  16.251  1.00 39.48  ? 101 GLU A CB  1 
ATOM   804  C CG  . GLU A 1 101 ? 11.860  9.552   16.231  1.00 45.13  ? 101 GLU A CG  1 
ATOM   805  C CD  . GLU A 1 101 ? 13.032  10.344  16.819  1.00 61.74  ? 101 GLU A CD  1 
ATOM   806  O OE1 . GLU A 1 101 ? 12.887  10.926  17.909  1.00 54.14  ? 101 GLU A OE1 1 
ATOM   807  O OE2 . GLU A 1 101 ? 14.105  10.405  16.185  1.00 79.60  ? 101 GLU A OE2 1 
ATOM   808  N N   . LYS A 1 102 ? 7.897   11.355  15.665  1.00 31.61  ? 102 LYS A N   1 
ATOM   809  C CA  . LYS A 1 102 ? 6.695   12.189  15.942  1.00 41.08  ? 102 LYS A CA  1 
ATOM   810  C C   . LYS A 1 102 ? 5.445   11.697  15.303  1.00 43.99  ? 102 LYS A C   1 
ATOM   811  O O   . LYS A 1 102 ? 4.396   12.227  15.585  1.00 34.82  ? 102 LYS A O   1 
ATOM   812  C CB  . LYS A 1 102 ? 6.922   13.634  15.581  1.00 42.72  ? 102 LYS A CB  1 
ATOM   813  C CG  . LYS A 1 102 ? 8.259   14.104  16.126  1.00 56.43  ? 102 LYS A CG  1 
ATOM   814  C CD  . LYS A 1 102 ? 8.170   15.247  17.101  1.00 55.24  ? 102 LYS A CD  1 
ATOM   815  C CE  . LYS A 1 102 ? 9.080   16.333  16.570  1.00 56.65  ? 102 LYS A CE  1 
ATOM   816  N NZ  . LYS A 1 102 ? 9.320   17.315  17.645  1.00 56.69  ? 102 LYS A NZ  1 
ATOM   817  N N   . ASN A 1 103 ? 5.532   10.628  14.499  1.00 38.65  ? 103 ASN A N   1 
ATOM   818  C CA  . ASN A 1 103 ? 4.390   10.208  13.771  1.00 29.88  ? 103 ASN A CA  1 
ATOM   819  C C   . ASN A 1 103 ? 3.811   11.397  13.009  1.00 32.77  ? 103 ASN A C   1 
ATOM   820  O O   . ASN A 1 103 ? 2.640   11.664  13.114  1.00 31.41  ? 103 ASN A O   1 
ATOM   821  C CB  . ASN A 1 103 ? 3.299   9.595   14.660  1.00 33.04  ? 103 ASN A CB  1 
ATOM   822  C CG  . ASN A 1 103 ? 2.215   8.920   13.831  1.00 32.80  ? 103 ASN A CG  1 
ATOM   823  O OD1 . ASN A 1 103 ? 2.490   8.456   12.731  1.00 33.73  ? 103 ASN A OD1 1 
ATOM   824  N ND2 . ASN A 1 103 ? 1.043   8.783   14.369  1.00 32.50  ? 103 ASN A ND2 1 
ATOM   825  N N   . GLN A 1 104 ? 4.612   12.102  12.239  1.00 30.68  ? 104 GLN A N   1 
ATOM   826  C CA  . GLN A 1 104 ? 4.084   13.273  11.622  1.00 35.47  ? 104 GLN A CA  1 
ATOM   827  C C   . GLN A 1 104 ? 4.467   13.274  10.208  1.00 38.59  ? 104 GLN A C   1 
ATOM   828  O O   . GLN A 1 104 ? 5.517   12.759  9.841   1.00 37.47  ? 104 GLN A O   1 
ATOM   829  C CB  . GLN A 1 104 ? 4.758   14.530  12.179  1.00 40.87  ? 104 GLN A CB  1 
ATOM   830  C CG  . GLN A 1 104 ? 3.970   15.123  13.319  1.00 43.01  ? 104 GLN A CG  1 
ATOM   831  C CD  . GLN A 1 104 ? 4.787   16.172  14.070  1.00 54.24  ? 104 GLN A CD  1 
ATOM   832  O OE1 . GLN A 1 104 ? 5.718   16.788  13.514  1.00 48.14  ? 104 GLN A OE1 1 
ATOM   833  N NE2 . GLN A 1 104 ? 4.445   16.381  15.340  1.00 49.64  ? 104 GLN A NE2 1 
ATOM   834  N N   . CYS A 1 105 ? 3.658   13.945  9.417   1.00 36.44  ? 105 CYS A N   1 
ATOM   835  C CA  . CYS A 1 105 ? 3.821   13.914  8.005   1.00 39.69  ? 105 CYS A CA  1 
ATOM   836  C C   . CYS A 1 105 ? 3.882   15.350  7.492   1.00 45.35  ? 105 CYS A C   1 
ATOM   837  O O   . CYS A 1 105 ? 3.009   16.154  7.765   1.00 49.14  ? 105 CYS A O   1 
ATOM   838  C CB  . CYS A 1 105 ? 2.641   13.138  7.368   1.00 35.87  ? 105 CYS A CB  1 
ATOM   839  S SG  . CYS A 1 105 ? 2.803   13.044  5.574   1.00 47.61  ? 105 CYS A SG  1 
ATOM   840  N N   . ASN A 1 106 ? 4.884   15.606  6.683   1.00 44.20  ? 106 ASN A N   1 
ATOM   841  C CA  . ASN A 1 106 ? 4.969   16.716  5.795   1.00 49.91  ? 106 ASN A CA  1 
ATOM   842  C C   . ASN A 1 106 ? 4.478   16.499  4.340   1.00 50.30  ? 106 ASN A C   1 
ATOM   843  O O   . ASN A 1 106 ? 5.263   16.146  3.475   1.00 54.19  ? 106 ASN A O   1 
ATOM   844  C CB  . ASN A 1 106 ? 6.435   17.172  5.785   1.00 52.83  ? 106 ASN A CB  1 
ATOM   845  C CG  . ASN A 1 106 ? 6.608   18.523  5.144   1.00 68.04  ? 106 ASN A CG  1 
ATOM   846  O OD1 . ASN A 1 106 ? 5.900   19.470  5.471   1.00 77.05  ? 106 ASN A OD1 1 
ATOM   847  N ND2 . ASN A 1 106 ? 7.518   18.614  4.193   1.00 70.56  ? 106 ASN A ND2 1 
ATOM   848  N N   . GLY A 1 107 ? 3.201   16.784  4.060   1.00 47.38  ? 107 GLY A N   1 
ATOM   849  C CA  . GLY A 1 107 ? 2.595   16.406  2.771   1.00 45.47  ? 107 GLY A CA  1 
ATOM   850  C C   . GLY A 1 107 ? 1.810   15.101  2.909   1.00 40.04  ? 107 GLY A C   1 
ATOM   851  O O   . GLY A 1 107 ? 1.045   14.922  3.831   1.00 43.04  ? 107 GLY A O   1 
ATOM   852  N N   . ASP A 1 108 ? 2.025   14.180  1.996   1.00 43.33  ? 108 ASP A N   1 
ATOM   853  C CA  . ASP A 1 108 ? 1.253   12.937  1.994   1.00 40.20  ? 108 ASP A CA  1 
ATOM   854  C C   . ASP A 1 108 ? 2.165   11.760  2.262   1.00 33.86  ? 108 ASP A C   1 
ATOM   855  O O   . ASP A 1 108 ? 3.152   11.587  1.575   1.00 34.70  ? 108 ASP A O   1 
ATOM   856  C CB  . ASP A 1 108 ? 0.530   12.735  0.659   1.00 49.45  ? 108 ASP A CB  1 
ATOM   857  C CG  . ASP A 1 108 ? -0.576  11.614  0.736   1.00 60.02  ? 108 ASP A CG  1 
ATOM   858  O OD1 . ASP A 1 108 ? -1.064  11.213  1.829   1.00 59.69  ? 108 ASP A OD1 1 
ATOM   859  O OD2 . ASP A 1 108 ? -0.976  11.132  -0.325  1.00 62.76  ? 108 ASP A OD2 1 
ATOM   860  N N   . CYS A 1 109 ? 1.788   11.000  3.287   1.00 31.12  ? 109 CYS A N   1 
ATOM   861  C CA  . CYS A 1 109 ? 2.389   9.785   3.806   1.00 34.63  ? 109 CYS A CA  1 
ATOM   862  C C   . CYS A 1 109 ? 1.443   8.596   3.772   1.00 30.45  ? 109 CYS A C   1 
ATOM   863  O O   . CYS A 1 109 ? 1.877   7.529   4.136   1.00 28.70  ? 109 CYS A O   1 
ATOM   864  C CB  . CYS A 1 109 ? 2.782   10.015  5.304   1.00 32.32  ? 109 CYS A CB  1 
ATOM   865  S SG  . CYS A 1 109 ? 4.023   11.326  5.313   1.00 43.87  ? 109 CYS A SG  1 
ATOM   866  N N   . LYS A 1 110 ? 0.176   8.767   3.393   1.00 28.76  ? 110 LYS A N   1 
ATOM   867  C CA  . LYS A 1 110 ? -0.803  7.675   3.592   1.00 33.12  ? 110 LYS A CA  1 
ATOM   868  C C   . LYS A 1 110 ? -0.441  6.433   2.773   1.00 27.56  ? 110 LYS A C   1 
ATOM   869  O O   . LYS A 1 110 ? -0.665  5.351   3.231   1.00 24.81  ? 110 LYS A O   1 
ATOM   870  C CB  . LYS A 1 110 ? -2.205  7.967   3.095   1.00 33.72  ? 110 LYS A CB  1 
ATOM   871  C CG  . LYS A 1 110 ? -2.994  9.158   3.546   1.00 54.30  ? 110 LYS A CG  1 
ATOM   872  C CD  . LYS A 1 110 ? -4.156  9.252   2.508   1.00 61.77  ? 110 LYS A CD  1 
ATOM   873  C CE  . LYS A 1 110 ? -5.112  10.415  2.771   1.00 74.09  ? 110 LYS A CE  1 
ATOM   874  N NZ  . LYS A 1 110 ? -4.685  11.120  4.022   1.00 74.27  ? 110 LYS A NZ  1 
ATOM   875  N N   . ASN A 1 111 ? 0.021   6.593   1.537   1.00 23.21  ? 111 ASN A N   1 
ATOM   876  C CA  . ASN A 1 111 ? 0.295   5.403   0.717   1.00 23.56  ? 111 ASN A CA  1 
ATOM   877  C C   . ASN A 1 111 ? 1.486   4.637   1.297   1.00 23.06  ? 111 ASN A C   1 
ATOM   878  O O   . ASN A 1 111 ? 1.427   3.457   1.449   1.00 23.05  ? 111 ASN A O   1 
ATOM   879  C CB  . ASN A 1 111 ? 0.601   5.872   -0.728  1.00 27.01  ? 111 ASN A CB  1 
ATOM   880  C CG  . ASN A 1 111 ? -0.605  6.561   -1.346  1.00 30.51  ? 111 ASN A CG  1 
ATOM   881  O OD1 . ASN A 1 111 ? -1.692  6.020   -1.297  1.00 32.52  ? 111 ASN A OD1 1 
ATOM   882  N ND2 . ASN A 1 111 ? -0.440  7.800   -1.818  1.00 29.38  ? 111 ASN A ND2 1 
ATOM   883  N N   . TYR A 1 112 ? 2.607   5.325   1.576   1.00 26.13  ? 112 TYR A N   1 
ATOM   884  C CA  . TYR A 1 112 ? 3.757   4.693   2.237   1.00 21.52  ? 112 TYR A CA  1 
ATOM   885  C C   . TYR A 1 112 ? 3.403   3.982   3.555   1.00 23.72  ? 112 TYR A C   1 
ATOM   886  O O   . TYR A 1 112 ? 3.730   2.783   3.779   1.00 24.82  ? 112 TYR A O   1 
ATOM   887  C CB  . TYR A 1 112 ? 4.881   5.753   2.454   1.00 23.33  ? 112 TYR A CB  1 
ATOM   888  C CG  . TYR A 1 112 ? 5.952   5.181   3.362   1.00 22.91  ? 112 TYR A CG  1 
ATOM   889  C CD1 . TYR A 1 112 ? 6.794   4.182   2.916   1.00 25.46  ? 112 TYR A CD1 1 
ATOM   890  C CD2 . TYR A 1 112 ? 6.022   5.566   4.719   1.00 25.56  ? 112 TYR A CD2 1 
ATOM   891  C CE1 . TYR A 1 112 ? 7.748   3.615   3.779   1.00 26.82  ? 112 TYR A CE1 1 
ATOM   892  C CE2 . TYR A 1 112 ? 6.982   5.024   5.578   1.00 28.02  ? 112 TYR A CE2 1 
ATOM   893  C CZ  . TYR A 1 112 ? 7.810   4.026   5.092   1.00 28.94  ? 112 TYR A CZ  1 
ATOM   894  O OH  . TYR A 1 112 ? 8.733   3.432   5.882   1.00 30.82  ? 112 TYR A OH  1 
ATOM   895  N N   . LYS A 1 113 ? 2.677   4.677   4.465   1.00 25.20  ? 113 LYS A N   1 
ATOM   896  C CA  . LYS A 1 113 ? 2.325   4.068   5.725   1.00 24.93  ? 113 LYS A CA  1 
ATOM   897  C C   . LYS A 1 113 ? 1.486   2.788   5.594   1.00 24.67  ? 113 LYS A C   1 
ATOM   898  O O   . LYS A 1 113 ? 1.709   1.831   6.323   1.00 23.21  ? 113 LYS A O   1 
ATOM   899  C CB  . LYS A 1 113 ? 1.587   5.054   6.702   1.00 24.48  ? 113 LYS A CB  1 
ATOM   900  C CG  . LYS A 1 113 ? 2.435   6.231   7.202   1.00 32.90  ? 113 LYS A CG  1 
ATOM   901  C CD  . LYS A 1 113 ? 1.580   7.159   8.105   1.00 32.74  ? 113 LYS A CD  1 
ATOM   902  C CE  . LYS A 1 113 ? 1.367   6.535   9.483   1.00 32.64  ? 113 LYS A CE  1 
ATOM   903  N NZ  . LYS A 1 113 ? 0.660   7.541   10.390  1.00 35.14  ? 113 LYS A NZ  1 
ATOM   904  N N   . GLN A 1 114 ? 0.534   2.791   4.675   1.00 23.98  ? 114 GLN A N   1 
ATOM   905  C CA  . GLN A 1 114 ? -0.257  1.624   4.419   1.00 24.95  ? 114 GLN A CA  1 
ATOM   906  C C   . GLN A 1 114 ? 0.632   0.481   3.870   1.00 26.12  ? 114 GLN A C   1 
ATOM   907  O O   . GLN A 1 114 ? 0.394   -0.682  4.216   1.00 23.75  ? 114 GLN A O   1 
ATOM   908  C CB  . GLN A 1 114 ? -1.361  1.940   3.395   1.00 24.28  ? 114 GLN A CB  1 
ATOM   909  C CG  . GLN A 1 114 ? -2.186  0.707   3.059   1.00 21.11  ? 114 GLN A CG  1 
ATOM   910  C CD  . GLN A 1 114 ? -2.979  0.182   4.313   1.00 23.40  ? 114 GLN A CD  1 
ATOM   911  O OE1 . GLN A 1 114 ? -4.067  0.675   4.594   1.00 22.92  ? 114 GLN A OE1 1 
ATOM   912  N NE2 . GLN A 1 114 ? -2.475  -0.850  4.988   1.00 21.55  ? 114 GLN A NE2 1 
ATOM   913  N N   . MET A 1 115 ? 1.613   0.811   3.003   1.00 25.03  ? 115 MET A N   1 
ATOM   914  C CA  . MET A 1 115 ? 2.481   -0.273  2.447   1.00 22.88  ? 115 MET A CA  1 
ATOM   915  C C   . MET A 1 115 ? 3.318   -0.932  3.524   1.00 24.16  ? 115 MET A C   1 
ATOM   916  O O   . MET A 1 115 ? 3.575   -2.091  3.426   1.00 21.68  ? 115 MET A O   1 
ATOM   917  C CB  . MET A 1 115 ? 3.449   0.260   1.367   1.00 22.75  ? 115 MET A CB  1 
ATOM   918  C CG  . MET A 1 115 ? 2.699   0.645   0.042   1.00 28.89  ? 115 MET A CG  1 
ATOM   919  S SD  . MET A 1 115 ? 3.915   1.279   -1.171  1.00 32.89  ? 115 MET A SD  1 
ATOM   920  C CE  . MET A 1 115 ? 4.685   -0.198  -1.606  1.00 33.86  ? 115 MET A CE  1 
ATOM   921  N N   . VAL A 1 116 ? 3.726   -0.208  4.570   1.00 23.99  ? 116 VAL A N   1 
ATOM   922  C CA  . VAL A 1 116 ? 4.554   -0.820  5.616   1.00 23.31  ? 116 VAL A CA  1 
ATOM   923  C C   . VAL A 1 116 ? 3.773   -1.108  6.916   1.00 26.90  ? 116 VAL A C   1 
ATOM   924  O O   . VAL A 1 116 ? 4.362   -1.342  7.946   1.00 25.37  ? 116 VAL A O   1 
ATOM   925  C CB  . VAL A 1 116 ? 5.827   0.001   5.945   1.00 23.81  ? 116 VAL A CB  1 
ATOM   926  C CG1 . VAL A 1 116 ? 6.813   0.019   4.747   1.00 20.07  ? 116 VAL A CG1 1 
ATOM   927  C CG2 . VAL A 1 116 ? 5.515   1.425   6.465   1.00 19.72  ? 116 VAL A CG2 1 
ATOM   928  N N   . TRP A 1 117 ? 2.458   -1.224  6.785   1.00 25.53  ? 117 TRP A N   1 
ATOM   929  C CA  . TRP A 1 117 ? 1.577   -1.351  7.936   1.00 25.07  ? 117 TRP A CA  1 
ATOM   930  C C   . TRP A 1 117 ? 1.740   -2.723  8.481   1.00 26.48  ? 117 TRP A C   1 
ATOM   931  O O   . TRP A 1 117 ? 1.544   -3.750  7.779   1.00 25.39  ? 117 TRP A O   1 
ATOM   932  C CB  . TRP A 1 117 ? 0.100   -1.028  7.585   1.00 22.89  ? 117 TRP A CB  1 
ATOM   933  C CG  . TRP A 1 117 ? -0.650  -0.827  8.874   1.00 22.85  ? 117 TRP A CG  1 
ATOM   934  C CD1 . TRP A 1 117 ? -1.438  -1.754  9.543   1.00 23.91  ? 117 TRP A CD1 1 
ATOM   935  C CD2 . TRP A 1 117 ? -0.656  0.369   9.654   1.00 22.74  ? 117 TRP A CD2 1 
ATOM   936  N NE1 . TRP A 1 117 ? -1.928  -1.180  10.746  1.00 27.56  ? 117 TRP A NE1 1 
ATOM   937  C CE2 . TRP A 1 117 ? -1.456  0.118   10.824  1.00 28.09  ? 117 TRP A CE2 1 
ATOM   938  C CE3 . TRP A 1 117 ? -0.041  1.637   9.496   1.00 25.36  ? 117 TRP A CE3 1 
ATOM   939  C CZ2 . TRP A 1 117 ? -1.663  1.101   11.827  1.00 23.74  ? 117 TRP A CZ2 1 
ATOM   940  C CZ3 . TRP A 1 117 ? -0.292  2.626   10.489  1.00 26.63  ? 117 TRP A CZ3 1 
ATOM   941  C CH2 . TRP A 1 117 ? -1.089  2.316   11.621  1.00 25.40  ? 117 TRP A CH2 1 
ATOM   942  N N   . ASN A 1 118 ? 2.150   -2.793  9.737   1.00 26.72  ? 118 ASN A N   1 
ATOM   943  C CA  . ASN A 1 118 ? 2.556   -4.124  10.270  1.00 30.02  ? 118 ASN A CA  1 
ATOM   944  C C   . ASN A 1 118 ? 1.430   -5.160  10.440  1.00 31.44  ? 118 ASN A C   1 
ATOM   945  O O   . ASN A 1 118 ? 1.679   -6.362  10.255  1.00 33.95  ? 118 ASN A O   1 
ATOM   946  C CB  . ASN A 1 118 ? 3.337   -3.964  11.586  1.00 30.75  ? 118 ASN A CB  1 
ATOM   947  C CG  . ASN A 1 118 ? 2.432   -3.550  12.741  1.00 35.61  ? 118 ASN A CG  1 
ATOM   948  O OD1 . ASN A 1 118 ? 1.364   -2.897  12.552  1.00 35.51  ? 118 ASN A OD1 1 
ATOM   949  N ND2 . ASN A 1 118 ? 2.877   -3.858  13.948  1.00 38.11  ? 118 ASN A ND2 1 
ATOM   950  N N   . THR A 1 119 ? 0.193   -4.745  10.761  1.00 27.05  ? 119 THR A N   1 
ATOM   951  C CA  . THR A 1 119 ? -0.886  -5.783  10.938  1.00 26.61  ? 119 THR A CA  1 
ATOM   952  C C   . THR A 1 119 ? -1.585  -6.163  9.635   1.00 34.99  ? 119 THR A C   1 
ATOM   953  O O   . THR A 1 119 ? -2.362  -7.108  9.586   1.00 31.89  ? 119 THR A O   1 
ATOM   954  C CB  . THR A 1 119 ? -2.032  -5.307  11.848  1.00 29.81  ? 119 THR A CB  1 
ATOM   955  O OG1 . THR A 1 119 ? -2.436  -4.003  11.464  1.00 32.37  ? 119 THR A OG1 1 
ATOM   956  C CG2 . THR A 1 119 ? -1.541  -5.200  13.389  1.00 28.36  ? 119 THR A CG2 1 
ATOM   957  N N   . THR A 1 120 ? -1.339  -5.414  8.557   1.00 31.95  ? 120 THR A N   1 
ATOM   958  C CA  . THR A 1 120 ? -1.949  -5.775  7.281   1.00 29.67  ? 120 THR A CA  1 
ATOM   959  C C   . THR A 1 120 ? -1.495  -7.175  6.822   1.00 28.77  ? 120 THR A C   1 
ATOM   960  O O   . THR A 1 120 ? -0.302  -7.472  6.771   1.00 30.40  ? 120 THR A O   1 
ATOM   961  C CB  . THR A 1 120 ? -1.585  -4.704  6.187   1.00 30.89  ? 120 THR A CB  1 
ATOM   962  O OG1 . THR A 1 120 ? -2.093  -3.423  6.590   1.00 33.49  ? 120 THR A OG1 1 
ATOM   963  C CG2 . THR A 1 120 ? -2.162  -5.152  4.841   1.00 24.09  ? 120 THR A CG2 1 
ATOM   964  N N   . GLU A 1 121 ? -2.441  -7.981  6.346   1.00 31.38  ? 121 GLU A N   1 
ATOM   965  C CA  . GLU A 1 121 ? -2.214  -9.378  6.105   1.00 33.64  ? 121 GLU A CA  1 
ATOM   966  C C   . GLU A 1 121 ? -2.536  -9.703  4.653   1.00 28.50  ? 121 GLU A C   1 
ATOM   967  O O   . GLU A 1 121 ? -1.894  -10.560 4.039   1.00 36.04  ? 121 GLU A O   1 
ATOM   968  C CB  . GLU A 1 121 ? -3.196  -10.153 6.986   1.00 36.82  ? 121 GLU A CB  1 
ATOM   969  C CG  . GLU A 1 121 ? -3.064  -11.629 6.723   1.00 62.28  ? 121 GLU A CG  1 
ATOM   970  C CD  . GLU A 1 121 ? -2.933  -12.410 8.002   1.00 69.43  ? 121 GLU A CD  1 
ATOM   971  O OE1 . GLU A 1 121 ? -3.431  -11.919 9.019   1.00 60.68  ? 121 GLU A OE1 1 
ATOM   972  O OE2 . GLU A 1 121 ? -2.322  -13.489 7.987   1.00 78.67  ? 121 GLU A OE2 1 
ATOM   973  N N   . GLU A 1 122 ? -3.621  -9.125  4.165   1.00 26.75  ? 122 GLU A N   1 
ATOM   974  C CA  . GLU A 1 122 ? -4.162  -9.440  2.842   1.00 27.42  ? 122 GLU A CA  1 
ATOM   975  C C   . GLU A 1 122 ? -4.011  -8.199  1.976   1.00 25.69  ? 122 GLU A C   1 
ATOM   976  O O   . GLU A 1 122 ? -4.307  -7.052  2.413   1.00 25.61  ? 122 GLU A O   1 
ATOM   977  C CB  . GLU A 1 122 ? -5.639  -9.800  2.912   1.00 28.29  ? 122 GLU A CB  1 
ATOM   978  C CG  . GLU A 1 122 ? -5.919  -10.734 4.053   1.00 47.59  ? 122 GLU A CG  1 
ATOM   979  C CD  . GLU A 1 122 ? -6.310  -12.082 3.589   1.00 55.77  ? 122 GLU A CD  1 
ATOM   980  O OE1 . GLU A 1 122 ? -5.751  -12.601 2.595   1.00 68.82  ? 122 GLU A OE1 1 
ATOM   981  O OE2 . GLU A 1 122 ? -7.224  -12.597 4.227   1.00 73.50  ? 122 GLU A OE2 1 
ATOM   982  N N   . ILE A 1 123 ? -3.620  -8.429  0.745   1.00 27.61  ? 123 ILE A N   1 
ATOM   983  C CA  . ILE A 1 123 ? -3.609  -7.358  -0.255  1.00 26.28  ? 123 ILE A CA  1 
ATOM   984  C C   . ILE A 1 123 ? -4.310  -7.862  -1.539  1.00 28.14  ? 123 ILE A C   1 
ATOM   985  O O   . ILE A 1 123 ? -4.151  -9.007  -1.928  1.00 27.79  ? 123 ILE A O   1 
ATOM   986  C CB  . ILE A 1 123 ? -2.177  -6.919  -0.515  1.00 24.01  ? 123 ILE A CB  1 
ATOM   987  C CG1 . ILE A 1 123 ? -2.146  -5.774  -1.555  1.00 28.04  ? 123 ILE A CG1 1 
ATOM   988  C CG2 . ILE A 1 123 ? -1.373  -8.085  -1.062  1.00 26.36  ? 123 ILE A CG2 1 
ATOM   989  C CD1 . ILE A 1 123 ? -0.737  -5.227  -1.803  1.00 26.10  ? 123 ILE A CD1 1 
ATOM   990  N N   . GLY A 1 124 ? -5.078  -7.042  -2.210  1.00 27.10  ? 124 GLY A N   1 
ATOM   991  C CA  . GLY A 1 124 ? -5.320  -7.328  -3.621  1.00 31.12  ? 124 GLY A CA  1 
ATOM   992  C C   . GLY A 1 124 ? -5.568  -6.039  -4.404  1.00 34.31  ? 124 GLY A C   1 
ATOM   993  O O   . GLY A 1 124 ? -6.229  -5.137  -3.896  1.00 29.92  ? 124 GLY A O   1 
ATOM   994  N N   . CYS A 1 125 ? -5.052  -5.995  -5.639  1.00 28.43  ? 125 CYS A N   1 
ATOM   995  C CA  . CYS A 1 125 ? -4.911  -4.825  -6.436  1.00 29.62  ? 125 CYS A CA  1 
ATOM   996  C C   . CYS A 1 125 ? -5.511  -5.097  -7.813  1.00 36.26  ? 125 CYS A C   1 
ATOM   997  O O   . CYS A 1 125 ? -5.525  -6.258  -8.291  1.00 30.35  ? 125 CYS A O   1 
ATOM   998  C CB  . CYS A 1 125 ? -3.399  -4.479  -6.590  1.00 30.00  ? 125 CYS A CB  1 
ATOM   999  S SG  . CYS A 1 125 ? -2.657  -4.137  -4.938  1.00 35.07  ? 125 CYS A SG  1 
ATOM   1000 N N   . GLY A 1 126 ? -5.943  -4.013  -8.461  1.00 31.01  ? 126 GLY A N   1 
ATOM   1001 C CA  . GLY A 1 126 ? -6.731  -4.052  -9.669  1.00 29.76  ? 126 GLY A CA  1 
ATOM   1002 C C   . GLY A 1 126 ? -6.374  -2.737  -10.345 1.00 36.35  ? 126 GLY A C   1 
ATOM   1003 O O   . GLY A 1 126 ? -6.122  -1.680  -9.667  1.00 30.64  ? 126 GLY A O   1 
ATOM   1004 N N   . TYR A 1 127 ? -6.313  -2.766  -11.673 1.00 27.49  ? 127 TYR A N   1 
ATOM   1005 C CA  . TYR A 1 127 ? -6.010  -1.526  -12.388 1.00 32.11  ? 127 TYR A CA  1 
ATOM   1006 C C   . TYR A 1 127 ? -6.671  -1.473  -13.772 1.00 34.28  ? 127 TYR A C   1 
ATOM   1007 O O   . TYR A 1 127 ? -7.036  -2.503  -14.282 1.00 32.70  ? 127 TYR A O   1 
ATOM   1008 C CB  . TYR A 1 127 ? -4.543  -1.291  -12.477 1.00 23.81  ? 127 TYR A CB  1 
ATOM   1009 C CG  . TYR A 1 127 ? -3.796  -2.318  -13.237 1.00 33.15  ? 127 TYR A CG  1 
ATOM   1010 C CD1 . TYR A 1 127 ? -3.595  -2.204  -14.677 1.00 36.77  ? 127 TYR A CD1 1 
ATOM   1011 C CD2 . TYR A 1 127 ? -3.264  -3.443  -12.567 1.00 33.78  ? 127 TYR A CD2 1 
ATOM   1012 C CE1 . TYR A 1 127 ? -2.850  -3.200  -15.384 1.00 35.96  ? 127 TYR A CE1 1 
ATOM   1013 C CE2 . TYR A 1 127 ? -2.560  -4.431  -13.249 1.00 40.97  ? 127 TYR A CE2 1 
ATOM   1014 C CZ  . TYR A 1 127 ? -2.351  -4.336  -14.652 1.00 37.34  ? 127 TYR A CZ  1 
ATOM   1015 O OH  . TYR A 1 127 ? -1.605  -5.373  -15.191 1.00 37.64  ? 127 TYR A OH  1 
ATOM   1016 N N   . GLU A 1 128 ? -6.869  -0.295  -14.348 1.00 33.30  ? 128 GLU A N   1 
ATOM   1017 C CA  . GLU A 1 128 ? -7.554  -0.266  -15.617 1.00 31.12  ? 128 GLU A CA  1 
ATOM   1018 C C   . GLU A 1 128 ? -6.906  0.824   -16.372 1.00 32.01  ? 128 GLU A C   1 
ATOM   1019 O O   . GLU A 1 128 ? -6.509  1.858   -15.798 1.00 32.62  ? 128 GLU A O   1 
ATOM   1020 C CB  . GLU A 1 128 ? -9.071  -0.026  -15.419 1.00 36.27  ? 128 GLU A CB  1 
ATOM   1021 C CG  . GLU A 1 128 ? -9.876  0.274   -16.676 1.00 36.68  ? 128 GLU A CG  1 
ATOM   1022 C CD  . GLU A 1 128 ? -10.365 -1.024  -17.311 1.00 39.88  ? 128 GLU A CD  1 
ATOM   1023 O OE1 . GLU A 1 128 ? -9.678  -2.024  -17.115 1.00 43.92  ? 128 GLU A OE1 1 
ATOM   1024 O OE2 . GLU A 1 128 ? -11.423 -1.053  -17.994 1.00 52.83  ? 128 GLU A OE2 1 
ATOM   1025 N N   . LYS A 1 129 ? -6.822  0.638   -17.681 1.00 31.64  ? 129 LYS A N   1 
ATOM   1026 C CA  . LYS A 1 129 ? -6.176  1.681   -18.474 1.00 39.26  ? 129 LYS A CA  1 
ATOM   1027 C C   . LYS A 1 129 ? -7.253  2.697   -18.853 1.00 35.73  ? 129 LYS A C   1 
ATOM   1028 O O   . LYS A 1 129 ? -8.355  2.347   -19.311 1.00 39.55  ? 129 LYS A O   1 
ATOM   1029 C CB  . LYS A 1 129 ? -5.506  1.080   -19.712 1.00 48.02  ? 129 LYS A CB  1 
ATOM   1030 C CG  . LYS A 1 129 ? -4.772  2.122   -20.519 1.00 51.04  ? 129 LYS A CG  1 
ATOM   1031 C CD  . LYS A 1 129 ? -3.368  2.315   -20.041 1.00 45.68  ? 129 LYS A CD  1 
ATOM   1032 C CE  . LYS A 1 129 ? -2.593  3.153   -21.056 1.00 62.60  ? 129 LYS A CE  1 
ATOM   1033 N NZ  . LYS A 1 129 ? -2.819  2.643   -22.450 1.00 61.91  ? 129 LYS A NZ  1 
ATOM   1034 N N   . CYS A 1 130 ? -7.017  3.952   -18.590 1.00 38.04  ? 130 CYS A N   1 
ATOM   1035 C CA  . CYS A 1 130 ? -8.182  4.846   -18.670 1.00 38.73  ? 130 CYS A CA  1 
ATOM   1036 C C   . CYS A 1 130 ? -7.684  6.014   -19.526 1.00 40.51  ? 130 CYS A C   1 
ATOM   1037 O O   . CYS A 1 130 ? -7.425  7.075   -19.014 1.00 44.02  ? 130 CYS A O   1 
ATOM   1038 C CB  . CYS A 1 130 ? -8.579  5.416   -17.300 1.00 39.23  ? 130 CYS A CB  1 
ATOM   1039 S SG  . CYS A 1 130 ? -9.181  4.225   -16.122 1.00 35.49  ? 130 CYS A SG  1 
ATOM   1040 N N   . GLY A 1 131 ? -7.480  5.801   -20.812 1.00 43.04  ? 131 GLY A N   1 
ATOM   1041 C CA  . GLY A 1 131 ? -6.781  6.815   -21.589 1.00 37.08  ? 131 GLY A CA  1 
ATOM   1042 C C   . GLY A 1 131 ? -5.316  6.622   -21.440 1.00 39.87  ? 131 GLY A C   1 
ATOM   1043 O O   . GLY A 1 131 ? -4.833  5.483   -21.498 1.00 52.74  ? 131 GLY A O   1 
ATOM   1044 N N   . LYS A 1 132 ? -4.624  7.736   -21.279 1.00 37.61  ? 132 LYS A N   1 
ATOM   1045 C CA  . LYS A 1 132 ? -3.210  7.794   -21.247 1.00 41.44  ? 132 LYS A CA  1 
ATOM   1046 C C   . LYS A 1 132 ? -2.713  6.991   -20.004 1.00 54.33  ? 132 LYS A C   1 
ATOM   1047 O O   . LYS A 1 132 ? -1.764  6.210   -20.106 1.00 53.22  ? 132 LYS A O   1 
ATOM   1048 C CB  . LYS A 1 132 ? -2.826  9.268   -21.145 1.00 44.37  ? 132 LYS A CB  1 
ATOM   1049 C CG  . LYS A 1 132 ? -1.321  9.512   -21.102 1.00 56.16  ? 132 LYS A CG  1 
ATOM   1050 C CD  . LYS A 1 132 ? -0.984  11.007  -21.197 1.00 66.40  ? 132 LYS A CD  1 
ATOM   1051 C CE  . LYS A 1 132 ? -0.412  11.580  -19.893 1.00 72.32  ? 132 LYS A CE  1 
ATOM   1052 N NZ  . LYS A 1 132 ? 0.275   10.567  -19.005 1.00 67.31  ? 132 LYS A NZ  1 
ATOM   1053 N N   . ASN A 1 133 ? -3.396  7.157   -18.855 1.00 38.08  ? 133 ASN A N   1 
ATOM   1054 C CA  . ASN A 1 133 ? -2.989  6.569   -17.557 1.00 36.30  ? 133 ASN A CA  1 
ATOM   1055 C C   . ASN A 1 133 ? -3.786  5.339   -17.086 1.00 34.61  ? 133 ASN A C   1 
ATOM   1056 O O   . ASN A 1 133 ? -4.913  5.045   -17.591 1.00 37.98  ? 133 ASN A O   1 
ATOM   1057 C CB  . ASN A 1 133 ? -3.032  7.693   -16.525 1.00 44.64  ? 133 ASN A CB  1 
ATOM   1058 C CG  . ASN A 1 133 ? -1.923  8.718   -16.779 1.00 50.77  ? 133 ASN A CG  1 
ATOM   1059 O OD1 . ASN A 1 133 ? -1.053  8.507   -17.610 1.00 56.10  ? 133 ASN A OD1 1 
ATOM   1060 N ND2 . ASN A 1 133 ? -1.928  9.780   -16.037 1.00 52.42  ? 133 ASN A ND2 1 
ATOM   1061 N N   . TYR A 1 134 ? -3.206  4.653   -16.087 1.00 35.33  ? 134 TYR A N   1 
ATOM   1062 C CA  . TYR A 1 134 ? -3.895  3.611   -15.317 1.00 34.58  ? 134 TYR A CA  1 
ATOM   1063 C C   . TYR A 1 134 ? -4.525  4.366   -14.147 1.00 32.88  ? 134 TYR A C   1 
ATOM   1064 O O   . TYR A 1 134 ? -3.931  5.288   -13.627 1.00 33.05  ? 134 TYR A O   1 
ATOM   1065 C CB  . TYR A 1 134 ? -2.834  2.645   -14.790 1.00 39.40  ? 134 TYR A CB  1 
ATOM   1066 C CG  . TYR A 1 134 ? -2.305  1.700   -15.851 1.00 41.40  ? 134 TYR A CG  1 
ATOM   1067 C CD1 . TYR A 1 134 ? -3.122  0.684   -16.354 1.00 41.59  ? 134 TYR A CD1 1 
ATOM   1068 C CD2 . TYR A 1 134 ? -1.018  1.843   -16.365 1.00 34.13  ? 134 TYR A CD2 1 
ATOM   1069 C CE1 . TYR A 1 134 ? -2.647  -0.180  -17.317 1.00 39.89  ? 134 TYR A CE1 1 
ATOM   1070 C CE2 . TYR A 1 134 ? -0.527  0.956   -17.308 1.00 36.37  ? 134 TYR A CE2 1 
ATOM   1071 C CZ  . TYR A 1 134 ? -1.337  -0.007  -17.796 1.00 41.08  ? 134 TYR A CZ  1 
ATOM   1072 O OH  . TYR A 1 134 ? -0.888  -0.876  -18.747 1.00 49.19  ? 134 TYR A OH  1 
ATOM   1073 N N   . LEU A 1 135 ? -5.738  3.968   -13.779 1.00 31.20  ? 135 LEU A N   1 
ATOM   1074 C CA  . LEU A 1 135 ? -6.228  4.016   -12.416 1.00 30.72  ? 135 LEU A CA  1 
ATOM   1075 C C   . LEU A 1 135 ? -5.815  2.683   -11.727 1.00 31.53  ? 135 LEU A C   1 
ATOM   1076 O O   . LEU A 1 135 ? -6.242  1.621   -12.141 1.00 30.31  ? 135 LEU A O   1 
ATOM   1077 C CB  . LEU A 1 135 ? -7.733  4.177   -12.437 1.00 27.07  ? 135 LEU A CB  1 
ATOM   1078 C CG  . LEU A 1 135 ? -8.329  4.318   -11.000 1.00 30.30  ? 135 LEU A CG  1 
ATOM   1079 C CD1 . LEU A 1 135 ? -7.633  5.391   -10.159 1.00 29.15  ? 135 LEU A CD1 1 
ATOM   1080 C CD2 . LEU A 1 135 ? -9.743  4.751   -11.171 1.00 31.55  ? 135 LEU A CD2 1 
ATOM   1081 N N   . ILE A 1 136 ? -4.891  2.761   -10.768 1.00 31.95  ? 136 ILE A N   1 
ATOM   1082 C CA  . ILE A 1 136 ? -4.510  1.610   -9.923  1.00 28.89  ? 136 ILE A CA  1 
ATOM   1083 C C   . ILE A 1 136 ? -5.122  1.718   -8.490  1.00 35.11  ? 136 ILE A C   1 
ATOM   1084 O O   . ILE A 1 136 ? -5.037  2.804   -7.871  1.00 28.65  ? 136 ILE A O   1 
ATOM   1085 C CB  . ILE A 1 136 ? -3.014  1.592   -9.803  1.00 27.76  ? 136 ILE A CB  1 
ATOM   1086 C CG1 . ILE A 1 136 ? -2.411  1.588   -11.223 1.00 24.47  ? 136 ILE A CG1 1 
ATOM   1087 C CG2 . ILE A 1 136 ? -2.553  0.406   -8.934  1.00 25.76  ? 136 ILE A CG2 1 
ATOM   1088 C CD1 . ILE A 1 136 ? -1.006  2.143   -11.231 1.00 24.42  ? 136 ILE A CD1 1 
ATOM   1089 N N   . VAL A 1 137 ? -5.815  0.645   -8.051  1.00 26.18  ? 137 VAL A N   1 
ATOM   1090 C CA  . VAL A 1 137 ? -6.483  0.548   -6.750  1.00 24.68  ? 137 VAL A CA  1 
ATOM   1091 C C   . VAL A 1 137 ? -5.809  -0.636  -6.068  1.00 28.37  ? 137 VAL A C   1 
ATOM   1092 O O   . VAL A 1 137 ? -5.820  -1.706  -6.656  1.00 26.89  ? 137 VAL A O   1 
ATOM   1093 C CB  . VAL A 1 137 ? -7.967  0.259   -6.899  1.00 22.73  ? 137 VAL A CB  1 
ATOM   1094 C CG1 . VAL A 1 137 ? -8.695  0.146   -5.533  1.00 24.13  ? 137 VAL A CG1 1 
ATOM   1095 C CG2 . VAL A 1 137 ? -8.611  1.360   -7.779  1.00 23.33  ? 137 VAL A CG2 1 
ATOM   1096 N N   . CYS A 1 138 ? -5.178  -0.428  -4.891  1.00 25.90  ? 138 CYS A N   1 
ATOM   1097 C CA  . CYS A 1 138 ? -4.789  -1.553  -3.976  1.00 26.61  ? 138 CYS A CA  1 
ATOM   1098 C C   . CYS A 1 138 ? -5.635  -1.475  -2.755  1.00 25.40  ? 138 CYS A C   1 
ATOM   1099 O O   . CYS A 1 138 ? -5.790  -0.364  -2.195  1.00 25.49  ? 138 CYS A O   1 
ATOM   1100 C CB  . CYS A 1 138 ? -3.329  -1.488  -3.539  1.00 24.76  ? 138 CYS A CB  1 
ATOM   1101 S SG  . CYS A 1 138 ? -2.186  -2.042  -4.831  1.00 32.37  ? 138 CYS A SG  1 
ATOM   1102 N N   . ASN A 1 139 ? -6.223  -2.624  -2.417  1.00 25.31  ? 139 ASN A N   1 
ATOM   1103 C CA  . ASN A 1 139 ? -6.968  -2.830  -1.175  1.00 24.90  ? 139 ASN A CA  1 
ATOM   1104 C C   . ASN A 1 139 ? -6.141  -3.654  -0.243  1.00 27.38  ? 139 ASN A C   1 
ATOM   1105 O O   . ASN A 1 139 ? -5.401  -4.559  -0.675  1.00 25.29  ? 139 ASN A O   1 
ATOM   1106 C CB  . ASN A 1 139 ? -8.328  -3.485  -1.359  1.00 23.53  ? 139 ASN A CB  1 
ATOM   1107 C CG  . ASN A 1 139 ? -9.285  -2.589  -2.081  1.00 25.01  ? 139 ASN A CG  1 
ATOM   1108 O OD1 . ASN A 1 139 ? -9.264  -1.397  -1.852  1.00 24.69  ? 139 ASN A OD1 1 
ATOM   1109 N ND2 . ASN A 1 139 ? -10.123 -3.158  -3.010  1.00 22.14  ? 139 ASN A ND2 1 
ATOM   1110 N N   . TYR A 1 140 ? -6.239  -3.305  1.046   1.00 25.04  ? 140 TYR A N   1 
ATOM   1111 C CA  . TYR A 1 140 ? -5.427  -3.920  2.090   1.00 23.51  ? 140 TYR A CA  1 
ATOM   1112 C C   . TYR A 1 140 ? -6.409  -4.285  3.286   1.00 26.79  ? 140 TYR A C   1 
ATOM   1113 O O   . TYR A 1 140 ? -7.303  -3.536  3.591   1.00 22.96  ? 140 TYR A O   1 
ATOM   1114 C CB  . TYR A 1 140 ? -4.427  -2.931  2.630   1.00 23.01  ? 140 TYR A CB  1 
ATOM   1115 C CG  . TYR A 1 140 ? -3.508  -2.338  1.580   1.00 26.15  ? 140 TYR A CG  1 
ATOM   1116 C CD1 . TYR A 1 140 ? -3.902  -1.195  0.824   1.00 24.49  ? 140 TYR A CD1 1 
ATOM   1117 C CD2 . TYR A 1 140 ? -2.229  -2.934  1.306   1.00 27.69  ? 140 TYR A CD2 1 
ATOM   1118 C CE1 . TYR A 1 140 ? -3.055  -0.635  -0.147  1.00 20.58  ? 140 TYR A CE1 1 
ATOM   1119 C CE2 . TYR A 1 140 ? -1.363  -2.351  0.327   1.00 22.04  ? 140 TYR A CE2 1 
ATOM   1120 C CZ  . TYR A 1 140 ? -1.812  -1.244  -0.408  1.00 22.29  ? 140 TYR A CZ  1 
ATOM   1121 O OH  . TYR A 1 140 ? -1.006  -0.668  -1.361  1.00 25.50  ? 140 TYR A OH  1 
ATOM   1122 N N   . ALA A 1 141 ? -6.186  -5.430  3.937   1.00 26.72  ? 141 ALA A N   1 
ATOM   1123 C CA  . ALA A 1 141 ? -6.992  -5.895  5.103   1.00 30.35  ? 141 ALA A CA  1 
ATOM   1124 C C   . ALA A 1 141 ? -6.020  -6.424  6.170   1.00 27.72  ? 141 ALA A C   1 
ATOM   1125 O O   . ALA A 1 141 ? -5.222  -7.286  5.874   1.00 25.30  ? 141 ALA A O   1 
ATOM   1126 C CB  . ALA A 1 141 ? -7.912  -7.036  4.662   1.00 31.66  ? 141 ALA A CB  1 
ATOM   1127 N N   . PRO A 1 142 ? -6.107  -5.928  7.424   1.00 30.75  ? 142 PRO A N   1 
ATOM   1128 C CA  . PRO A 1 142 ? -6.985  -4.793  7.840   1.00 30.22  ? 142 PRO A CA  1 
ATOM   1129 C C   . PRO A 1 142 ? -6.373  -3.549  7.256   1.00 27.65  ? 142 PRO A C   1 
ATOM   1130 O O   . PRO A 1 142 ? -5.220  -3.585  6.792   1.00 29.46  ? 142 PRO A O   1 
ATOM   1131 C CB  . PRO A 1 142 ? -6.853  -4.731  9.410   1.00 31.67  ? 142 PRO A CB  1 
ATOM   1132 C CG  . PRO A 1 142 ? -5.937  -5.822  9.779   1.00 32.34  ? 142 PRO A CG  1 
ATOM   1133 C CD  . PRO A 1 142 ? -5.518  -6.667  8.554   1.00 32.70  ? 142 PRO A CD  1 
ATOM   1134 N N   . GLY A 1 143 ? -7.086  -2.439  7.281   1.00 28.38  ? 143 GLY A N   1 
ATOM   1135 C CA  . GLY A 1 143 ? -6.450  -1.181  6.849   1.00 30.11  ? 143 GLY A CA  1 
ATOM   1136 C C   . GLY A 1 143 ? -5.626  -0.560  7.973   1.00 30.01  ? 143 GLY A C   1 
ATOM   1137 O O   . GLY A 1 143 ? -5.482  -1.139  9.025   1.00 31.16  ? 143 GLY A O   1 
ATOM   1138 N N   . ASP A 1 144 ? -5.011  0.551   7.698   1.00 31.68  ? 144 ASP A N   1 
ATOM   1139 C CA  . ASP A 1 144 ? -4.192  1.198   8.659   1.00 31.47  ? 144 ASP A CA  1 
ATOM   1140 C C   . ASP A 1 144 ? -4.978  2.191   9.540   1.00 36.36  ? 144 ASP A C   1 
ATOM   1141 O O   . ASP A 1 144 ? -6.166  2.355   9.384   1.00 36.15  ? 144 ASP A O   1 
ATOM   1142 C CB  . ASP A 1 144 ? -2.975  1.814   7.954   1.00 25.35  ? 144 ASP A CB  1 
ATOM   1143 C CG  . ASP A 1 144 ? -3.273  2.937   7.059   1.00 32.23  ? 144 ASP A CG  1 
ATOM   1144 O OD1 . ASP A 1 144 ? -4.423  3.385   6.941   1.00 26.19  ? 144 ASP A OD1 1 
ATOM   1145 O OD2 . ASP A 1 144 ? -2.267  3.390   6.433   1.00 36.32  ? 144 ASP A OD2 1 
ATOM   1146 N N   . SER A 1 145 ? -4.293  2.882   10.444  1.00 34.93  ? 145 SER A N   1 
ATOM   1147 C CA  . SER A 1 145 ? -4.929  3.905   11.264  1.00 34.61  ? 145 SER A CA  1 
ATOM   1148 C C   . SER A 1 145 ? -4.010  5.086   11.198  1.00 38.12  ? 145 SER A C   1 
ATOM   1149 O O   . SER A 1 145 ? -3.047  5.123   10.403  1.00 35.96  ? 145 SER A O   1 
ATOM   1150 C CB  . SER A 1 145 ? -5.107  3.378   12.705  1.00 34.77  ? 145 SER A CB  1 
ATOM   1151 O OG  . SER A 1 145 ? -3.868  3.271   13.345  1.00 41.05  ? 145 SER A OG  1 
ATOM   1152 N N   . GLU A 1 146 ? -4.252  6.062   12.037  1.00 36.63  ? 146 GLU A N   1 
ATOM   1153 C CA  . GLU A 1 146 ? -3.390  7.216   12.127  1.00 34.53  ? 146 GLU A CA  1 
ATOM   1154 C C   . GLU A 1 146 ? -2.115  6.957   12.951  1.00 23.85  ? 146 GLU A C   1 
ATOM   1155 O O   . GLU A 1 146 ? -1.266  7.759   12.913  1.00 29.55  ? 146 GLU A O   1 
ATOM   1156 C CB  . GLU A 1 146 ? -4.116  8.393   12.818  1.00 45.90  ? 146 GLU A CB  1 
ATOM   1157 C CG  . GLU A 1 146 ? -4.518  8.135   14.257  1.00 68.87  ? 146 GLU A CG  1 
ATOM   1158 C CD  . GLU A 1 146 ? -5.339  9.300   14.829  1.00 86.63  ? 146 GLU A CD  1 
ATOM   1159 O OE1 . GLU A 1 146 ? -5.321  10.440  14.266  1.00 84.92  ? 146 GLU A OE1 1 
ATOM   1160 O OE2 . GLU A 1 146 ? -6.035  9.061   15.838  1.00 88.58  ? 146 GLU A OE2 1 
ATOM   1161 N N   . ASP A 1 147 ? -2.006  5.895   13.678  1.00 27.09  ? 147 ASP A N   1 
ATOM   1162 C CA  . ASP A 1 147 ? -0.709  5.506   14.374  1.00 30.17  ? 147 ASP A CA  1 
ATOM   1163 C C   . ASP A 1 147 ? 0.483   5.273   13.489  1.00 35.48  ? 147 ASP A C   1 
ATOM   1164 O O   . ASP A 1 147 ? 0.403   5.429   12.210  1.00 28.52  ? 147 ASP A O   1 
ATOM   1165 C CB  . ASP A 1 147 ? -0.916  4.212   15.138  1.00 31.95  ? 147 ASP A CB  1 
ATOM   1166 C CG  . ASP A 1 147 ? -2.049  4.362   16.174  1.00 46.63  ? 147 ASP A CG  1 
ATOM   1167 O OD1 . ASP A 1 147 ? -2.241  5.502   16.571  1.00 45.06  ? 147 ASP A OD1 1 
ATOM   1168 O OD2 . ASP A 1 147 ? -2.778  3.423   16.523  1.00 50.46  ? 147 ASP A OD2 1 
ATOM   1169 N N   . ARG A 1 148 ? 1.575   4.894   14.177  1.00 31.93  ? 148 ARG A N   1 
ATOM   1170 C CA  . ARG A 1 148 ? 2.829   4.527   13.510  1.00 32.69  ? 148 ARG A CA  1 
ATOM   1171 C C   . ARG A 1 148 ? 2.601   3.161   12.853  1.00 26.66  ? 148 ARG A C   1 
ATOM   1172 O O   . ARG A 1 148 ? 1.835   2.293   13.361  1.00 26.93  ? 148 ARG A O   1 
ATOM   1173 C CB  . ARG A 1 148 ? 4.000   4.535   14.524  1.00 31.90  ? 148 ARG A CB  1 
ATOM   1174 C CG  . ARG A 1 148 ? 4.375   5.954   15.006  1.00 29.51  ? 148 ARG A CG  1 
ATOM   1175 C CD  . ARG A 1 148 ? 5.287   5.830   16.245  1.00 29.24  ? 148 ARG A CD  1 
ATOM   1176 N NE  . ARG A 1 148 ? 5.681   7.170   16.709  1.00 31.96  ? 148 ARG A NE  1 
ATOM   1177 C CZ  . ARG A 1 148 ? 4.905   7.837   17.580  1.00 33.76  ? 148 ARG A CZ  1 
ATOM   1178 N NH1 . ARG A 1 148 ? 3.823   7.264   18.063  1.00 33.33  ? 148 ARG A NH1 1 
ATOM   1179 N NH2 . ARG A 1 148 ? 5.203   9.016   17.967  1.00 34.61  ? 148 ARG A NH2 1 
ATOM   1180 N N   . PRO A 1 149 ? 3.281   2.910   11.737  1.00 27.50  ? 149 PRO A N   1 
ATOM   1181 C CA  . PRO A 1 149 ? 2.994   1.637   11.011  1.00 24.64  ? 149 PRO A CA  1 
ATOM   1182 C C   . PRO A 1 149 ? 3.455   0.337   11.633  1.00 26.17  ? 149 PRO A C   1 
ATOM   1183 O O   . PRO A 1 149 ? 2.932   -0.740  11.272  1.00 29.10  ? 149 PRO A O   1 
ATOM   1184 C CB  . PRO A 1 149 ? 3.679   1.849   9.661   1.00 25.08  ? 149 PRO A CB  1 
ATOM   1185 C CG  . PRO A 1 149 ? 4.766   2.895   9.928   1.00 31.24  ? 149 PRO A CG  1 
ATOM   1186 C CD  . PRO A 1 149 ? 4.200   3.803   10.996  1.00 27.23  ? 149 PRO A CD  1 
ATOM   1187 N N   . TYR A 1 150 ? 4.443   0.406   12.530  1.00 26.21  ? 150 TYR A N   1 
ATOM   1188 C CA  . TYR A 1 150 ? 5.110   -0.764  13.096  1.00 28.97  ? 150 TYR A CA  1 
ATOM   1189 C C   . TYR A 1 150 ? 5.940   -0.432  14.384  1.00 29.78  ? 150 TYR A C   1 
ATOM   1190 O O   . TYR A 1 150 ? 6.194   0.732   14.709  1.00 29.41  ? 150 TYR A O   1 
ATOM   1191 C CB  . TYR A 1 150 ? 6.017   -1.454  12.048  1.00 25.81  ? 150 TYR A CB  1 
ATOM   1192 C CG  . TYR A 1 150 ? 7.078   -0.522  11.414  1.00 23.50  ? 150 TYR A CG  1 
ATOM   1193 C CD1 . TYR A 1 150 ? 8.250   -0.196  12.089  1.00 23.30  ? 150 TYR A CD1 1 
ATOM   1194 C CD2 . TYR A 1 150 ? 6.877   -0.007  10.125  1.00 22.47  ? 150 TYR A CD2 1 
ATOM   1195 C CE1 . TYR A 1 150 ? 9.203   0.684   11.509  1.00 25.52  ? 150 TYR A CE1 1 
ATOM   1196 C CE2 . TYR A 1 150 ? 7.816   0.829   9.524   1.00 24.90  ? 150 TYR A CE2 1 
ATOM   1197 C CZ  . TYR A 1 150 ? 8.995   1.165   10.224  1.00 25.63  ? 150 TYR A CZ  1 
ATOM   1198 O OH  . TYR A 1 150 ? 9.873   2.071   9.638   1.00 23.67  ? 150 TYR A OH  1 
ATOM   1199 N N   . GLU A 1 151 ? 6.458   -1.459  15.035  1.00 33.13  ? 151 GLU A N   1 
ATOM   1200 C CA  . GLU A 1 151 ? 7.385   -1.220  16.166  1.00 33.49  ? 151 GLU A CA  1 
ATOM   1201 C C   . GLU A 1 151 ? 8.803   -1.168  15.619  1.00 33.87  ? 151 GLU A C   1 
ATOM   1202 O O   . GLU A 1 151 ? 9.183   -2.065  14.857  1.00 27.40  ? 151 GLU A O   1 
ATOM   1203 C CB  . GLU A 1 151 ? 7.400   -2.416  17.022  1.00 34.72  ? 151 GLU A CB  1 
ATOM   1204 C CG  . GLU A 1 151 ? 6.252   -2.619  17.961  1.00 54.35  ? 151 GLU A CG  1 
ATOM   1205 C CD  . GLU A 1 151 ? 6.577   -3.847  18.823  1.00 64.71  ? 151 GLU A CD  1 
ATOM   1206 O OE1 . GLU A 1 151 ? 7.776   -4.213  18.932  1.00 61.45  ? 151 GLU A OE1 1 
ATOM   1207 O OE2 . GLU A 1 151 ? 5.642   -4.463  19.359  1.00 71.30  ? 151 GLU A OE2 1 
ATOM   1208 N N   . ALA A 1 152 ? 9.580   -0.178  16.036  1.00 27.41  ? 152 ALA A N   1 
ATOM   1209 C CA  . ALA A 1 152 ? 10.993  -0.089  15.623  1.00 32.84  ? 152 ALA A CA  1 
ATOM   1210 C C   . ALA A 1 152 ? 11.876  -1.186  16.298  1.00 36.59  ? 152 ALA A C   1 
ATOM   1211 O O   . ALA A 1 152 ? 11.499  -1.761  17.317  1.00 31.64  ? 152 ALA A O   1 
ATOM   1212 C CB  . ALA A 1 152 ? 11.525  1.293   15.978  1.00 30.06  ? 152 ALA A CB  1 
ATOM   1213 N N   . LYS A 1 153 ? 13.029  -1.472  15.725  1.00 34.10  ? 153 LYS A N   1 
ATOM   1214 C CA  . LYS A 1 153 ? 14.036  -2.327  16.372  1.00 33.24  ? 153 LYS A CA  1 
ATOM   1215 C C   . LYS A 1 153 ? 15.345  -1.597  16.082  1.00 33.99  ? 153 LYS A C   1 
ATOM   1216 O O   . LYS A 1 153 ? 15.361  -0.595  15.316  1.00 31.21  ? 153 LYS A O   1 
ATOM   1217 C CB  . LYS A 1 153 ? 14.053  -3.767  15.826  1.00 32.62  ? 153 LYS A CB  1 
ATOM   1218 C CG  . LYS A 1 153 ? 14.713  -3.802  14.417  1.00 39.92  ? 153 LYS A CG  1 
ATOM   1219 C CD  . LYS A 1 153 ? 14.841  -5.225  13.844  1.00 40.01  ? 153 LYS A CD  1 
ATOM   1220 C CE  . LYS A 1 153 ? 15.390  -5.129  12.413  1.00 46.79  ? 153 LYS A CE  1 
ATOM   1221 N NZ  . LYS A 1 153 ? 15.277  -6.469  11.761  1.00 53.09  ? 153 LYS A NZ  1 
ATOM   1222 N N   . PRO A 1 154 ? 16.409  -1.984  16.822  1.00 35.93  ? 154 PRO A N   1 
ATOM   1223 C CA  . PRO A 1 154 ? 17.666  -1.264  16.760  1.00 34.80  ? 154 PRO A CA  1 
ATOM   1224 C C   . PRO A 1 154 ? 18.295  -1.489  15.382  1.00 32.74  ? 154 PRO A C   1 
ATOM   1225 O O   . PRO A 1 154 ? 18.232  -2.607  14.830  1.00 35.18  ? 154 PRO A O   1 
ATOM   1226 C CB  . PRO A 1 154 ? 18.522  -1.905  17.879  1.00 36.16  ? 154 PRO A CB  1 
ATOM   1227 C CG  . PRO A 1 154 ? 17.548  -2.608  18.787  1.00 43.50  ? 154 PRO A CG  1 
ATOM   1228 C CD  . PRO A 1 154 ? 16.287  -2.913  17.973  1.00 33.88  ? 154 PRO A CD  1 
ATOM   1229 N N   . GLU A 1 155 ? 18.808  -0.439  14.781  1.00 32.42  ? 155 GLU A N   1 
ATOM   1230 C CA  . GLU A 1 155 ? 19.509  -0.601  13.501  1.00 45.27  ? 155 GLU A CA  1 
ATOM   1231 C C   . GLU A 1 155 ? 20.634  -1.712  13.494  1.00 50.63  ? 155 GLU A C   1 
ATOM   1232 O O   . GLU A 1 155 ? 20.800  -2.387  12.489  1.00 48.91  ? 155 GLU A O   1 
ATOM   1233 C CB  . GLU A 1 155 ? 19.941  0.744   12.931  1.00 47.44  ? 155 GLU A CB  1 
ATOM   1234 C CG  . GLU A 1 155 ? 21.275  1.213   13.492  1.00 63.99  ? 155 GLU A CG  1 
ATOM   1235 C CD  . GLU A 1 155 ? 21.577  2.687   13.210  1.00 72.82  ? 155 GLU A CD  1 
ATOM   1236 O OE1 . GLU A 1 155 ? 22.657  3.163   13.667  1.00 68.88  ? 155 GLU A OE1 1 
ATOM   1237 O OE2 . GLU A 1 155 ? 20.746  3.373   12.537  1.00 63.15  ? 155 GLU A OE2 1 
ATOM   1238 N N   . SER A 1 156 ? 21.278  -2.031  14.622  1.00 49.23  ? 156 SER A N   1 
ATOM   1239 C CA  . SER A 1 156 ? 22.236  -3.172  14.631  1.00 54.91  ? 156 SER A CA  1 
ATOM   1240 C C   . SER A 1 156 ? 21.603  -4.509  14.253  1.00 62.24  ? 156 SER A C   1 
ATOM   1241 O O   . SER A 1 156 ? 22.246  -5.379  13.683  1.00 59.85  ? 156 SER A O   1 
ATOM   1242 C CB  . SER A 1 156 ? 22.843  -3.353  15.987  1.00 58.58  ? 156 SER A CB  1 
ATOM   1243 O OG  . SER A 1 156 ? 21.975  -4.158  16.770  1.00 66.42  ? 156 SER A OG  1 
ATOM   1244 N N   . LYS A 1 157 ? 20.339  -4.702  14.562  1.00 49.59  ? 157 LYS A N   1 
ATOM   1245 C CA  . LYS A 1 157 ? 19.761  -5.936  14.122  1.00 51.99  ? 157 LYS A CA  1 
ATOM   1246 C C   . LYS A 1 157 ? 19.710  -6.000  12.589  1.00 56.80  ? 157 LYS A C   1 
ATOM   1247 O O   . LYS A 1 157 ? 19.271  -6.987  12.015  1.00 64.84  ? 157 LYS A O   1 
ATOM   1248 C CB  . LYS A 1 157 ? 18.409  -6.138  14.799  1.00 51.95  ? 157 LYS A CB  1 
ATOM   1249 C CG  . LYS A 1 157 ? 18.528  -5.845  16.307  1.00 52.99  ? 157 LYS A CG  1 
ATOM   1250 C CD  . LYS A 1 157 ? 18.154  -7.062  17.146  1.00 64.90  ? 157 LYS A CD  1 
ATOM   1251 C CE  . LYS A 1 157 ? 18.463  -6.827  18.623  1.00 65.68  ? 157 LYS A CE  1 
ATOM   1252 N NZ  . LYS A 1 157 ? 19.775  -7.393  19.070  1.00 60.81  ? 157 LYS A NZ  1 
ATOM   1253 N N   . CYS A 1 158 ? 20.174  -4.952  11.918  1.00 61.05  ? 158 CYS A N   1 
ATOM   1254 C CA  . CYS A 1 158 ? 20.354  -5.025  10.472  1.00 61.35  ? 158 CYS A CA  1 
ATOM   1255 C C   . CYS A 1 158 ? 21.841  -5.372  10.235  1.00 58.66  ? 158 CYS A C   1 
ATOM   1256 O O   . CYS A 1 158 ? 22.168  -5.952  9.214   1.00 56.00  ? 158 CYS A O   1 
ATOM   1257 C CB  . CYS A 1 158 ? 19.945  -3.701  9.766   1.00 54.61  ? 158 CYS A CB  1 
ATOM   1258 S SG  . CYS A 1 158 ? 18.258  -2.951  10.041  1.00 44.00  ? 158 CYS A SG  1 
HETATM 1259 C C1  . NAG B 2 .   ? 2.269   -3.761  15.171  1.00 41.26  ? 201 NAG A C1  1 
HETATM 1260 C C2  . NAG B 2 .   ? 2.433   -4.924  16.165  1.00 44.28  ? 201 NAG A C2  1 
HETATM 1261 C C3  . NAG B 2 .   ? 1.908   -4.608  17.531  1.00 52.49  ? 201 NAG A C3  1 
HETATM 1262 C C4  . NAG B 2 .   ? 2.507   -3.303  17.973  1.00 50.72  ? 201 NAG A C4  1 
HETATM 1263 C C5  . NAG B 2 .   ? 2.084   -2.224  17.002  1.00 58.20  ? 201 NAG A C5  1 
HETATM 1264 C C6  . NAG B 2 .   ? 2.536   -0.893  17.539  1.00 52.95  ? 201 NAG A C6  1 
HETATM 1265 C C7  . NAG B 2 .   ? 2.321   -6.923  14.895  1.00 51.50  ? 201 NAG A C7  1 
HETATM 1266 C C8  . NAG B 2 .   ? 1.496   -8.055  14.419  1.00 49.45  ? 201 NAG A C8  1 
HETATM 1267 N N2  . NAG B 2 .   ? 1.763   -6.116  15.750  1.00 43.88  ? 201 NAG A N2  1 
HETATM 1268 O O3  . NAG B 2 .   ? 2.255   -5.664  18.416  1.00 54.55  ? 201 NAG A O3  1 
HETATM 1269 O O4  . NAG B 2 .   ? 2.045   -3.000  19.254  1.00 71.30  ? 201 NAG A O4  1 
HETATM 1270 O O5  . NAG B 2 .   ? 2.626   -2.513  15.727  1.00 50.49  ? 201 NAG A O5  1 
HETATM 1271 O O6  . NAG B 2 .   ? 2.276   0.149   16.630  1.00 55.42  ? 201 NAG A O6  1 
HETATM 1272 O O7  . NAG B 2 .   ? 3.428   -6.777  14.477  1.00 56.77  ? 201 NAG A O7  1 
HETATM 1273 O O   . HOH C 3 .   ? 21.661  -0.736  16.634  1.00 54.50  ? 301 HOH A O   1 
HETATM 1274 O O   . HOH C 3 .   ? -16.811 5.614   -15.387 1.00 33.09  ? 302 HOH A O   1 
HETATM 1275 O O   . HOH C 3 .   ? 5.698   2.062   16.928  1.00 39.98  ? 303 HOH A O   1 
HETATM 1276 O O   . HOH C 3 .   ? -17.252 -6.314  5.101   1.00 32.54  ? 304 HOH A O   1 
HETATM 1277 O O   . HOH C 3 .   ? -1.724  9.228   -8.457  1.00 35.65  ? 305 HOH A O   1 
HETATM 1278 O O   . HOH C 3 .   ? 15.399  2.050   15.672  1.00 38.39  ? 306 HOH A O   1 
HETATM 1279 O O   . HOH C 3 .   ? -15.053 -4.382  4.242   1.00 43.42  ? 307 HOH A O   1 
HETATM 1280 O O   . HOH C 3 .   ? -4.786  -7.278  -14.041 1.00 39.99  ? 308 HOH A O   1 
HETATM 1281 O O   . HOH C 3 .   ? 11.249  8.381   10.528  1.00 36.36  ? 309 HOH A O   1 
HETATM 1282 O O   . HOH C 3 .   ? -17.565 -8.650  -1.295  1.00 52.57  ? 310 HOH A O   1 
HETATM 1283 O O   . HOH C 3 .   ? -22.549 -1.835  -0.699  1.00 42.53  ? 311 HOH A O   1 
HETATM 1284 O O   . HOH C 3 .   ? 24.513  1.457   15.022  1.00 39.84  ? 312 HOH A O   1 
HETATM 1285 O O   . HOH C 3 .   ? 8.624   15.946  11.888  1.00 53.04  ? 313 HOH A O   1 
HETATM 1286 O O   . HOH C 3 .   ? 3.274   -0.180  -16.292 1.00 42.58  ? 314 HOH A O   1 
HETATM 1287 O O   . HOH C 3 .   ? -6.185  -5.680  -12.791 1.00 33.56  ? 315 HOH A O   1 
HETATM 1288 O O   . HOH C 3 .   ? 2.603   -1.258  21.815  1.00 59.44  ? 316 HOH A O   1 
HETATM 1289 O O   . HOH C 3 .   ? 10.296  -1.292  20.265  1.00 60.73  ? 317 HOH A O   1 
HETATM 1290 O O   . HOH C 3 .   ? -18.522 4.622   -13.762 1.00 42.88  ? 318 HOH A O   1 
HETATM 1291 O O   . HOH C 3 .   ? -4.109  6.829   -2.424  1.00 28.55  ? 319 HOH A O   1 
HETATM 1292 O O   . HOH C 3 .   ? -8.081  -15.301 -2.258  1.00 40.17  ? 320 HOH A O   1 
HETATM 1293 O O   . HOH C 3 .   ? -6.774  -11.971 -7.871  1.00 36.87  ? 321 HOH A O   1 
HETATM 1294 O O   . HOH C 3 .   ? -9.162  5.364   -1.100  1.00 33.73  ? 322 HOH A O   1 
HETATM 1295 O O   . HOH C 3 .   ? 8.586   -9.748  10.474  1.00 42.65  ? 323 HOH A O   1 
HETATM 1296 O O   . HOH C 3 .   ? -12.558 -1.473  -3.783  1.00 31.96  ? 324 HOH A O   1 
HETATM 1297 O O   . HOH C 3 .   ? 6.321   10.379  -3.623  1.00 44.89  ? 325 HOH A O   1 
HETATM 1298 O O   . HOH C 3 .   ? -13.199 4.491   -9.763  1.00 40.55  ? 326 HOH A O   1 
HETATM 1299 O O   . HOH C 3 .   ? 5.763   -4.316  14.154  1.00 31.51  ? 327 HOH A O   1 
HETATM 1300 O O   . HOH C 3 .   ? -15.377 -1.779  -5.872  1.00 46.04  ? 328 HOH A O   1 
HETATM 1301 O O   . HOH C 3 .   ? -16.459 -1.531  -12.662 1.00 42.28  ? 329 HOH A O   1 
HETATM 1302 O O   . HOH C 3 .   ? 9.601   -8.987  -3.888  1.00 41.76  ? 330 HOH A O   1 
HETATM 1303 O O   . HOH C 3 .   ? 0.991   -0.141  13.803  1.00 37.75  ? 331 HOH A O   1 
HETATM 1304 O O   . HOH C 3 .   ? 6.095   -5.737  16.336  1.00 45.21  ? 332 HOH A O   1 
HETATM 1305 O O   . HOH C 3 .   ? 7.665   -5.057  -8.800  1.00 42.25  ? 333 HOH A O   1 
HETATM 1306 O O   . HOH C 3 .   ? -12.054 -8.530  9.484   1.00 46.61  ? 334 HOH A O   1 
HETATM 1307 O O   . HOH C 3 .   ? -6.670  6.578   -1.054  1.00 44.00  ? 335 HOH A O   1 
HETATM 1308 O O   . HOH C 3 .   ? 8.504   12.122  -1.873  1.00 50.91  ? 336 HOH A O   1 
HETATM 1309 O O   . HOH C 3 .   ? 1.302   14.740  10.346  1.00 55.74  ? 337 HOH A O   1 
HETATM 1310 O O   . HOH C 3 .   ? 10.785  -9.394  -1.460  1.00 48.39  ? 338 HOH A O   1 
HETATM 1311 O O   . HOH C 3 .   ? 9.575   -5.055  -7.049  1.00 48.46  ? 339 HOH A O   1 
HETATM 1312 O O   . HOH C 3 .   ? 11.041  -7.382  -6.555  1.00 48.69  ? 340 HOH A O   1 
HETATM 1313 O O   . HOH C 3 .   ? -10.125 -6.719  8.237   1.00 40.98  ? 341 HOH A O   1 
HETATM 1314 O O   . HOH C 3 .   ? 17.339  -7.095  9.863   1.00 43.90  ? 342 HOH A O   1 
HETATM 1315 O O   . HOH C 3 .   ? -10.520 -14.475 -1.706  1.00 46.93  ? 343 HOH A O   1 
HETATM 1316 O O   . HOH C 3 .   ? -0.244  8.157   -6.479  1.00 56.61  ? 344 HOH A O   1 
HETATM 1317 O O   . HOH C 3 .   ? 13.046  -7.221  11.295  1.00 41.10  ? 345 HOH A O   1 
HETATM 1318 O O   . HOH C 3 .   ? -8.657  -8.851  8.165   1.00 48.15  ? 346 HOH A O   1 
HETATM 1319 O O   . HOH C 3 .   ? 7.347   10.722  -6.050  1.00 55.54  ? 347 HOH A O   1 
HETATM 1320 O O   . HOH C 3 .   ? -3.757  4.637   2.224   1.00 36.21  ? 348 HOH A O   1 
HETATM 1321 O O   . HOH C 3 .   ? 12.956  9.081   5.638   1.00 44.36  ? 349 HOH A O   1 
HETATM 1322 O O   . HOH C 3 .   ? -11.252 5.337   -7.096  1.00 47.55  ? 350 HOH A O   1 
HETATM 1323 O O   . HOH C 3 .   ? -2.448  8.450   -4.230  1.00 43.87  ? 351 HOH A O   1 
HETATM 1324 O O   . HOH C 3 .   ? 11.176  -9.618  11.764  1.00 46.93  ? 352 HOH A O   1 
HETATM 1325 O O   . HOH C 3 .   ? -3.562  -1.439  13.371  1.00 48.32  ? 353 HOH A O   1 
HETATM 1326 O O   . HOH C 3 .   ? -0.238  -14.918 -1.686  1.00 52.92  ? 354 HOH A O   1 
HETATM 1327 O O   . HOH C 3 .   ? 8.162   -9.158  2.337   1.00 34.28  ? 355 HOH A O   1 
HETATM 1328 O O   . HOH C 3 .   ? -17.517 -3.243  -7.320  1.00 55.66  ? 356 HOH A O   1 
HETATM 1329 O O   . HOH C 3 .   ? 14.546  0.756   6.975   1.00 40.52  ? 357 HOH A O   1 
HETATM 1330 O O   . HOH C 3 .   ? 5.191   -13.174 -5.971  1.00 46.47  ? 358 HOH A O   1 
HETATM 1331 O O   . HOH C 3 .   ? 14.361  4.885   -2.179  1.00 53.98  ? 359 HOH A O   1 
HETATM 1332 O O   . HOH C 3 .   ? -7.999  5.053   1.378   1.00 46.38  ? 360 HOH A O   1 
HETATM 1333 O O   . HOH C 3 .   ? 1.406   18.168  6.095   1.00 61.65  ? 361 HOH A O   1 
HETATM 1334 O O   . HOH C 3 .   ? -7.439  2.034   6.707   1.00 31.85  ? 362 HOH A O   1 
HETATM 1335 O O   . HOH C 3 .   ? -5.287  2.967   3.735   1.00 28.68  ? 363 HOH A O   1 
HETATM 1336 O O   . HOH C 3 .   ? -6.846  5.508   7.567   1.00 55.42  ? 364 HOH A O   1 
HETATM 1337 O O   . HOH C 3 .   ? 5.326   -9.140  3.122   1.00 18.21  ? 365 HOH A O   1 
HETATM 1338 O O   . HOH C 3 .   ? 8.660   4.248   8.578   1.00 31.52  ? 366 HOH A O   1 
# 
